data_2CRZ
#
_entry.id   2CRZ
#
_entity_poly.entity_id   1
_entity_poly.type   'polypeptide(L)'
_entity_poly.pdbx_seq_one_letter_code
;GSSGSSGPPGPCLPPRLQGRPKAKEIQLRWGPPLVDGGSPISCYSVEMSPIEKDEPREVYQGSEVECTVSSLLPGKTYSF
RLRAANKMGFGPFSEKCDITTAPGSGPSSG
;
_entity_poly.pdbx_strand_id   A
#
# COMPACT_ATOMS: atom_id res chain seq x y z
N GLY A 1 -13.45 -16.86 -25.85
CA GLY A 1 -12.47 -17.86 -26.26
C GLY A 1 -11.23 -17.87 -25.39
N SER A 2 -11.14 -18.86 -24.51
CA SER A 2 -9.99 -18.96 -23.61
C SER A 2 -8.69 -18.89 -24.38
N SER A 3 -7.67 -18.30 -23.75
CA SER A 3 -6.36 -18.17 -24.38
C SER A 3 -5.35 -19.14 -23.77
N GLY A 4 -5.33 -19.19 -22.44
CA GLY A 4 -4.41 -20.08 -21.75
C GLY A 4 -4.93 -20.51 -20.40
N SER A 5 -4.66 -19.70 -19.38
CA SER A 5 -5.10 -20.01 -18.02
C SER A 5 -5.04 -18.77 -17.14
N SER A 6 -5.87 -18.75 -16.09
CA SER A 6 -5.91 -17.62 -15.18
C SER A 6 -4.66 -17.59 -14.30
N GLY A 7 -4.48 -16.50 -13.56
CA GLY A 7 -3.32 -16.36 -12.70
C GLY A 7 -3.41 -15.16 -11.78
N PRO A 8 -2.29 -14.80 -11.15
CA PRO A 8 -2.22 -13.66 -10.23
C PRO A 8 -2.35 -12.33 -10.96
N PRO A 9 -2.79 -11.29 -10.24
CA PRO A 9 -2.97 -9.95 -10.79
C PRO A 9 -1.64 -9.27 -11.11
N GLY A 10 -1.61 -8.48 -12.16
CA GLY A 10 -0.40 -7.79 -12.55
C GLY A 10 0.04 -6.77 -11.52
N PRO A 11 1.02 -5.93 -11.88
CA PRO A 11 1.56 -4.90 -10.99
C PRO A 11 0.56 -3.78 -10.75
N CYS A 12 0.03 -3.72 -9.53
CA CYS A 12 -0.94 -2.70 -9.16
C CYS A 12 -0.28 -1.33 -9.10
N LEU A 13 -1.08 -0.30 -8.82
CA LEU A 13 -0.56 1.06 -8.73
C LEU A 13 -0.27 1.44 -7.29
N PRO A 14 0.60 2.44 -7.09
CA PRO A 14 0.99 2.92 -5.77
C PRO A 14 -0.16 3.64 -5.06
N PRO A 15 -0.25 3.45 -3.74
CA PRO A 15 -1.30 4.08 -2.93
C PRO A 15 -1.08 5.59 -2.78
N ARG A 16 -2.17 6.34 -2.88
CA ARG A 16 -2.10 7.79 -2.76
C ARG A 16 -2.39 8.24 -1.33
N LEU A 17 -1.42 8.92 -0.73
CA LEU A 17 -1.56 9.41 0.64
C LEU A 17 -2.89 10.15 0.83
N GLN A 18 -3.75 9.60 1.68
CA GLN A 18 -5.05 10.21 1.95
C GLN A 18 -4.89 11.47 2.79
N GLY A 19 -5.77 12.44 2.57
CA GLY A 19 -5.72 13.68 3.31
C GLY A 19 -4.30 14.09 3.65
N ARG A 20 -3.99 14.14 4.94
CA ARG A 20 -2.66 14.53 5.39
C ARG A 20 -2.07 13.48 6.33
N PRO A 21 -0.75 13.25 6.21
CA PRO A 21 -0.05 12.27 7.04
C PRO A 21 0.05 12.71 8.50
N LYS A 22 0.49 11.79 9.37
CA LYS A 22 0.63 12.08 10.79
C LYS A 22 2.08 11.88 11.24
N ALA A 23 2.31 12.07 12.53
CA ALA A 23 3.64 11.91 13.09
C ALA A 23 4.09 10.45 13.03
N LYS A 24 3.28 9.56 13.59
CA LYS A 24 3.60 8.13 13.60
C LYS A 24 2.54 7.34 12.86
N GLU A 25 1.70 8.04 12.09
CA GLU A 25 0.63 7.40 11.33
C GLU A 25 0.48 8.05 9.96
N ILE A 26 -0.16 7.33 9.04
CA ILE A 26 -0.37 7.84 7.68
C ILE A 26 -1.55 7.15 7.02
N GLN A 27 -2.34 7.93 6.28
CA GLN A 27 -3.50 7.38 5.58
C GLN A 27 -3.22 7.21 4.10
N LEU A 28 -3.75 6.13 3.52
CA LEU A 28 -3.54 5.84 2.10
C LEU A 28 -4.88 5.53 1.43
N ARG A 29 -4.91 5.69 0.10
CA ARG A 29 -6.11 5.42 -0.67
C ARG A 29 -5.77 4.95 -2.07
N TRP A 30 -5.93 3.65 -2.31
CA TRP A 30 -5.64 3.07 -3.62
C TRP A 30 -6.89 2.48 -4.24
N GLY A 31 -6.73 1.84 -5.41
CA GLY A 31 -7.85 1.24 -6.09
C GLY A 31 -7.51 -0.09 -6.73
N PRO A 32 -8.51 -0.73 -7.35
CA PRO A 32 -8.33 -2.03 -8.01
C PRO A 32 -7.48 -1.91 -9.27
N PRO A 33 -6.60 -2.91 -9.49
CA PRO A 33 -5.72 -2.94 -10.66
C PRO A 33 -6.49 -3.21 -11.95
N LEU A 34 -5.85 -2.91 -13.09
CA LEU A 34 -6.47 -3.12 -14.39
C LEU A 34 -6.37 -4.58 -14.81
N VAL A 35 -5.24 -5.21 -14.47
CA VAL A 35 -5.02 -6.61 -14.82
C VAL A 35 -5.17 -7.51 -13.59
N ASP A 36 -6.37 -8.05 -13.40
CA ASP A 36 -6.64 -8.92 -12.27
C ASP A 36 -6.30 -10.38 -12.61
N GLY A 37 -5.39 -10.55 -13.57
CA GLY A 37 -4.99 -11.88 -13.97
C GLY A 37 -6.15 -12.68 -14.54
N GLY A 38 -7.25 -12.01 -14.83
CA GLY A 38 -8.41 -12.68 -15.38
C GLY A 38 -9.46 -13.00 -14.33
N SER A 39 -9.01 -13.10 -13.08
CA SER A 39 -9.92 -13.40 -11.97
C SER A 39 -10.18 -12.15 -11.13
N PRO A 40 -11.40 -12.08 -10.56
CA PRO A 40 -11.81 -10.95 -9.72
C PRO A 40 -11.06 -10.91 -8.39
N ILE A 41 -10.30 -9.84 -8.17
CA ILE A 41 -9.54 -9.67 -6.94
C ILE A 41 -10.33 -10.19 -5.74
N SER A 42 -9.61 -10.57 -4.69
CA SER A 42 -10.24 -11.09 -3.48
C SER A 42 -9.79 -10.30 -2.25
N CYS A 43 -8.49 -10.03 -2.18
CA CYS A 43 -7.93 -9.28 -1.06
C CYS A 43 -6.61 -8.62 -1.46
N TYR A 44 -6.37 -7.43 -0.91
CA TYR A 44 -5.15 -6.69 -1.22
C TYR A 44 -4.18 -6.73 -0.04
N SER A 45 -2.95 -6.29 -0.27
CA SER A 45 -1.92 -6.29 0.76
C SER A 45 -0.97 -5.11 0.57
N VAL A 46 -0.81 -4.31 1.63
CA VAL A 46 0.08 -3.16 1.58
C VAL A 46 1.33 -3.39 2.41
N GLU A 47 2.49 -3.38 1.75
CA GLU A 47 3.75 -3.59 2.42
C GLU A 47 4.55 -2.30 2.50
N MET A 48 4.65 -1.75 3.71
CA MET A 48 5.38 -0.51 3.93
C MET A 48 6.82 -0.80 4.36
N SER A 49 7.74 0.07 3.94
CA SER A 49 9.15 -0.09 4.27
C SER A 49 9.84 1.26 4.38
N PRO A 50 10.64 1.43 5.45
CA PRO A 50 11.37 2.67 5.70
C PRO A 50 12.51 2.89 4.69
N ILE A 51 12.29 3.81 3.75
CA ILE A 51 13.30 4.12 2.74
C ILE A 51 14.70 4.00 3.31
N GLU A 52 14.87 4.43 4.55
CA GLU A 52 16.17 4.38 5.21
C GLU A 52 16.72 2.95 5.21
N LYS A 53 15.88 2.00 5.58
CA LYS A 53 16.28 0.60 5.62
C LYS A 53 15.23 -0.29 4.96
N ASP A 54 15.69 -1.29 4.22
CA ASP A 54 14.80 -2.22 3.53
C ASP A 54 14.17 -3.20 4.52
N GLU A 55 13.06 -2.80 5.12
CA GLU A 55 12.36 -3.65 6.08
C GLU A 55 10.86 -3.70 5.78
N PRO A 56 10.52 -4.27 4.61
CA PRO A 56 9.13 -4.40 4.17
C PRO A 56 8.35 -5.41 5.00
N ARG A 57 7.19 -5.00 5.50
CA ARG A 57 6.36 -5.87 6.32
C ARG A 57 4.88 -5.54 6.14
N GLU A 58 4.08 -6.55 5.85
CA GLU A 58 2.64 -6.35 5.65
C GLU A 58 2.04 -5.55 6.81
N VAL A 59 1.66 -4.30 6.52
CA VAL A 59 1.07 -3.44 7.53
C VAL A 59 -0.45 -3.44 7.43
N TYR A 60 -0.97 -3.89 6.30
CA TYR A 60 -2.40 -3.94 6.08
C TYR A 60 -2.77 -5.08 5.12
N GLN A 61 -3.98 -5.62 5.29
CA GLN A 61 -4.45 -6.71 4.45
C GLN A 61 -5.95 -6.92 4.62
N GLY A 62 -6.71 -6.67 3.56
CA GLY A 62 -8.14 -6.84 3.61
C GLY A 62 -8.79 -6.77 2.24
N SER A 63 -10.06 -6.37 2.19
CA SER A 63 -10.78 -6.27 0.93
C SER A 63 -10.94 -4.81 0.51
N GLU A 64 -10.69 -3.90 1.45
CA GLU A 64 -10.80 -2.47 1.17
C GLU A 64 -9.57 -1.96 0.44
N VAL A 65 -9.67 -0.75 -0.12
CA VAL A 65 -8.57 -0.15 -0.84
C VAL A 65 -8.07 1.10 -0.14
N GLU A 66 -8.39 1.22 1.15
CA GLU A 66 -7.98 2.38 1.94
C GLU A 66 -7.80 2.00 3.40
N CYS A 67 -6.62 2.30 3.95
CA CYS A 67 -6.32 1.98 5.34
C CYS A 67 -5.49 3.10 5.98
N THR A 68 -5.09 2.88 7.22
CA THR A 68 -4.28 3.86 7.94
C THR A 68 -3.12 3.19 8.67
N VAL A 69 -1.89 3.51 8.25
CA VAL A 69 -0.71 2.94 8.86
C VAL A 69 -0.34 3.67 10.14
N SER A 70 0.32 2.96 11.06
CA SER A 70 0.72 3.55 12.34
C SER A 70 2.02 2.93 12.84
N SER A 71 2.51 3.42 13.96
CA SER A 71 3.74 2.90 14.55
C SER A 71 4.95 3.32 13.71
N LEU A 72 4.92 4.55 13.20
CA LEU A 72 6.01 5.07 12.38
C LEU A 72 6.72 6.22 13.09
N LEU A 73 7.72 6.79 12.42
CA LEU A 73 8.48 7.90 12.98
C LEU A 73 8.20 9.19 12.20
N PRO A 74 8.01 10.29 12.93
CA PRO A 74 7.75 11.60 12.34
C PRO A 74 8.97 12.17 11.61
N GLY A 75 8.72 13.09 10.68
CA GLY A 75 9.80 13.69 9.93
C GLY A 75 10.65 12.67 9.20
N LYS A 76 10.07 11.50 8.94
CA LYS A 76 10.78 10.42 8.25
C LYS A 76 9.95 9.89 7.09
N THR A 77 10.63 9.53 6.01
CA THR A 77 9.96 9.00 4.83
C THR A 77 9.78 7.50 4.93
N TYR A 78 8.83 6.97 4.16
CA TYR A 78 8.55 5.53 4.17
C TYR A 78 8.02 5.07 2.82
N SER A 79 8.68 4.08 2.23
CA SER A 79 8.28 3.55 0.94
C SER A 79 7.14 2.56 1.09
N PHE A 80 5.99 2.87 0.50
CA PHE A 80 4.82 2.01 0.58
C PHE A 80 4.57 1.33 -0.75
N ARG A 81 3.98 0.13 -0.71
CA ARG A 81 3.68 -0.62 -1.92
C ARG A 81 2.24 -1.17 -1.88
N LEU A 82 1.83 -1.78 -2.98
CA LEU A 82 0.49 -2.35 -3.07
C LEU A 82 0.48 -3.61 -3.93
N ARG A 83 -0.30 -4.59 -3.49
CA ARG A 83 -0.39 -5.87 -4.22
C ARG A 83 -1.76 -6.51 -4.01
N ALA A 84 -2.34 -7.01 -5.10
CA ALA A 84 -3.65 -7.65 -5.04
C ALA A 84 -3.51 -9.18 -5.10
N ALA A 85 -4.53 -9.87 -4.62
CA ALA A 85 -4.53 -11.33 -4.62
C ALA A 85 -5.87 -11.88 -5.08
N ASN A 86 -5.83 -12.99 -5.80
CA ASN A 86 -7.05 -13.63 -6.30
C ASN A 86 -7.05 -15.12 -6.03
N LYS A 87 -8.07 -15.81 -6.52
CA LYS A 87 -8.18 -17.26 -6.32
C LYS A 87 -6.88 -17.96 -6.70
N MET A 88 -6.08 -17.29 -7.53
CA MET A 88 -4.81 -17.86 -7.97
C MET A 88 -3.72 -17.62 -6.93
N GLY A 89 -3.53 -16.36 -6.55
CA GLY A 89 -2.54 -16.02 -5.56
C GLY A 89 -2.21 -14.54 -5.54
N PHE A 90 -1.15 -14.18 -4.83
CA PHE A 90 -0.74 -12.78 -4.73
C PHE A 90 0.20 -12.41 -5.87
N GLY A 91 0.06 -11.17 -6.36
CA GLY A 91 0.90 -10.71 -7.45
C GLY A 91 2.00 -9.79 -6.99
N PRO A 92 2.71 -9.18 -7.94
CA PRO A 92 3.82 -8.26 -7.64
C PRO A 92 3.33 -6.96 -7.04
N PHE A 93 4.16 -6.35 -6.19
CA PHE A 93 3.81 -5.09 -5.54
C PHE A 93 3.85 -3.94 -6.53
N SER A 94 3.29 -2.80 -6.14
CA SER A 94 3.26 -1.62 -6.99
C SER A 94 4.54 -0.79 -6.81
N GLU A 95 4.57 0.36 -7.46
CA GLU A 95 5.73 1.25 -7.38
C GLU A 95 5.89 1.80 -5.97
N LYS A 96 7.08 1.61 -5.40
CA LYS A 96 7.37 2.09 -4.05
C LYS A 96 7.15 3.59 -3.95
N CYS A 97 6.06 3.98 -3.28
CA CYS A 97 5.74 5.40 -3.12
C CYS A 97 6.29 5.92 -1.79
N ASP A 98 7.25 6.83 -1.87
CA ASP A 98 7.86 7.41 -0.68
C ASP A 98 6.98 8.53 -0.11
N ILE A 99 6.64 8.40 1.16
CA ILE A 99 5.80 9.39 1.84
C ILE A 99 6.47 9.91 3.11
N THR A 100 6.57 11.22 3.23
CA THR A 100 7.17 11.84 4.40
C THR A 100 6.12 12.17 5.46
N THR A 101 6.30 11.60 6.65
CA THR A 101 5.37 11.83 7.74
C THR A 101 5.42 13.28 8.21
N ALA A 102 4.59 13.61 9.20
CA ALA A 102 4.54 14.97 9.73
C ALA A 102 5.73 15.23 10.66
N PRO A 103 6.16 16.50 10.73
CA PRO A 103 7.29 16.92 11.56
C PRO A 103 6.96 16.83 13.05
N GLY A 104 5.76 16.36 13.37
CA GLY A 104 5.35 16.24 14.76
C GLY A 104 4.71 17.51 15.29
N SER A 105 3.38 17.54 15.25
CA SER A 105 2.64 18.71 15.72
C SER A 105 1.14 18.42 15.78
N GLY A 106 0.39 19.33 16.38
CA GLY A 106 -1.04 19.15 16.50
C GLY A 106 -1.56 19.48 17.88
N PRO A 107 -2.83 19.91 17.97
CA PRO A 107 -3.46 20.27 19.23
C PRO A 107 -3.71 19.05 20.12
N SER A 108 -4.26 19.29 21.31
CA SER A 108 -4.56 18.22 22.25
C SER A 108 -6.03 17.85 22.21
N SER A 109 -6.39 16.97 21.28
CA SER A 109 -7.78 16.53 21.13
C SER A 109 -7.90 15.02 21.38
N GLY A 110 -8.83 14.65 22.26
CA GLY A 110 -9.03 13.24 22.56
C GLY A 110 -10.49 12.92 22.82
N GLY A 1 5.89 -20.46 -10.94
CA GLY A 1 6.35 -21.07 -12.18
C GLY A 1 5.26 -21.85 -12.89
N SER A 2 4.69 -22.83 -12.18
CA SER A 2 3.63 -23.65 -12.76
C SER A 2 2.34 -22.85 -12.91
N SER A 3 1.89 -22.68 -14.15
CA SER A 3 0.67 -21.93 -14.42
C SER A 3 -0.03 -22.48 -15.66
N GLY A 4 -1.36 -22.53 -15.59
CA GLY A 4 -2.14 -23.04 -16.72
C GLY A 4 -2.56 -21.94 -17.68
N SER A 5 -3.68 -21.29 -17.36
CA SER A 5 -4.20 -20.22 -18.20
C SER A 5 -4.17 -18.89 -17.46
N SER A 6 -4.99 -18.78 -16.41
CA SER A 6 -5.05 -17.56 -15.62
C SER A 6 -3.94 -17.53 -14.58
N GLY A 7 -3.91 -16.46 -13.78
CA GLY A 7 -2.90 -16.32 -12.75
C GLY A 7 -3.14 -15.12 -11.86
N PRO A 8 -2.09 -14.70 -11.14
CA PRO A 8 -2.18 -13.56 -10.22
C PRO A 8 -2.32 -12.24 -10.96
N PRO A 9 -2.81 -11.20 -10.25
CA PRO A 9 -3.00 -9.87 -10.82
C PRO A 9 -1.68 -9.17 -11.11
N GLY A 10 -1.65 -8.39 -12.20
CA GLY A 10 -0.44 -7.68 -12.57
C GLY A 10 0.02 -6.72 -11.48
N PRO A 11 1.01 -5.89 -11.81
CA PRO A 11 1.57 -4.90 -10.87
C PRO A 11 0.58 -3.77 -10.58
N CYS A 12 0.08 -3.73 -9.35
CA CYS A 12 -0.87 -2.70 -8.94
C CYS A 12 -0.20 -1.34 -8.91
N LEU A 13 -0.96 -0.32 -8.52
CA LEU A 13 -0.44 1.04 -8.44
C LEU A 13 -0.18 1.45 -6.99
N PRO A 14 0.70 2.44 -6.80
CA PRO A 14 1.05 2.94 -5.46
C PRO A 14 -0.10 3.69 -4.81
N PRO A 15 -0.23 3.53 -3.48
CA PRO A 15 -1.29 4.19 -2.71
C PRO A 15 -1.07 5.70 -2.60
N ARG A 16 -2.12 6.46 -2.83
CA ARG A 16 -2.05 7.92 -2.76
C ARG A 16 -2.29 8.40 -1.33
N LEU A 17 -1.28 9.07 -0.76
CA LEU A 17 -1.39 9.59 0.60
C LEU A 17 -2.72 10.29 0.81
N GLN A 18 -3.56 9.71 1.67
CA GLN A 18 -4.87 10.30 1.97
C GLN A 18 -4.73 11.57 2.79
N GLY A 19 -5.47 12.60 2.41
CA GLY A 19 -5.42 13.87 3.11
C GLY A 19 -4.01 14.24 3.52
N ARG A 20 -3.74 14.20 4.83
CA ARG A 20 -2.42 14.54 5.35
C ARG A 20 -1.90 13.44 6.27
N PRO A 21 -0.60 13.16 6.19
CA PRO A 21 0.05 12.14 7.01
C PRO A 21 0.13 12.54 8.48
N LYS A 22 0.38 11.55 9.34
CA LYS A 22 0.48 11.80 10.78
C LYS A 22 1.93 11.69 11.24
N ALA A 23 2.15 11.93 12.53
CA ALA A 23 3.48 11.85 13.10
C ALA A 23 4.00 10.41 13.10
N LYS A 24 3.14 9.48 13.51
CA LYS A 24 3.50 8.06 13.56
C LYS A 24 2.48 7.22 12.80
N GLU A 25 1.70 7.87 11.94
CA GLU A 25 0.69 7.17 11.16
C GLU A 25 0.54 7.80 9.77
N ILE A 26 0.02 7.03 8.83
CA ILE A 26 -0.17 7.51 7.47
C ILE A 26 -1.32 6.78 6.78
N GLN A 27 -2.23 7.56 6.20
CA GLN A 27 -3.38 6.99 5.51
C GLN A 27 -3.08 6.76 4.03
N LEU A 28 -3.46 5.59 3.53
CA LEU A 28 -3.23 5.24 2.13
C LEU A 28 -4.55 5.00 1.41
N ARG A 29 -4.65 5.51 0.19
CA ARG A 29 -5.86 5.34 -0.62
C ARG A 29 -5.51 4.89 -2.03
N TRP A 30 -5.73 3.62 -2.32
CA TRP A 30 -5.44 3.07 -3.64
C TRP A 30 -6.70 2.49 -4.28
N GLY A 31 -6.55 1.93 -5.47
CA GLY A 31 -7.69 1.36 -6.17
C GLY A 31 -7.36 0.02 -6.81
N PRO A 32 -8.36 -0.60 -7.43
CA PRO A 32 -8.21 -1.90 -8.10
C PRO A 32 -7.37 -1.79 -9.37
N PRO A 33 -6.51 -2.79 -9.60
CA PRO A 33 -5.63 -2.83 -10.78
C PRO A 33 -6.41 -3.09 -12.06
N LEU A 34 -5.72 -2.97 -13.20
CA LEU A 34 -6.36 -3.19 -14.50
C LEU A 34 -6.30 -4.66 -14.88
N VAL A 35 -5.22 -5.34 -14.49
CA VAL A 35 -5.06 -6.75 -14.79
C VAL A 35 -5.24 -7.60 -13.54
N ASP A 36 -6.44 -8.16 -13.39
CA ASP A 36 -6.74 -9.01 -12.23
C ASP A 36 -6.51 -10.48 -12.56
N GLY A 37 -5.71 -10.73 -13.59
CA GLY A 37 -5.43 -12.10 -14.00
C GLY A 37 -6.67 -12.83 -14.47
N GLY A 38 -7.72 -12.07 -14.79
CA GLY A 38 -8.96 -12.67 -15.26
C GLY A 38 -9.96 -12.85 -14.14
N SER A 39 -9.48 -13.01 -12.92
CA SER A 39 -10.34 -13.21 -11.76
C SER A 39 -10.50 -11.90 -10.98
N PRO A 40 -11.71 -11.69 -10.43
CA PRO A 40 -12.02 -10.49 -9.65
C PRO A 40 -11.30 -10.47 -8.31
N ILE A 41 -10.43 -9.48 -8.11
CA ILE A 41 -9.69 -9.36 -6.86
C ILE A 41 -10.53 -9.79 -5.68
N SER A 42 -9.88 -10.43 -4.70
CA SER A 42 -10.57 -10.90 -3.50
C SER A 42 -10.07 -10.16 -2.26
N CYS A 43 -8.77 -9.88 -2.23
CA CYS A 43 -8.17 -9.18 -1.10
C CYS A 43 -6.86 -8.52 -1.51
N TYR A 44 -6.58 -7.37 -0.90
CA TYR A 44 -5.37 -6.62 -1.22
C TYR A 44 -4.37 -6.70 -0.06
N SER A 45 -3.20 -6.10 -0.26
CA SER A 45 -2.16 -6.10 0.77
C SER A 45 -1.21 -4.92 0.58
N VAL A 46 -0.90 -4.25 1.68
CA VAL A 46 0.01 -3.10 1.63
C VAL A 46 1.29 -3.39 2.41
N GLU A 47 2.42 -3.28 1.71
CA GLU A 47 3.73 -3.52 2.33
C GLU A 47 4.54 -2.23 2.41
N MET A 48 4.50 -1.59 3.57
CA MET A 48 5.24 -0.35 3.77
C MET A 48 6.65 -0.63 4.27
N SER A 49 7.60 0.21 3.87
CA SER A 49 8.99 0.04 4.27
C SER A 49 9.69 1.39 4.36
N PRO A 50 10.52 1.57 5.41
CA PRO A 50 11.26 2.81 5.63
C PRO A 50 12.37 3.02 4.60
N ILE A 51 12.16 3.95 3.69
CA ILE A 51 13.14 4.23 2.65
C ILE A 51 14.57 4.07 3.18
N GLU A 52 14.79 4.52 4.41
CA GLU A 52 16.10 4.41 5.04
C GLU A 52 16.61 2.97 5.01
N LYS A 53 15.74 2.04 5.40
CA LYS A 53 16.09 0.63 5.43
C LYS A 53 15.01 -0.21 4.78
N ASP A 54 15.42 -1.19 3.97
CA ASP A 54 14.49 -2.07 3.28
C ASP A 54 13.87 -3.07 4.26
N GLU A 55 12.99 -2.59 5.12
CA GLU A 55 12.33 -3.45 6.10
C GLU A 55 10.82 -3.48 5.87
N PRO A 56 10.39 -4.17 4.81
CA PRO A 56 8.98 -4.30 4.47
C PRO A 56 8.20 -5.14 5.47
N ARG A 57 6.92 -4.83 5.65
CA ARG A 57 6.07 -5.56 6.58
C ARG A 57 4.60 -5.33 6.27
N GLU A 58 3.79 -6.36 6.48
CA GLU A 58 2.36 -6.27 6.22
C GLU A 58 1.69 -5.29 7.18
N VAL A 59 1.51 -4.05 6.71
CA VAL A 59 0.88 -3.02 7.52
C VAL A 59 -0.64 -3.04 7.38
N TYR A 60 -1.12 -3.75 6.37
CA TYR A 60 -2.55 -3.87 6.12
C TYR A 60 -2.86 -5.05 5.19
N GLN A 61 -4.06 -5.61 5.34
CA GLN A 61 -4.47 -6.74 4.53
C GLN A 61 -5.96 -7.01 4.70
N GLY A 62 -6.73 -6.71 3.67
CA GLY A 62 -8.17 -6.94 3.72
C GLY A 62 -8.82 -6.97 2.35
N SER A 63 -9.97 -6.33 2.23
CA SER A 63 -10.69 -6.30 0.95
C SER A 63 -10.80 -4.87 0.44
N GLU A 64 -10.71 -3.90 1.35
CA GLU A 64 -10.80 -2.49 0.99
C GLU A 64 -9.56 -2.05 0.20
N VAL A 65 -9.57 -0.81 -0.26
CA VAL A 65 -8.45 -0.27 -1.02
C VAL A 65 -7.84 0.95 -0.32
N GLU A 66 -8.10 1.06 0.98
CA GLU A 66 -7.57 2.17 1.77
C GLU A 66 -7.40 1.77 3.23
N CYS A 67 -6.19 1.95 3.74
CA CYS A 67 -5.89 1.60 5.13
C CYS A 67 -5.09 2.72 5.81
N THR A 68 -4.85 2.56 7.11
CA THR A 68 -4.10 3.55 7.87
C THR A 68 -2.96 2.91 8.64
N VAL A 69 -1.74 3.29 8.32
CA VAL A 69 -0.56 2.75 8.99
C VAL A 69 -0.28 3.48 10.30
N SER A 70 0.52 2.87 11.16
CA SER A 70 0.86 3.47 12.44
C SER A 70 2.22 2.97 12.93
N SER A 71 2.60 3.39 14.13
CA SER A 71 3.88 3.00 14.71
C SER A 71 5.05 3.51 13.86
N LEU A 72 4.82 4.62 13.17
CA LEU A 72 5.85 5.21 12.32
C LEU A 72 6.54 6.37 13.04
N LEU A 73 7.57 6.92 12.40
CA LEU A 73 8.32 8.03 12.98
C LEU A 73 8.05 9.32 12.21
N PRO A 74 7.85 10.42 12.96
CA PRO A 74 7.58 11.74 12.38
C PRO A 74 8.80 12.32 11.67
N GLY A 75 8.54 13.18 10.68
CA GLY A 75 9.62 13.79 9.94
C GLY A 75 10.50 12.77 9.24
N LYS A 76 9.91 11.62 8.92
CA LYS A 76 10.64 10.55 8.23
C LYS A 76 9.84 10.01 7.05
N THR A 77 10.54 9.68 5.98
CA THR A 77 9.90 9.15 4.78
C THR A 77 9.72 7.64 4.87
N TYR A 78 8.78 7.11 4.11
CA TYR A 78 8.51 5.68 4.10
C TYR A 78 7.98 5.23 2.74
N SER A 79 8.62 4.22 2.16
CA SER A 79 8.21 3.70 0.87
C SER A 79 7.07 2.69 1.02
N PHE A 80 5.89 3.07 0.52
CA PHE A 80 4.73 2.20 0.60
C PHE A 80 4.51 1.46 -0.71
N ARG A 81 3.89 0.29 -0.63
CA ARG A 81 3.62 -0.52 -1.81
C ARG A 81 2.19 -1.06 -1.78
N LEU A 82 1.84 -1.85 -2.79
CA LEU A 82 0.51 -2.43 -2.88
C LEU A 82 0.52 -3.68 -3.76
N ARG A 83 -0.35 -4.64 -3.42
CA ARG A 83 -0.43 -5.89 -4.17
C ARG A 83 -1.81 -6.52 -4.01
N ALA A 84 -2.37 -7.00 -5.11
CA ALA A 84 -3.69 -7.63 -5.08
C ALA A 84 -3.56 -9.15 -5.16
N ALA A 85 -4.57 -9.85 -4.64
CA ALA A 85 -4.58 -11.31 -4.65
C ALA A 85 -5.90 -11.85 -5.19
N ASN A 86 -5.85 -13.02 -5.81
CA ASN A 86 -7.04 -13.64 -6.36
C ASN A 86 -7.00 -15.16 -6.19
N LYS A 87 -8.05 -15.84 -6.64
CA LYS A 87 -8.12 -17.28 -6.54
C LYS A 87 -6.79 -17.94 -6.89
N MET A 88 -5.99 -17.24 -7.69
CA MET A 88 -4.68 -17.74 -8.10
C MET A 88 -3.64 -17.52 -7.00
N GLY A 89 -3.47 -16.26 -6.61
CA GLY A 89 -2.50 -15.93 -5.58
C GLY A 89 -2.12 -14.47 -5.59
N PHE A 90 -1.17 -14.10 -4.72
CA PHE A 90 -0.72 -12.72 -4.64
C PHE A 90 0.23 -12.39 -5.78
N GLY A 91 0.04 -11.21 -6.38
CA GLY A 91 0.88 -10.79 -7.48
C GLY A 91 2.01 -9.87 -7.03
N PRO A 92 2.68 -9.25 -8.01
CA PRO A 92 3.79 -8.32 -7.73
C PRO A 92 3.32 -7.02 -7.08
N PHE A 93 4.16 -6.46 -6.23
CA PHE A 93 3.83 -5.21 -5.54
C PHE A 93 3.89 -4.03 -6.50
N SER A 94 3.24 -2.93 -6.12
CA SER A 94 3.23 -1.74 -6.96
C SER A 94 4.53 -0.95 -6.81
N GLU A 95 4.58 0.23 -7.43
CA GLU A 95 5.76 1.07 -7.36
C GLU A 95 5.91 1.70 -5.98
N LYS A 96 7.15 1.79 -5.50
CA LYS A 96 7.44 2.36 -4.19
C LYS A 96 7.10 3.85 -4.16
N CYS A 97 6.21 4.23 -3.25
CA CYS A 97 5.81 5.63 -3.12
C CYS A 97 6.28 6.21 -1.78
N ASP A 98 7.37 6.96 -1.83
CA ASP A 98 7.92 7.58 -0.62
C ASP A 98 6.96 8.62 -0.07
N ILE A 99 6.60 8.46 1.20
CA ILE A 99 5.69 9.40 1.86
C ILE A 99 6.30 9.95 3.14
N THR A 100 6.43 11.28 3.21
CA THR A 100 7.00 11.93 4.37
C THR A 100 5.93 12.21 5.42
N THR A 101 6.11 11.64 6.61
CA THR A 101 5.17 11.82 7.70
C THR A 101 5.16 13.27 8.18
N ALA A 102 4.36 13.53 9.22
CA ALA A 102 4.28 14.88 9.78
C ALA A 102 5.43 15.16 10.73
N PRO A 103 5.85 16.43 10.79
CA PRO A 103 6.94 16.86 11.66
C PRO A 103 6.59 16.79 13.14
N GLY A 104 5.38 16.31 13.43
CA GLY A 104 4.93 16.21 14.80
C GLY A 104 4.06 17.38 15.22
N SER A 105 2.82 17.09 15.61
CA SER A 105 1.89 18.13 16.03
C SER A 105 2.16 18.56 17.46
N GLY A 106 3.14 19.44 17.63
CA GLY A 106 3.49 19.92 18.96
C GLY A 106 4.91 20.42 19.04
N PRO A 107 5.35 20.78 20.26
CA PRO A 107 6.70 21.29 20.50
C PRO A 107 7.77 20.21 20.31
N SER A 108 9.01 20.64 20.09
CA SER A 108 10.12 19.71 19.91
C SER A 108 11.25 20.00 20.88
N SER A 109 11.43 19.11 21.85
CA SER A 109 12.48 19.27 22.86
C SER A 109 13.66 18.37 22.55
N GLY A 110 14.86 18.95 22.54
CA GLY A 110 16.05 18.18 22.27
C GLY A 110 16.75 17.73 23.53
N GLY A 1 -7.30 -18.65 -29.00
CA GLY A 1 -6.52 -19.68 -28.34
C GLY A 1 -7.39 -20.73 -27.68
N SER A 2 -6.76 -21.61 -26.92
CA SER A 2 -7.49 -22.67 -26.22
C SER A 2 -7.04 -22.79 -24.77
N SER A 3 -5.72 -22.75 -24.56
CA SER A 3 -5.15 -22.85 -23.23
C SER A 3 -5.43 -21.59 -22.42
N GLY A 4 -6.11 -21.76 -21.28
CA GLY A 4 -6.41 -20.62 -20.44
C GLY A 4 -5.98 -20.82 -19.01
N SER A 5 -4.69 -20.65 -18.75
CA SER A 5 -4.14 -20.83 -17.41
C SER A 5 -4.11 -19.50 -16.65
N SER A 6 -5.11 -19.30 -15.79
CA SER A 6 -5.20 -18.07 -15.01
C SER A 6 -3.98 -17.91 -14.10
N GLY A 7 -3.88 -16.75 -13.47
CA GLY A 7 -2.76 -16.50 -12.57
C GLY A 7 -2.98 -15.27 -11.71
N PRO A 8 -1.93 -14.83 -11.00
CA PRO A 8 -1.98 -13.66 -10.13
C PRO A 8 -2.12 -12.36 -10.90
N PRO A 9 -2.64 -11.33 -10.24
CA PRO A 9 -2.83 -10.00 -10.85
C PRO A 9 -1.52 -9.29 -11.13
N GLY A 10 -1.51 -8.43 -12.14
CA GLY A 10 -0.31 -7.70 -12.49
C GLY A 10 0.09 -6.71 -11.41
N PRO A 11 1.10 -5.89 -11.72
CA PRO A 11 1.60 -4.87 -10.78
C PRO A 11 0.61 -3.73 -10.59
N CYS A 12 0.18 -3.55 -9.33
CA CYS A 12 -0.78 -2.50 -9.01
C CYS A 12 -0.07 -1.14 -8.86
N LEU A 13 -0.86 -0.09 -8.70
CA LEU A 13 -0.31 1.26 -8.56
C LEU A 13 -0.09 1.60 -7.09
N PRO A 14 0.78 2.58 -6.83
CA PRO A 14 1.09 3.02 -5.47
C PRO A 14 -0.08 3.76 -4.81
N PRO A 15 -0.21 3.61 -3.49
CA PRO A 15 -1.28 4.25 -2.72
C PRO A 15 -1.10 5.76 -2.62
N ARG A 16 -2.21 6.49 -2.75
CA ARG A 16 -2.17 7.94 -2.68
C ARG A 16 -2.39 8.43 -1.25
N LEU A 17 -1.40 9.13 -0.71
CA LEU A 17 -1.48 9.65 0.65
C LEU A 17 -2.82 10.34 0.89
N GLN A 18 -3.68 9.69 1.67
CA GLN A 18 -4.99 10.24 1.98
C GLN A 18 -4.87 11.53 2.78
N GLY A 19 -5.52 12.58 2.31
CA GLY A 19 -5.47 13.87 3.00
C GLY A 19 -4.06 14.23 3.43
N ARG A 20 -3.85 14.22 4.75
CA ARG A 20 -2.54 14.56 5.30
C ARG A 20 -2.06 13.48 6.26
N PRO A 21 -0.75 13.17 6.19
CA PRO A 21 -0.14 12.14 7.05
C PRO A 21 -0.07 12.58 8.51
N LYS A 22 0.32 11.65 9.38
CA LYS A 22 0.43 11.93 10.80
C LYS A 22 1.87 11.77 11.27
N ALA A 23 2.09 12.00 12.57
CA ALA A 23 3.43 11.88 13.14
C ALA A 23 3.94 10.44 13.05
N LYS A 24 3.15 9.50 13.58
CA LYS A 24 3.51 8.10 13.57
C LYS A 24 2.46 7.27 12.83
N GLU A 25 1.65 7.94 12.02
CA GLU A 25 0.61 7.26 11.26
C GLU A 25 0.42 7.90 9.88
N ILE A 26 -0.07 7.11 8.93
CA ILE A 26 -0.29 7.61 7.58
C ILE A 26 -1.48 6.90 6.93
N GLN A 27 -2.26 7.65 6.17
CA GLN A 27 -3.43 7.10 5.48
C GLN A 27 -3.14 6.88 4.00
N LEU A 28 -3.44 5.67 3.53
CA LEU A 28 -3.21 5.31 2.13
C LEU A 28 -4.52 5.08 1.41
N ARG A 29 -4.59 5.55 0.17
CA ARG A 29 -5.81 5.39 -0.64
C ARG A 29 -5.45 4.93 -2.06
N TRP A 30 -5.64 3.64 -2.32
CA TRP A 30 -5.35 3.08 -3.63
C TRP A 30 -6.62 2.54 -4.29
N GLY A 31 -6.45 1.90 -5.45
CA GLY A 31 -7.59 1.34 -6.16
C GLY A 31 -7.27 0.01 -6.80
N PRO A 32 -8.29 -0.62 -7.40
CA PRO A 32 -8.13 -1.91 -8.08
C PRO A 32 -7.30 -1.81 -9.35
N PRO A 33 -6.43 -2.79 -9.57
CA PRO A 33 -5.55 -2.83 -10.75
C PRO A 33 -6.34 -3.13 -12.03
N LEU A 34 -5.69 -2.94 -13.17
CA LEU A 34 -6.32 -3.19 -14.46
C LEU A 34 -6.30 -4.69 -14.79
N VAL A 35 -5.20 -5.34 -14.46
CA VAL A 35 -5.05 -6.77 -14.71
C VAL A 35 -5.25 -7.59 -13.44
N ASP A 36 -6.41 -8.22 -13.32
CA ASP A 36 -6.73 -9.04 -12.16
C ASP A 36 -6.50 -10.52 -12.45
N GLY A 37 -5.66 -10.79 -13.46
CA GLY A 37 -5.38 -12.17 -13.83
C GLY A 37 -6.61 -12.92 -14.29
N GLY A 38 -7.62 -12.18 -14.72
CA GLY A 38 -8.85 -12.80 -15.18
C GLY A 38 -9.88 -12.94 -14.07
N SER A 39 -9.41 -13.10 -12.85
CA SER A 39 -10.29 -13.25 -11.70
C SER A 39 -10.42 -11.94 -10.93
N PRO A 40 -11.63 -11.67 -10.42
CA PRO A 40 -11.92 -10.45 -9.65
C PRO A 40 -11.21 -10.44 -8.30
N ILE A 41 -10.32 -9.48 -8.11
CA ILE A 41 -9.59 -9.35 -6.86
C ILE A 41 -10.44 -9.78 -5.68
N SER A 42 -9.82 -10.47 -4.73
CA SER A 42 -10.53 -10.94 -3.54
C SER A 42 -10.04 -10.22 -2.29
N CYS A 43 -8.73 -9.96 -2.23
CA CYS A 43 -8.13 -9.28 -1.10
C CYS A 43 -6.83 -8.60 -1.50
N TYR A 44 -6.56 -7.45 -0.90
CA TYR A 44 -5.33 -6.70 -1.20
C TYR A 44 -4.35 -6.76 -0.03
N SER A 45 -3.20 -6.14 -0.20
CA SER A 45 -2.17 -6.13 0.83
C SER A 45 -1.21 -4.95 0.64
N VAL A 46 -1.01 -4.19 1.70
CA VAL A 46 -0.11 -3.04 1.65
C VAL A 46 1.18 -3.31 2.42
N GLU A 47 2.30 -3.30 1.70
CA GLU A 47 3.60 -3.55 2.31
C GLU A 47 4.43 -2.27 2.37
N MET A 48 4.46 -1.64 3.55
CA MET A 48 5.21 -0.40 3.73
C MET A 48 6.62 -0.70 4.25
N SER A 49 7.57 0.13 3.85
CA SER A 49 8.96 -0.04 4.27
C SER A 49 9.68 1.30 4.36
N PRO A 50 10.52 1.46 5.38
CA PRO A 50 11.28 2.70 5.59
C PRO A 50 12.38 2.89 4.55
N ILE A 51 12.15 3.82 3.63
CA ILE A 51 13.11 4.11 2.59
C ILE A 51 14.54 3.96 3.10
N GLU A 52 14.78 4.44 4.31
CA GLU A 52 16.11 4.35 4.92
C GLU A 52 16.63 2.92 4.90
N LYS A 53 15.78 1.99 5.31
CA LYS A 53 16.16 0.58 5.35
C LYS A 53 15.08 -0.28 4.69
N ASP A 54 15.52 -1.23 3.85
CA ASP A 54 14.59 -2.12 3.17
C ASP A 54 13.97 -3.12 4.14
N GLU A 55 13.16 -2.61 5.06
CA GLU A 55 12.50 -3.46 6.05
C GLU A 55 10.98 -3.45 5.86
N PRO A 56 10.52 -4.06 4.75
CA PRO A 56 9.09 -4.13 4.43
C PRO A 56 8.32 -5.05 5.38
N ARG A 57 7.02 -4.84 5.47
CA ARG A 57 6.17 -5.65 6.34
C ARG A 57 4.69 -5.39 6.05
N GLU A 58 3.87 -6.40 6.32
CA GLU A 58 2.43 -6.28 6.09
C GLU A 58 1.79 -5.34 7.10
N VAL A 59 1.46 -4.14 6.67
CA VAL A 59 0.84 -3.14 7.53
C VAL A 59 -0.67 -3.15 7.39
N TYR A 60 -1.16 -3.85 6.37
CA TYR A 60 -2.59 -3.94 6.12
C TYR A 60 -2.91 -5.11 5.19
N GLN A 61 -4.11 -5.66 5.33
CA GLN A 61 -4.55 -6.78 4.50
C GLN A 61 -6.04 -7.02 4.65
N GLY A 62 -6.79 -6.74 3.58
CA GLY A 62 -8.23 -6.93 3.61
C GLY A 62 -8.84 -6.94 2.23
N SER A 63 -9.98 -6.28 2.08
CA SER A 63 -10.67 -6.22 0.79
C SER A 63 -10.82 -4.77 0.33
N GLU A 64 -10.58 -3.83 1.23
CA GLU A 64 -10.70 -2.41 0.92
C GLU A 64 -9.46 -1.92 0.18
N VAL A 65 -9.50 -0.68 -0.28
CA VAL A 65 -8.39 -0.08 -1.01
C VAL A 65 -7.85 1.15 -0.28
N GLU A 66 -8.04 1.18 1.04
CA GLU A 66 -7.57 2.30 1.85
C GLU A 66 -7.40 1.88 3.31
N CYS A 67 -6.18 2.04 3.81
CA CYS A 67 -5.88 1.69 5.20
C CYS A 67 -5.11 2.80 5.89
N THR A 68 -4.88 2.63 7.19
CA THR A 68 -4.15 3.62 7.98
C THR A 68 -3.01 2.99 8.75
N VAL A 69 -1.78 3.30 8.36
CA VAL A 69 -0.60 2.76 9.02
C VAL A 69 -0.28 3.53 10.29
N SER A 70 0.45 2.89 11.20
CA SER A 70 0.82 3.52 12.47
C SER A 70 2.18 3.01 12.95
N SER A 71 2.59 3.44 14.13
CA SER A 71 3.85 3.02 14.71
C SER A 71 5.02 3.51 13.86
N LEU A 72 4.83 4.65 13.19
CA LEU A 72 5.87 5.22 12.34
C LEU A 72 6.56 6.38 13.03
N LEU A 73 7.62 6.90 12.41
CA LEU A 73 8.37 8.01 12.97
C LEU A 73 8.09 9.30 12.20
N PRO A 74 7.88 10.40 12.94
CA PRO A 74 7.60 11.70 12.35
C PRO A 74 8.81 12.29 11.64
N GLY A 75 8.55 13.18 10.67
CA GLY A 75 9.63 13.80 9.93
C GLY A 75 10.50 12.78 9.21
N LYS A 76 9.93 11.62 8.91
CA LYS A 76 10.66 10.57 8.23
C LYS A 76 9.87 10.05 7.03
N THR A 77 10.59 9.63 5.99
CA THR A 77 9.95 9.10 4.79
C THR A 77 9.80 7.59 4.85
N TYR A 78 8.83 7.07 4.13
CA TYR A 78 8.58 5.62 4.10
C TYR A 78 8.02 5.19 2.75
N SER A 79 8.63 4.16 2.17
CA SER A 79 8.21 3.65 0.87
C SER A 79 7.06 2.66 1.03
N PHE A 80 5.89 3.04 0.53
CA PHE A 80 4.71 2.19 0.62
C PHE A 80 4.46 1.46 -0.70
N ARG A 81 3.87 0.28 -0.61
CA ARG A 81 3.58 -0.53 -1.78
C ARG A 81 2.17 -1.10 -1.73
N LEU A 82 1.77 -1.79 -2.79
CA LEU A 82 0.44 -2.38 -2.87
C LEU A 82 0.44 -3.61 -3.77
N ARG A 83 -0.27 -4.65 -3.34
CA ARG A 83 -0.35 -5.88 -4.11
C ARG A 83 -1.73 -6.52 -3.96
N ALA A 84 -2.25 -7.06 -5.07
CA ALA A 84 -3.56 -7.70 -5.06
C ALA A 84 -3.43 -9.21 -5.11
N ALA A 85 -4.44 -9.91 -4.62
CA ALA A 85 -4.44 -11.37 -4.62
C ALA A 85 -5.77 -11.92 -5.11
N ASN A 86 -5.73 -13.05 -5.80
CA ASN A 86 -6.92 -13.68 -6.33
C ASN A 86 -6.89 -15.19 -6.12
N LYS A 87 -7.91 -15.88 -6.61
CA LYS A 87 -7.99 -17.33 -6.48
C LYS A 87 -6.67 -17.99 -6.83
N MET A 88 -5.83 -17.26 -7.57
CA MET A 88 -4.52 -17.78 -7.98
C MET A 88 -3.48 -17.52 -6.89
N GLY A 89 -3.33 -16.26 -6.52
CA GLY A 89 -2.36 -15.91 -5.49
C GLY A 89 -2.03 -14.42 -5.49
N PHE A 90 -1.07 -14.03 -4.66
CA PHE A 90 -0.67 -12.63 -4.57
C PHE A 90 0.31 -12.28 -5.67
N GLY A 91 0.07 -11.15 -6.33
CA GLY A 91 0.95 -10.71 -7.41
C GLY A 91 2.02 -9.76 -6.93
N PRO A 92 2.71 -9.12 -7.87
CA PRO A 92 3.80 -8.18 -7.57
C PRO A 92 3.27 -6.88 -6.95
N PHE A 93 4.07 -6.30 -6.06
CA PHE A 93 3.69 -5.05 -5.39
C PHE A 93 3.78 -3.87 -6.35
N SER A 94 3.15 -2.77 -5.98
CA SER A 94 3.15 -1.56 -6.80
C SER A 94 4.46 -0.80 -6.65
N GLU A 95 4.55 0.36 -7.28
CA GLU A 95 5.74 1.19 -7.22
C GLU A 95 5.95 1.74 -5.80
N LYS A 96 7.17 1.59 -5.30
CA LYS A 96 7.50 2.07 -3.96
C LYS A 96 7.39 3.59 -3.88
N CYS A 97 6.25 4.06 -3.38
CA CYS A 97 6.01 5.50 -3.25
C CYS A 97 6.56 6.02 -1.92
N ASP A 98 7.34 7.09 -2.00
CA ASP A 98 7.93 7.69 -0.81
C ASP A 98 6.98 8.71 -0.18
N ILE A 99 6.67 8.52 1.10
CA ILE A 99 5.78 9.42 1.81
C ILE A 99 6.42 9.94 3.09
N THR A 100 6.44 11.26 3.24
CA THR A 100 7.02 11.89 4.43
C THR A 100 5.96 12.21 5.46
N THR A 101 6.10 11.64 6.65
CA THR A 101 5.15 11.87 7.73
C THR A 101 5.19 13.32 8.20
N ALA A 102 4.36 13.64 9.18
CA ALA A 102 4.30 14.99 9.72
C ALA A 102 5.42 15.24 10.72
N PRO A 103 5.88 16.49 10.82
CA PRO A 103 6.95 16.89 11.73
C PRO A 103 6.53 16.83 13.20
N GLY A 104 5.30 16.37 13.43
CA GLY A 104 4.78 16.28 14.78
C GLY A 104 4.39 17.63 15.35
N SER A 105 3.47 17.61 16.32
CA SER A 105 3.01 18.84 16.93
C SER A 105 4.17 19.80 17.20
N GLY A 106 3.96 21.07 16.85
CA GLY A 106 5.00 22.06 17.05
C GLY A 106 4.45 23.46 17.21
N PRO A 107 5.25 24.48 16.87
CA PRO A 107 4.85 25.88 16.98
C PRO A 107 3.78 26.26 15.96
N SER A 108 3.85 25.65 14.78
CA SER A 108 2.89 25.92 13.72
C SER A 108 1.48 26.10 14.29
N SER A 109 1.03 27.34 14.36
CA SER A 109 -0.29 27.64 14.89
C SER A 109 -0.73 29.04 14.49
N GLY A 110 -2.01 29.18 14.15
CA GLY A 110 -2.54 30.47 13.75
C GLY A 110 -3.91 30.37 13.12
N GLY A 1 -3.03 -10.65 -25.31
CA GLY A 1 -2.71 -11.37 -26.52
C GLY A 1 -2.84 -12.87 -26.36
N SER A 2 -2.05 -13.44 -25.46
CA SER A 2 -2.08 -14.88 -25.23
C SER A 2 -2.94 -15.21 -24.01
N SER A 3 -3.97 -16.02 -24.22
CA SER A 3 -4.88 -16.41 -23.14
C SER A 3 -4.96 -17.92 -23.03
N GLY A 4 -4.02 -18.50 -22.29
CA GLY A 4 -4.01 -19.94 -22.11
C GLY A 4 -4.52 -20.37 -20.74
N SER A 5 -4.01 -19.71 -19.70
CA SER A 5 -4.41 -20.02 -18.33
C SER A 5 -4.40 -18.76 -17.46
N SER A 6 -5.36 -18.68 -16.55
CA SER A 6 -5.47 -17.53 -15.65
C SER A 6 -4.36 -17.55 -14.60
N GLY A 7 -4.24 -16.46 -13.86
CA GLY A 7 -3.21 -16.38 -12.82
C GLY A 7 -3.38 -15.16 -11.94
N PRO A 8 -2.30 -14.78 -11.25
CA PRO A 8 -2.30 -13.62 -10.36
C PRO A 8 -2.40 -12.30 -11.11
N PRO A 9 -2.88 -11.26 -10.43
CA PRO A 9 -3.04 -9.92 -11.02
C PRO A 9 -1.70 -9.25 -11.29
N GLY A 10 -1.67 -8.38 -12.29
CA GLY A 10 -0.45 -7.68 -12.63
C GLY A 10 -0.01 -6.71 -11.55
N PRO A 11 1.00 -5.88 -11.85
CA PRO A 11 1.53 -4.90 -10.91
C PRO A 11 0.55 -3.76 -10.65
N CYS A 12 0.05 -3.71 -9.43
CA CYS A 12 -0.91 -2.66 -9.05
C CYS A 12 -0.21 -1.32 -8.94
N LEU A 13 -1.00 -0.26 -8.80
CA LEU A 13 -0.47 1.10 -8.69
C LEU A 13 -0.22 1.46 -7.22
N PRO A 14 0.68 2.43 -6.99
CA PRO A 14 1.02 2.88 -5.65
C PRO A 14 -0.12 3.67 -5.00
N PRO A 15 -0.28 3.48 -3.68
CA PRO A 15 -1.33 4.17 -2.91
C PRO A 15 -1.07 5.66 -2.77
N ARG A 16 -2.14 6.45 -2.86
CA ARG A 16 -2.02 7.89 -2.75
C ARG A 16 -2.32 8.35 -1.32
N LEU A 17 -1.33 8.97 -0.68
CA LEU A 17 -1.49 9.46 0.68
C LEU A 17 -2.82 10.18 0.85
N GLN A 18 -3.66 9.66 1.75
CA GLN A 18 -4.97 10.25 2.00
C GLN A 18 -4.83 11.51 2.85
N GLY A 19 -5.65 12.52 2.53
CA GLY A 19 -5.59 13.77 3.27
C GLY A 19 -4.18 14.19 3.63
N ARG A 20 -3.90 14.29 4.92
CA ARG A 20 -2.58 14.68 5.40
C ARG A 20 -2.01 13.61 6.33
N PRO A 21 -0.69 13.39 6.22
CA PRO A 21 0.03 12.40 7.04
C PRO A 21 0.12 12.83 8.50
N LYS A 22 0.55 11.90 9.36
CA LYS A 22 0.68 12.18 10.78
C LYS A 22 2.13 11.97 11.24
N ALA A 23 2.37 12.19 12.53
CA ALA A 23 3.70 12.02 13.09
C ALA A 23 4.14 10.55 13.03
N LYS A 24 3.31 9.68 13.58
CA LYS A 24 3.61 8.24 13.59
C LYS A 24 2.52 7.45 12.87
N GLU A 25 1.75 8.14 12.04
CA GLU A 25 0.67 7.50 11.28
C GLU A 25 0.51 8.14 9.91
N ILE A 26 -0.03 7.36 8.97
CA ILE A 26 -0.24 7.86 7.61
C ILE A 26 -1.41 7.15 6.95
N GLN A 27 -2.31 7.93 6.34
CA GLN A 27 -3.47 7.37 5.66
C GLN A 27 -3.20 7.19 4.18
N LEU A 28 -3.74 6.12 3.61
CA LEU A 28 -3.57 5.83 2.18
C LEU A 28 -4.90 5.49 1.52
N ARG A 29 -4.99 5.73 0.22
CA ARG A 29 -6.21 5.45 -0.53
C ARG A 29 -5.87 4.99 -1.94
N TRP A 30 -6.05 3.70 -2.19
CA TRP A 30 -5.77 3.12 -3.50
C TRP A 30 -7.03 2.52 -4.11
N GLY A 31 -6.88 1.89 -5.27
CA GLY A 31 -8.01 1.28 -5.94
C GLY A 31 -7.65 -0.01 -6.66
N PRO A 32 -8.64 -0.64 -7.30
CA PRO A 32 -8.44 -1.88 -8.04
C PRO A 32 -7.61 -1.68 -9.31
N PRO A 33 -6.68 -2.61 -9.55
CA PRO A 33 -5.80 -2.56 -10.73
C PRO A 33 -6.56 -2.83 -12.02
N LEU A 34 -5.87 -2.65 -13.15
CA LEU A 34 -6.49 -2.88 -14.46
C LEU A 34 -6.36 -4.35 -14.87
N VAL A 35 -5.27 -4.98 -14.45
CA VAL A 35 -5.04 -6.38 -14.77
C VAL A 35 -5.23 -7.27 -13.55
N ASP A 36 -6.46 -7.77 -13.38
CA ASP A 36 -6.78 -8.63 -12.25
C ASP A 36 -6.45 -10.08 -12.56
N GLY A 37 -5.53 -10.28 -13.50
CA GLY A 37 -5.13 -11.63 -13.88
C GLY A 37 -6.27 -12.43 -14.47
N GLY A 38 -7.31 -11.72 -14.91
CA GLY A 38 -8.46 -12.39 -15.50
C GLY A 38 -9.54 -12.71 -14.48
N SER A 39 -9.15 -12.78 -13.21
CA SER A 39 -10.08 -13.07 -12.14
C SER A 39 -10.34 -11.84 -11.28
N PRO A 40 -11.53 -11.78 -10.67
CA PRO A 40 -11.92 -10.66 -9.80
C PRO A 40 -11.15 -10.64 -8.49
N ILE A 41 -10.38 -9.58 -8.28
CA ILE A 41 -9.59 -9.44 -7.07
C ILE A 41 -10.37 -9.90 -5.84
N SER A 42 -9.67 -10.51 -4.89
CA SER A 42 -10.30 -11.01 -3.68
C SER A 42 -9.86 -10.18 -2.46
N CYS A 43 -8.56 -9.98 -2.34
CA CYS A 43 -8.01 -9.22 -1.22
C CYS A 43 -6.72 -8.53 -1.62
N TYR A 44 -6.38 -7.45 -0.91
CA TYR A 44 -5.17 -6.70 -1.20
C TYR A 44 -4.18 -6.77 -0.04
N SER A 45 -2.98 -6.25 -0.25
CA SER A 45 -1.94 -6.26 0.78
C SER A 45 -1.00 -5.07 0.62
N VAL A 46 -0.80 -4.33 1.70
CA VAL A 46 0.08 -3.17 1.68
C VAL A 46 1.37 -3.45 2.43
N GLU A 47 2.49 -3.46 1.69
CA GLU A 47 3.80 -3.72 2.29
C GLU A 47 4.60 -2.43 2.42
N MET A 48 4.55 -1.82 3.60
CA MET A 48 5.28 -0.57 3.84
C MET A 48 6.70 -0.86 4.33
N SER A 49 7.63 0.01 3.96
CA SER A 49 9.02 -0.16 4.36
C SER A 49 9.72 1.20 4.47
N PRO A 50 10.48 1.38 5.55
CA PRO A 50 11.23 2.63 5.80
C PRO A 50 12.38 2.83 4.83
N ILE A 51 12.20 3.73 3.88
CA ILE A 51 13.22 4.02 2.89
C ILE A 51 14.62 3.92 3.49
N GLU A 52 14.74 4.36 4.75
CA GLU A 52 16.02 4.32 5.45
C GLU A 52 16.58 2.89 5.49
N LYS A 53 15.72 1.94 5.85
CA LYS A 53 16.12 0.55 5.93
C LYS A 53 15.10 -0.35 5.24
N ASP A 54 15.59 -1.38 4.55
CA ASP A 54 14.72 -2.31 3.84
C ASP A 54 14.06 -3.28 4.82
N GLU A 55 12.93 -2.87 5.37
CA GLU A 55 12.20 -3.69 6.33
C GLU A 55 10.72 -3.76 5.98
N PRO A 56 10.41 -4.38 4.81
CA PRO A 56 9.04 -4.53 4.34
C PRO A 56 8.23 -5.50 5.19
N ARG A 57 7.00 -5.11 5.52
CA ARG A 57 6.12 -5.94 6.34
C ARG A 57 4.66 -5.62 6.04
N GLU A 58 3.83 -6.67 6.08
CA GLU A 58 2.40 -6.50 5.82
C GLU A 58 1.75 -5.64 6.90
N VAL A 59 1.65 -4.34 6.62
CA VAL A 59 1.04 -3.40 7.55
C VAL A 59 -0.47 -3.36 7.40
N TYR A 60 -0.97 -4.03 6.36
CA TYR A 60 -2.40 -4.07 6.10
C TYR A 60 -2.75 -5.21 5.15
N GLN A 61 -3.95 -5.76 5.30
CA GLN A 61 -4.40 -6.86 4.45
C GLN A 61 -5.90 -7.08 4.60
N GLY A 62 -6.64 -6.83 3.53
CA GLY A 62 -8.08 -7.00 3.57
C GLY A 62 -8.71 -6.97 2.18
N SER A 63 -9.94 -6.47 2.11
CA SER A 63 -10.65 -6.39 0.84
C SER A 63 -10.83 -4.93 0.41
N GLU A 64 -10.78 -4.02 1.37
CA GLU A 64 -10.94 -2.60 1.10
C GLU A 64 -9.73 -2.06 0.33
N VAL A 65 -9.81 -0.80 -0.08
CA VAL A 65 -8.73 -0.17 -0.81
C VAL A 65 -8.25 1.10 -0.12
N GLU A 66 -8.48 1.17 1.20
CA GLU A 66 -8.07 2.32 1.98
C GLU A 66 -7.88 1.95 3.44
N CYS A 67 -6.72 2.30 3.99
CA CYS A 67 -6.41 2.00 5.38
C CYS A 67 -5.52 3.07 5.99
N THR A 68 -5.18 2.91 7.27
CA THR A 68 -4.33 3.87 7.96
C THR A 68 -3.19 3.17 8.68
N VAL A 69 -1.96 3.57 8.36
CA VAL A 69 -0.79 2.98 8.99
C VAL A 69 -0.39 3.74 10.24
N SER A 70 0.31 3.05 11.15
CA SER A 70 0.73 3.66 12.41
C SER A 70 2.03 3.02 12.90
N SER A 71 2.53 3.51 14.03
CA SER A 71 3.77 2.99 14.61
C SER A 71 4.98 3.41 13.77
N LEU A 72 4.89 4.60 13.19
CA LEU A 72 5.98 5.12 12.36
C LEU A 72 6.69 6.29 13.06
N LEU A 73 7.70 6.84 12.39
CA LEU A 73 8.46 7.96 12.95
C LEU A 73 8.20 9.23 12.16
N PRO A 74 8.00 10.35 12.87
CA PRO A 74 7.75 11.65 12.25
C PRO A 74 8.97 12.20 11.54
N GLY A 75 8.75 13.15 10.62
CA GLY A 75 9.85 13.74 9.88
C GLY A 75 10.70 12.70 9.18
N LYS A 76 10.09 11.58 8.81
CA LYS A 76 10.80 10.51 8.13
C LYS A 76 9.98 9.97 6.96
N THR A 77 10.65 9.60 5.88
CA THR A 77 9.99 9.07 4.70
C THR A 77 9.83 7.56 4.80
N TYR A 78 8.84 7.02 4.09
CA TYR A 78 8.59 5.59 4.09
C TYR A 78 8.09 5.11 2.73
N SER A 79 8.70 4.05 2.22
CA SER A 79 8.33 3.50 0.92
C SER A 79 7.19 2.49 1.06
N PHE A 80 6.00 2.88 0.60
CA PHE A 80 4.84 2.01 0.67
C PHE A 80 4.65 1.24 -0.63
N ARG A 81 3.94 0.11 -0.55
CA ARG A 81 3.69 -0.71 -1.72
C ARG A 81 2.25 -1.24 -1.71
N LEU A 82 1.88 -1.95 -2.77
CA LEU A 82 0.54 -2.51 -2.90
C LEU A 82 0.54 -3.74 -3.80
N ARG A 83 -0.21 -4.75 -3.41
CA ARG A 83 -0.31 -5.98 -4.18
C ARG A 83 -1.69 -6.62 -4.04
N ALA A 84 -2.25 -7.07 -5.16
CA ALA A 84 -3.57 -7.70 -5.15
C ALA A 84 -3.45 -9.22 -5.19
N ALA A 85 -4.46 -9.90 -4.67
CA ALA A 85 -4.47 -11.36 -4.65
C ALA A 85 -5.83 -11.91 -5.09
N ASN A 86 -5.81 -13.02 -5.81
CA ASN A 86 -7.03 -13.64 -6.29
C ASN A 86 -6.98 -15.16 -6.09
N LYS A 87 -8.07 -15.83 -6.45
CA LYS A 87 -8.16 -17.28 -6.33
C LYS A 87 -6.83 -17.94 -6.69
N MET A 88 -6.07 -17.29 -7.56
CA MET A 88 -4.78 -17.81 -7.99
C MET A 88 -3.72 -17.58 -6.92
N GLY A 89 -3.46 -16.32 -6.60
CA GLY A 89 -2.48 -16.00 -5.58
C GLY A 89 -2.16 -14.51 -5.53
N PHE A 90 -1.05 -14.17 -4.89
CA PHE A 90 -0.64 -12.77 -4.78
C PHE A 90 0.27 -12.37 -5.93
N GLY A 91 0.02 -11.18 -6.48
CA GLY A 91 0.82 -10.69 -7.60
C GLY A 91 1.95 -9.78 -7.14
N PRO A 92 2.61 -9.14 -8.12
CA PRO A 92 3.72 -8.22 -7.83
C PRO A 92 3.26 -6.94 -7.15
N PHE A 93 4.12 -6.39 -6.30
CA PHE A 93 3.80 -5.16 -5.58
C PHE A 93 3.88 -3.95 -6.50
N SER A 94 3.27 -2.86 -6.09
CA SER A 94 3.27 -1.63 -6.88
C SER A 94 4.59 -0.88 -6.72
N GLU A 95 4.66 0.31 -7.31
CA GLU A 95 5.86 1.13 -7.23
C GLU A 95 6.01 1.74 -5.85
N LYS A 96 7.23 1.70 -5.31
CA LYS A 96 7.51 2.25 -3.99
C LYS A 96 7.22 3.74 -3.96
N CYS A 97 6.19 4.12 -3.20
CA CYS A 97 5.81 5.52 -3.08
C CYS A 97 6.39 6.13 -1.81
N ASP A 98 7.34 7.04 -1.98
CA ASP A 98 7.97 7.70 -0.85
C ASP A 98 7.03 8.74 -0.22
N ILE A 99 6.72 8.55 1.06
CA ILE A 99 5.83 9.46 1.76
C ILE A 99 6.48 9.97 3.05
N THR A 100 6.59 11.29 3.17
CA THR A 100 7.19 11.90 4.35
C THR A 100 6.14 12.23 5.40
N THR A 101 6.31 11.68 6.59
CA THR A 101 5.36 11.91 7.68
C THR A 101 5.42 13.36 8.15
N ALA A 102 4.62 13.67 9.16
CA ALA A 102 4.58 15.03 9.71
C ALA A 102 5.77 15.28 10.63
N PRO A 103 6.21 16.54 10.69
CA PRO A 103 7.34 16.95 11.53
C PRO A 103 7.01 16.89 13.01
N GLY A 104 5.81 16.43 13.33
CA GLY A 104 5.40 16.34 14.72
C GLY A 104 4.69 17.58 15.21
N SER A 105 3.37 17.50 15.35
CA SER A 105 2.58 18.63 15.80
C SER A 105 2.17 18.46 17.26
N GLY A 106 2.18 19.56 18.00
CA GLY A 106 1.81 19.51 19.41
C GLY A 106 1.12 20.79 19.86
N PRO A 107 1.25 21.10 21.16
CA PRO A 107 0.64 22.29 21.76
C PRO A 107 1.28 23.58 21.27
N SER A 108 0.53 24.37 20.52
CA SER A 108 1.03 25.63 19.99
C SER A 108 1.87 26.37 21.04
N SER A 109 3.18 26.29 20.90
CA SER A 109 4.09 26.94 21.84
C SER A 109 4.88 28.04 21.15
N GLY A 110 5.60 27.68 20.08
CA GLY A 110 6.39 28.65 19.36
C GLY A 110 5.84 28.92 17.97
N GLY A 1 -9.01 -24.03 -30.02
CA GLY A 1 -8.89 -22.66 -29.57
C GLY A 1 -9.73 -22.37 -28.34
N SER A 2 -10.54 -21.32 -28.40
CA SER A 2 -11.39 -20.94 -27.28
C SER A 2 -10.67 -21.14 -25.96
N SER A 3 -9.36 -20.90 -25.96
CA SER A 3 -8.54 -21.05 -24.76
C SER A 3 -8.88 -19.98 -23.73
N GLY A 4 -8.49 -20.22 -22.48
CA GLY A 4 -8.76 -19.27 -21.43
C GLY A 4 -7.84 -19.44 -20.24
N SER A 5 -6.62 -18.90 -20.34
CA SER A 5 -5.65 -19.01 -19.27
C SER A 5 -5.88 -17.93 -18.21
N SER A 6 -5.41 -18.20 -17.00
CA SER A 6 -5.57 -17.25 -15.90
C SER A 6 -4.39 -17.35 -14.93
N GLY A 7 -4.37 -16.44 -13.96
CA GLY A 7 -3.29 -16.43 -12.98
C GLY A 7 -3.38 -15.25 -12.03
N PRO A 8 -2.27 -14.95 -11.34
CA PRO A 8 -2.20 -13.84 -10.39
C PRO A 8 -2.27 -12.48 -11.07
N PRO A 9 -2.73 -11.47 -10.32
CA PRO A 9 -2.87 -10.10 -10.84
C PRO A 9 -1.52 -9.44 -11.07
N GLY A 10 -1.45 -8.57 -12.07
CA GLY A 10 -0.21 -7.88 -12.38
C GLY A 10 0.18 -6.88 -11.30
N PRO A 11 1.21 -6.07 -11.59
CA PRO A 11 1.70 -5.06 -10.65
C PRO A 11 0.72 -3.91 -10.46
N CYS A 12 0.09 -3.87 -9.29
CA CYS A 12 -0.89 -2.82 -8.99
C CYS A 12 -0.21 -1.46 -8.91
N LEU A 13 -1.01 -0.41 -8.78
CA LEU A 13 -0.49 0.95 -8.70
C LEU A 13 -0.20 1.34 -7.24
N PRO A 14 0.69 2.33 -7.06
CA PRO A 14 1.07 2.81 -5.73
C PRO A 14 -0.06 3.57 -5.04
N PRO A 15 -0.24 3.29 -3.74
CA PRO A 15 -1.29 3.93 -2.94
C PRO A 15 -1.00 5.42 -2.69
N ARG A 16 -2.01 6.26 -2.92
CA ARG A 16 -1.86 7.69 -2.72
C ARG A 16 -2.09 8.07 -1.27
N LEU A 17 -1.47 9.15 -0.83
CA LEU A 17 -1.61 9.62 0.54
C LEU A 17 -2.97 10.27 0.76
N GLN A 18 -3.76 9.70 1.67
CA GLN A 18 -5.08 10.23 1.97
C GLN A 18 -4.99 11.42 2.92
N GLY A 19 -5.98 12.32 2.85
CA GLY A 19 -5.99 13.48 3.70
C GLY A 19 -4.59 14.02 3.97
N ARG A 20 -4.14 13.90 5.21
CA ARG A 20 -2.81 14.39 5.58
C ARG A 20 -2.10 13.38 6.47
N PRO A 21 -0.77 13.26 6.28
CA PRO A 21 0.06 12.34 7.06
C PRO A 21 0.21 12.77 8.51
N LYS A 22 0.39 11.79 9.40
CA LYS A 22 0.54 12.08 10.82
C LYS A 22 1.99 11.88 11.26
N ALA A 23 2.25 12.10 12.54
CA ALA A 23 3.59 11.94 13.09
C ALA A 23 4.03 10.48 13.07
N LYS A 24 3.19 9.61 13.62
CA LYS A 24 3.48 8.18 13.66
C LYS A 24 2.41 7.38 12.94
N GLU A 25 1.68 8.05 12.06
CA GLU A 25 0.61 7.40 11.30
C GLU A 25 0.46 8.03 9.91
N ILE A 26 -0.09 7.27 8.97
CA ILE A 26 -0.28 7.76 7.62
C ILE A 26 -1.46 7.06 6.95
N GLN A 27 -2.30 7.84 6.27
CA GLN A 27 -3.46 7.29 5.59
C GLN A 27 -3.20 7.15 4.10
N LEU A 28 -3.71 6.07 3.51
CA LEU A 28 -3.53 5.80 2.08
C LEU A 28 -4.86 5.44 1.43
N ARG A 29 -4.90 5.56 0.10
CA ARG A 29 -6.11 5.24 -0.66
C ARG A 29 -5.76 4.78 -2.07
N TRP A 30 -5.87 3.48 -2.31
CA TRP A 30 -5.57 2.92 -3.61
C TRP A 30 -6.84 2.36 -4.27
N GLY A 31 -6.67 1.73 -5.42
CA GLY A 31 -7.81 1.17 -6.14
C GLY A 31 -7.47 -0.16 -6.80
N PRO A 32 -8.46 -0.74 -7.49
CA PRO A 32 -8.29 -2.02 -8.18
C PRO A 32 -7.37 -1.92 -9.39
N PRO A 33 -6.47 -2.90 -9.55
CA PRO A 33 -5.52 -2.93 -10.66
C PRO A 33 -6.20 -3.22 -12.00
N LEU A 34 -5.56 -2.78 -13.08
CA LEU A 34 -6.11 -3.00 -14.41
C LEU A 34 -5.95 -4.45 -14.84
N VAL A 35 -4.88 -5.09 -14.38
CA VAL A 35 -4.62 -6.49 -14.71
C VAL A 35 -4.89 -7.39 -13.52
N ASP A 36 -6.14 -7.83 -13.39
CA ASP A 36 -6.53 -8.72 -12.29
C ASP A 36 -6.18 -10.17 -12.60
N GLY A 37 -5.29 -10.36 -13.57
CA GLY A 37 -4.89 -11.70 -13.96
C GLY A 37 -6.04 -12.51 -14.52
N GLY A 38 -7.11 -11.81 -14.93
CA GLY A 38 -8.25 -12.50 -15.49
C GLY A 38 -9.23 -12.96 -14.43
N SER A 39 -8.86 -12.77 -13.16
CA SER A 39 -9.71 -13.18 -12.05
C SER A 39 -10.08 -11.98 -11.19
N PRO A 40 -11.28 -12.03 -10.60
CA PRO A 40 -11.78 -10.96 -9.73
C PRO A 40 -11.03 -10.87 -8.40
N ILE A 41 -10.37 -9.74 -8.18
CA ILE A 41 -9.61 -9.54 -6.95
C ILE A 41 -10.38 -10.03 -5.74
N SER A 42 -9.66 -10.60 -4.78
CA SER A 42 -10.28 -11.11 -3.56
C SER A 42 -9.84 -10.31 -2.35
N CYS A 43 -8.58 -9.90 -2.33
CA CYS A 43 -8.04 -9.13 -1.22
C CYS A 43 -6.73 -8.46 -1.62
N TYR A 44 -6.36 -7.41 -0.89
CA TYR A 44 -5.14 -6.67 -1.18
C TYR A 44 -4.17 -6.77 0.01
N SER A 45 -2.97 -6.21 -0.18
CA SER A 45 -1.95 -6.23 0.87
C SER A 45 -0.97 -5.08 0.69
N VAL A 46 -0.83 -4.26 1.72
CA VAL A 46 0.08 -3.12 1.69
C VAL A 46 1.34 -3.40 2.49
N GLU A 47 2.48 -3.39 1.81
CA GLU A 47 3.76 -3.64 2.47
C GLU A 47 4.60 -2.36 2.54
N MET A 48 4.57 -1.72 3.70
CA MET A 48 5.32 -0.49 3.90
C MET A 48 6.73 -0.79 4.41
N SER A 49 7.68 0.06 4.02
CA SER A 49 9.07 -0.11 4.44
C SER A 49 9.79 1.22 4.52
N PRO A 50 10.61 1.39 5.57
CA PRO A 50 11.38 2.62 5.78
C PRO A 50 12.48 2.81 4.75
N ILE A 51 12.27 3.74 3.83
CA ILE A 51 13.25 4.02 2.79
C ILE A 51 14.67 3.96 3.35
N GLU A 52 14.84 4.40 4.58
CA GLU A 52 16.14 4.39 5.24
C GLU A 52 16.73 2.98 5.27
N LYS A 53 15.89 2.01 5.62
CA LYS A 53 16.32 0.62 5.70
C LYS A 53 15.31 -0.30 5.03
N ASP A 54 15.80 -1.26 4.26
CA ASP A 54 14.93 -2.20 3.57
C ASP A 54 14.30 -3.18 4.55
N GLU A 55 13.20 -2.76 5.16
CA GLU A 55 12.50 -3.60 6.14
C GLU A 55 10.99 -3.59 5.88
N PRO A 56 10.60 -4.04 4.68
CA PRO A 56 9.19 -4.10 4.28
C PRO A 56 8.40 -5.16 5.06
N ARG A 57 7.12 -4.90 5.26
CA ARG A 57 6.27 -5.83 5.99
C ARG A 57 4.79 -5.51 5.76
N GLU A 58 3.94 -6.52 5.87
CA GLU A 58 2.50 -6.34 5.68
C GLU A 58 1.91 -5.52 6.82
N VAL A 59 1.64 -4.24 6.54
CA VAL A 59 1.06 -3.35 7.55
C VAL A 59 -0.46 -3.34 7.47
N TYR A 60 -0.99 -3.92 6.40
CA TYR A 60 -2.43 -3.99 6.20
C TYR A 60 -2.81 -5.12 5.25
N GLN A 61 -4.03 -5.61 5.39
CA GLN A 61 -4.52 -6.70 4.54
C GLN A 61 -6.03 -6.87 4.68
N GLY A 62 -6.75 -6.67 3.59
CA GLY A 62 -8.20 -6.80 3.61
C GLY A 62 -8.80 -6.79 2.23
N SER A 63 -10.07 -6.39 2.14
CA SER A 63 -10.77 -6.33 0.86
C SER A 63 -10.93 -4.88 0.39
N GLU A 64 -10.77 -3.95 1.31
CA GLU A 64 -10.90 -2.53 1.00
C GLU A 64 -9.66 -2.02 0.28
N VAL A 65 -9.71 -0.77 -0.17
CA VAL A 65 -8.59 -0.16 -0.88
C VAL A 65 -8.11 1.09 -0.15
N GLU A 66 -8.32 1.12 1.16
CA GLU A 66 -7.90 2.26 1.98
C GLU A 66 -7.69 1.85 3.42
N CYS A 67 -6.56 2.25 3.99
CA CYS A 67 -6.25 1.91 5.37
C CYS A 67 -5.43 3.03 6.03
N THR A 68 -5.06 2.83 7.29
CA THR A 68 -4.29 3.82 8.03
C THR A 68 -3.12 3.16 8.77
N VAL A 69 -1.90 3.44 8.31
CA VAL A 69 -0.71 2.88 8.93
C VAL A 69 -0.35 3.63 10.20
N SER A 70 0.34 2.95 11.11
CA SER A 70 0.76 3.55 12.37
C SER A 70 2.08 2.97 12.85
N SER A 71 2.51 3.37 14.04
CA SER A 71 3.76 2.90 14.61
C SER A 71 4.95 3.36 13.77
N LEU A 72 4.85 4.58 13.23
CA LEU A 72 5.91 5.13 12.39
C LEU A 72 6.60 6.29 13.10
N LEU A 73 7.59 6.88 12.44
CA LEU A 73 8.33 7.99 13.00
C LEU A 73 8.06 9.28 12.22
N PRO A 74 7.85 10.39 12.95
CA PRO A 74 7.58 11.69 12.35
C PRO A 74 8.81 12.27 11.63
N GLY A 75 8.55 13.15 10.67
CA GLY A 75 9.64 13.76 9.93
C GLY A 75 10.52 12.74 9.25
N LYS A 76 9.94 11.59 8.91
CA LYS A 76 10.69 10.52 8.25
C LYS A 76 9.90 9.97 7.06
N THR A 77 10.62 9.61 6.00
CA THR A 77 10.00 9.07 4.79
C THR A 77 9.83 7.57 4.90
N TYR A 78 8.87 7.03 4.15
CA TYR A 78 8.60 5.59 4.15
C TYR A 78 8.10 5.13 2.80
N SER A 79 8.72 4.07 2.28
CA SER A 79 8.34 3.52 0.98
C SER A 79 7.18 2.53 1.13
N PHE A 80 6.02 2.91 0.60
CA PHE A 80 4.85 2.05 0.68
C PHE A 80 4.62 1.32 -0.65
N ARG A 81 3.98 0.15 -0.58
CA ARG A 81 3.71 -0.64 -1.76
C ARG A 81 2.28 -1.18 -1.75
N LEU A 82 1.91 -1.90 -2.80
CA LEU A 82 0.57 -2.47 -2.91
C LEU A 82 0.57 -3.71 -3.78
N ARG A 83 -0.29 -4.67 -3.43
CA ARG A 83 -0.38 -5.91 -4.19
C ARG A 83 -1.75 -6.56 -4.01
N ALA A 84 -2.33 -7.02 -5.11
CA ALA A 84 -3.65 -7.66 -5.07
C ALA A 84 -3.52 -9.18 -5.18
N ALA A 85 -4.52 -9.88 -4.68
CA ALA A 85 -4.53 -11.34 -4.73
C ALA A 85 -5.88 -11.87 -5.19
N ASN A 86 -5.87 -13.03 -5.84
CA ASN A 86 -7.10 -13.64 -6.34
C ASN A 86 -7.09 -15.15 -6.08
N LYS A 87 -8.11 -15.82 -6.58
CA LYS A 87 -8.23 -17.27 -6.41
C LYS A 87 -6.92 -17.97 -6.78
N MET A 88 -6.07 -17.28 -7.52
CA MET A 88 -4.78 -17.83 -7.93
C MET A 88 -3.74 -17.62 -6.85
N GLY A 89 -3.53 -16.37 -6.46
CA GLY A 89 -2.55 -16.06 -5.43
C GLY A 89 -2.23 -14.58 -5.36
N PHE A 90 -1.13 -14.25 -4.70
CA PHE A 90 -0.71 -12.85 -4.56
C PHE A 90 0.29 -12.48 -5.63
N GLY A 91 0.02 -11.39 -6.36
CA GLY A 91 0.91 -10.95 -7.41
C GLY A 91 2.00 -10.05 -6.88
N PRO A 92 2.73 -9.39 -7.82
CA PRO A 92 3.83 -8.48 -7.46
C PRO A 92 3.32 -7.19 -6.81
N PHE A 93 4.24 -6.48 -6.17
CA PHE A 93 3.88 -5.23 -5.50
C PHE A 93 3.96 -4.05 -6.47
N SER A 94 3.33 -2.94 -6.11
CA SER A 94 3.32 -1.75 -6.95
C SER A 94 4.61 -0.95 -6.76
N GLU A 95 4.67 0.21 -7.40
CA GLU A 95 5.84 1.07 -7.30
C GLU A 95 5.98 1.64 -5.88
N LYS A 96 7.16 1.45 -5.30
CA LYS A 96 7.43 1.94 -3.94
C LYS A 96 7.24 3.45 -3.87
N CYS A 97 6.17 3.89 -3.23
CA CYS A 97 5.88 5.31 -3.09
C CYS A 97 6.50 5.87 -1.81
N ASP A 98 7.20 6.98 -1.93
CA ASP A 98 7.84 7.61 -0.78
C ASP A 98 6.93 8.66 -0.15
N ILE A 99 6.58 8.46 1.11
CA ILE A 99 5.70 9.39 1.81
C ILE A 99 6.37 9.92 3.06
N THR A 100 6.40 11.25 3.20
CA THR A 100 7.02 11.89 4.36
C THR A 100 5.99 12.20 5.43
N THR A 101 6.19 11.65 6.63
CA THR A 101 5.28 11.87 7.74
C THR A 101 5.30 13.32 8.19
N ALA A 102 4.50 13.64 9.20
CA ALA A 102 4.44 15.00 9.74
C ALA A 102 5.63 15.28 10.64
N PRO A 103 6.04 16.56 10.68
CA PRO A 103 7.18 16.98 11.51
C PRO A 103 6.87 16.94 13.00
N GLY A 104 5.68 16.46 13.33
CA GLY A 104 5.27 16.37 14.73
C GLY A 104 4.86 17.70 15.31
N SER A 105 5.30 17.98 16.53
CA SER A 105 4.97 19.24 17.19
C SER A 105 5.81 20.38 16.64
N GLY A 106 5.40 21.61 16.94
CA GLY A 106 6.13 22.77 16.47
C GLY A 106 5.20 23.92 16.10
N PRO A 107 4.65 23.88 14.89
CA PRO A 107 3.73 24.91 14.39
C PRO A 107 2.40 24.90 15.12
N SER A 108 2.20 23.90 15.98
CA SER A 108 0.96 23.78 16.73
C SER A 108 1.03 24.57 18.03
N SER A 109 0.44 25.77 18.02
CA SER A 109 0.45 26.63 19.20
C SER A 109 -0.96 26.75 19.79
N GLY A 110 -1.96 26.40 18.99
CA GLY A 110 -3.34 26.47 19.45
C GLY A 110 -3.92 27.86 19.31
N GLY A 1 -15.06 -15.47 -18.76
CA GLY A 1 -13.67 -15.83 -18.96
C GLY A 1 -13.47 -16.85 -20.07
N SER A 2 -12.26 -16.96 -20.56
CA SER A 2 -11.94 -17.90 -21.63
C SER A 2 -11.22 -19.12 -21.08
N SER A 3 -11.95 -20.23 -20.95
CA SER A 3 -11.38 -21.46 -20.43
C SER A 3 -9.95 -21.66 -20.94
N GLY A 4 -9.00 -21.72 -20.01
CA GLY A 4 -7.61 -21.90 -20.38
C GLY A 4 -6.69 -22.01 -19.17
N SER A 5 -6.11 -20.89 -18.77
CA SER A 5 -5.20 -20.87 -17.63
C SER A 5 -4.93 -19.44 -17.18
N SER A 6 -5.44 -19.08 -16.01
CA SER A 6 -5.26 -17.74 -15.48
C SER A 6 -4.09 -17.71 -14.49
N GLY A 7 -3.85 -16.53 -13.89
CA GLY A 7 -2.77 -16.40 -12.93
C GLY A 7 -2.96 -15.19 -12.03
N PRO A 8 -1.86 -14.78 -11.36
CA PRO A 8 -1.89 -13.64 -10.44
C PRO A 8 -2.05 -12.31 -11.17
N PRO A 9 -2.54 -11.29 -10.46
CA PRO A 9 -2.75 -9.95 -11.01
C PRO A 9 -1.44 -9.24 -11.32
N GLY A 10 -1.49 -8.34 -12.30
CA GLY A 10 -0.29 -7.60 -12.69
C GLY A 10 0.13 -6.61 -11.63
N PRO A 11 1.09 -5.74 -11.97
CA PRO A 11 1.61 -4.72 -11.06
C PRO A 11 0.59 -3.62 -10.77
N CYS A 12 0.12 -3.55 -9.53
CA CYS A 12 -0.85 -2.54 -9.13
C CYS A 12 -0.21 -1.17 -9.06
N LEU A 13 -1.03 -0.15 -8.81
CA LEU A 13 -0.54 1.22 -8.71
C LEU A 13 -0.25 1.60 -7.26
N PRO A 14 0.64 2.57 -7.08
CA PRO A 14 1.02 3.05 -5.74
C PRO A 14 -0.10 3.81 -5.05
N PRO A 15 -0.23 3.61 -3.73
CA PRO A 15 -1.25 4.27 -2.92
C PRO A 15 -1.01 5.77 -2.78
N ARG A 16 -2.07 6.56 -2.90
CA ARG A 16 -1.96 8.00 -2.78
C ARG A 16 -2.38 8.47 -1.39
N LEU A 17 -1.44 9.06 -0.66
CA LEU A 17 -1.72 9.55 0.69
C LEU A 17 -3.13 10.09 0.79
N GLN A 18 -3.77 9.86 1.94
CA GLN A 18 -5.12 10.33 2.17
C GLN A 18 -5.14 11.57 3.06
N GLY A 19 -5.81 12.62 2.61
CA GLY A 19 -5.89 13.85 3.37
C GLY A 19 -4.51 14.38 3.73
N ARG A 20 -4.06 14.06 4.93
CA ARG A 20 -2.75 14.52 5.40
C ARG A 20 -2.10 13.50 6.32
N PRO A 21 -0.78 13.32 6.18
CA PRO A 21 -0.02 12.36 6.99
C PRO A 21 0.10 12.80 8.44
N LYS A 22 0.48 11.86 9.30
CA LYS A 22 0.63 12.15 10.73
C LYS A 22 2.08 11.98 11.17
N ALA A 23 2.33 12.20 12.45
CA ALA A 23 3.68 12.07 13.00
C ALA A 23 4.13 10.61 13.01
N LYS A 24 3.27 9.73 13.53
CA LYS A 24 3.59 8.31 13.59
C LYS A 24 2.53 7.50 12.84
N GLU A 25 1.73 8.18 12.03
CA GLU A 25 0.69 7.52 11.25
C GLU A 25 0.57 8.13 9.87
N ILE A 26 -0.01 7.37 8.94
CA ILE A 26 -0.18 7.83 7.57
C ILE A 26 -1.33 7.11 6.88
N GLN A 27 -2.30 7.88 6.38
CA GLN A 27 -3.45 7.31 5.70
C GLN A 27 -3.18 7.16 4.20
N LEU A 28 -3.71 6.09 3.62
CA LEU A 28 -3.52 5.83 2.19
C LEU A 28 -4.84 5.45 1.54
N ARG A 29 -4.94 5.70 0.23
CA ARG A 29 -6.15 5.39 -0.52
C ARG A 29 -5.81 4.95 -1.94
N TRP A 30 -5.92 3.65 -2.19
CA TRP A 30 -5.62 3.09 -3.51
C TRP A 30 -6.89 2.53 -4.15
N GLY A 31 -6.72 1.92 -5.32
CA GLY A 31 -7.85 1.34 -6.02
C GLY A 31 -7.50 0.03 -6.70
N PRO A 32 -8.51 -0.61 -7.32
CA PRO A 32 -8.33 -1.89 -8.01
C PRO A 32 -7.52 -1.74 -9.29
N PRO A 33 -6.61 -2.70 -9.52
CA PRO A 33 -5.75 -2.70 -10.71
C PRO A 33 -6.53 -2.99 -11.99
N LEU A 34 -5.86 -2.87 -13.13
CA LEU A 34 -6.49 -3.12 -14.42
C LEU A 34 -6.36 -4.58 -14.82
N VAL A 35 -5.26 -5.21 -14.43
CA VAL A 35 -5.02 -6.62 -14.74
C VAL A 35 -5.17 -7.49 -13.50
N ASP A 36 -6.31 -8.14 -13.39
CA ASP A 36 -6.59 -9.01 -12.25
C ASP A 36 -6.32 -10.48 -12.61
N GLY A 37 -5.61 -10.69 -13.71
CA GLY A 37 -5.30 -12.05 -14.14
C GLY A 37 -6.53 -12.80 -14.61
N GLY A 38 -7.60 -12.06 -14.89
CA GLY A 38 -8.83 -12.69 -15.33
C GLY A 38 -9.82 -12.90 -14.21
N SER A 39 -9.31 -13.07 -13.00
CA SER A 39 -10.16 -13.29 -11.82
C SER A 39 -10.34 -11.99 -11.04
N PRO A 40 -11.54 -11.81 -10.49
CA PRO A 40 -11.87 -10.61 -9.71
C PRO A 40 -11.15 -10.58 -8.37
N ILE A 41 -10.31 -9.57 -8.18
CA ILE A 41 -9.54 -9.41 -6.95
C ILE A 41 -10.36 -9.89 -5.75
N SER A 42 -9.69 -10.55 -4.81
CA SER A 42 -10.36 -11.05 -3.62
C SER A 42 -9.90 -10.29 -2.38
N CYS A 43 -8.59 -10.05 -2.28
CA CYS A 43 -8.02 -9.32 -1.16
C CYS A 43 -6.72 -8.64 -1.56
N TYR A 44 -6.44 -7.51 -0.92
CA TYR A 44 -5.23 -6.74 -1.21
C TYR A 44 -4.26 -6.79 -0.03
N SER A 45 -3.06 -6.26 -0.24
CA SER A 45 -2.03 -6.25 0.81
C SER A 45 -1.07 -5.09 0.60
N VAL A 46 -0.86 -4.31 1.67
CA VAL A 46 0.04 -3.17 1.60
C VAL A 46 1.31 -3.43 2.40
N GLU A 47 2.44 -3.40 1.71
CA GLU A 47 3.74 -3.64 2.36
C GLU A 47 4.55 -2.35 2.43
N MET A 48 4.57 -1.73 3.61
CA MET A 48 5.31 -0.49 3.81
C MET A 48 6.74 -0.78 4.30
N SER A 49 7.68 0.06 3.91
CA SER A 49 9.07 -0.10 4.30
C SER A 49 9.77 1.26 4.41
N PRO A 50 10.52 1.45 5.51
CA PRO A 50 11.25 2.69 5.76
C PRO A 50 12.43 2.87 4.80
N ILE A 51 12.27 3.80 3.87
CA ILE A 51 13.33 4.07 2.89
C ILE A 51 14.70 3.99 3.53
N GLU A 52 14.80 4.46 4.77
CA GLU A 52 16.06 4.43 5.51
C GLU A 52 16.65 3.03 5.53
N LYS A 53 15.81 2.05 5.83
CA LYS A 53 16.24 0.66 5.89
C LYS A 53 15.20 -0.27 5.25
N ASP A 54 15.68 -1.26 4.51
CA ASP A 54 14.81 -2.21 3.85
C ASP A 54 14.14 -3.15 4.86
N GLU A 55 13.01 -2.72 5.40
CA GLU A 55 12.29 -3.52 6.38
C GLU A 55 10.80 -3.61 6.02
N PRO A 56 10.50 -4.26 4.90
CA PRO A 56 9.12 -4.43 4.43
C PRO A 56 8.32 -5.38 5.31
N ARG A 57 7.04 -5.06 5.50
CA ARG A 57 6.16 -5.88 6.32
C ARG A 57 4.69 -5.59 6.00
N GLU A 58 3.83 -6.57 6.28
CA GLU A 58 2.40 -6.42 6.02
C GLU A 58 1.75 -5.52 7.06
N VAL A 59 1.50 -4.27 6.68
CA VAL A 59 0.89 -3.31 7.58
C VAL A 59 -0.63 -3.29 7.41
N TYR A 60 -1.11 -3.95 6.36
CA TYR A 60 -2.54 -4.01 6.08
C TYR A 60 -2.87 -5.18 5.16
N GLN A 61 -4.09 -5.68 5.27
CA GLN A 61 -4.54 -6.80 4.44
C GLN A 61 -6.02 -7.06 4.63
N GLY A 62 -6.80 -6.83 3.57
CA GLY A 62 -8.24 -7.05 3.64
C GLY A 62 -8.89 -7.07 2.27
N SER A 63 -10.02 -6.39 2.15
CA SER A 63 -10.74 -6.34 0.88
C SER A 63 -10.91 -4.90 0.41
N GLU A 64 -10.76 -3.96 1.34
CA GLU A 64 -10.90 -2.55 1.02
C GLU A 64 -9.66 -2.03 0.29
N VAL A 65 -9.73 -0.78 -0.18
CA VAL A 65 -8.61 -0.17 -0.89
C VAL A 65 -8.11 1.06 -0.15
N GLU A 66 -8.34 1.11 1.15
CA GLU A 66 -7.92 2.23 1.97
C GLU A 66 -7.71 1.80 3.42
N CYS A 67 -6.58 2.19 4.00
CA CYS A 67 -6.26 1.85 5.38
C CYS A 67 -5.47 2.96 6.05
N THR A 68 -5.10 2.74 7.31
CA THR A 68 -4.33 3.73 8.07
C THR A 68 -3.12 3.09 8.73
N VAL A 69 -1.94 3.60 8.41
CA VAL A 69 -0.70 3.08 8.98
C VAL A 69 -0.33 3.81 10.26
N SER A 70 0.40 3.13 11.13
CA SER A 70 0.81 3.72 12.41
C SER A 70 2.13 3.12 12.88
N SER A 71 2.61 3.59 14.02
CA SER A 71 3.87 3.10 14.59
C SER A 71 5.06 3.54 13.73
N LEU A 72 4.93 4.71 13.11
CA LEU A 72 5.99 5.24 12.27
C LEU A 72 6.70 6.40 12.95
N LEU A 73 7.79 6.86 12.34
CA LEU A 73 8.56 7.96 12.90
C LEU A 73 8.30 9.26 12.12
N PRO A 74 8.11 10.36 12.85
CA PRO A 74 7.86 11.67 12.26
C PRO A 74 9.07 12.23 11.55
N GLY A 75 8.84 13.15 10.60
CA GLY A 75 9.93 13.74 9.86
C GLY A 75 10.78 12.71 9.13
N LYS A 76 10.19 11.55 8.86
CA LYS A 76 10.89 10.48 8.17
C LYS A 76 10.07 9.95 7.00
N THR A 77 10.76 9.60 5.92
CA THR A 77 10.09 9.08 4.72
C THR A 77 9.91 7.57 4.82
N TYR A 78 8.94 7.05 4.07
CA TYR A 78 8.66 5.62 4.06
C TYR A 78 8.15 5.17 2.69
N SER A 79 8.75 4.11 2.16
CA SER A 79 8.35 3.58 0.87
C SER A 79 7.21 2.58 1.02
N PHE A 80 6.03 2.94 0.50
CA PHE A 80 4.87 2.07 0.57
C PHE A 80 4.65 1.34 -0.74
N ARG A 81 3.96 0.21 -0.68
CA ARG A 81 3.68 -0.60 -1.86
C ARG A 81 2.28 -1.18 -1.81
N LEU A 82 1.87 -1.84 -2.89
CA LEU A 82 0.55 -2.45 -2.96
C LEU A 82 0.56 -3.68 -3.87
N ARG A 83 -0.21 -4.69 -3.50
CA ARG A 83 -0.29 -5.92 -4.28
C ARG A 83 -1.64 -6.58 -4.11
N ALA A 84 -2.22 -7.02 -5.23
CA ALA A 84 -3.53 -7.68 -5.20
C ALA A 84 -3.38 -9.19 -5.30
N ALA A 85 -4.37 -9.91 -4.77
CA ALA A 85 -4.34 -11.37 -4.80
C ALA A 85 -5.68 -11.92 -5.29
N ASN A 86 -5.62 -13.05 -6.01
CA ASN A 86 -6.83 -13.68 -6.55
C ASN A 86 -6.78 -15.19 -6.33
N LYS A 87 -7.83 -15.87 -6.77
CA LYS A 87 -7.92 -17.32 -6.62
C LYS A 87 -6.56 -17.97 -6.87
N MET A 88 -5.73 -17.31 -7.66
CA MET A 88 -4.39 -17.82 -7.97
C MET A 88 -3.42 -17.53 -6.84
N GLY A 89 -3.18 -16.24 -6.59
CA GLY A 89 -2.26 -15.85 -5.53
C GLY A 89 -1.98 -14.37 -5.53
N PHE A 90 -0.92 -13.97 -4.83
CA PHE A 90 -0.53 -12.56 -4.75
C PHE A 90 0.44 -12.19 -5.86
N GLY A 91 0.17 -11.09 -6.54
CA GLY A 91 1.02 -10.65 -7.63
C GLY A 91 2.13 -9.72 -7.15
N PRO A 92 2.81 -9.07 -8.10
CA PRO A 92 3.90 -8.14 -7.79
C PRO A 92 3.41 -6.86 -7.13
N PHE A 93 4.27 -6.25 -6.32
CA PHE A 93 3.92 -5.02 -5.62
C PHE A 93 4.01 -3.82 -6.56
N SER A 94 3.28 -2.77 -6.23
CA SER A 94 3.28 -1.55 -7.04
C SER A 94 4.57 -0.77 -6.85
N GLU A 95 4.63 0.42 -7.46
CA GLU A 95 5.82 1.26 -7.36
C GLU A 95 5.96 1.82 -5.95
N LYS A 96 7.14 1.62 -5.36
CA LYS A 96 7.41 2.11 -4.02
C LYS A 96 7.23 3.62 -3.92
N CYS A 97 6.14 4.04 -3.29
CA CYS A 97 5.85 5.46 -3.13
C CYS A 97 6.40 6.00 -1.82
N ASP A 98 7.29 6.97 -1.90
CA ASP A 98 7.90 7.56 -0.72
C ASP A 98 6.97 8.59 -0.09
N ILE A 99 6.65 8.41 1.18
CA ILE A 99 5.77 9.32 1.89
C ILE A 99 6.44 9.87 3.15
N THR A 100 6.59 11.19 3.20
CA THR A 100 7.21 11.84 4.34
C THR A 100 6.18 12.21 5.41
N THR A 101 6.35 11.67 6.61
CA THR A 101 5.42 11.94 7.70
C THR A 101 5.53 13.40 8.16
N ALA A 102 4.68 13.77 9.11
CA ALA A 102 4.69 15.13 9.64
C ALA A 102 5.83 15.33 10.63
N PRO A 103 6.32 16.57 10.71
CA PRO A 103 7.42 16.94 11.62
C PRO A 103 7.00 16.89 13.08
N GLY A 104 5.76 16.48 13.33
CA GLY A 104 5.26 16.41 14.69
C GLY A 104 4.63 17.70 15.15
N SER A 105 3.47 18.03 14.59
CA SER A 105 2.77 19.26 14.95
C SER A 105 2.50 19.31 16.44
N GLY A 106 2.15 18.17 17.03
CA GLY A 106 1.87 18.11 18.45
C GLY A 106 0.43 18.46 18.77
N PRO A 107 -0.06 17.94 19.91
CA PRO A 107 -1.44 18.17 20.35
C PRO A 107 -1.66 19.62 20.80
N SER A 108 -0.56 20.34 21.01
CA SER A 108 -0.64 21.73 21.44
C SER A 108 -1.57 22.54 20.52
N SER A 109 -2.72 22.93 21.06
CA SER A 109 -3.69 23.70 20.30
C SER A 109 -4.10 24.97 21.04
N GLY A 110 -4.94 25.77 20.41
CA GLY A 110 -5.38 27.00 21.04
C GLY A 110 -6.86 27.27 20.80
N GLY A 1 -10.78 -23.29 -28.76
CA GLY A 1 -9.83 -22.97 -29.80
C GLY A 1 -8.39 -23.17 -29.36
N SER A 2 -8.09 -22.76 -28.14
CA SER A 2 -6.74 -22.89 -27.60
C SER A 2 -6.76 -22.87 -26.08
N SER A 3 -6.40 -24.00 -25.48
CA SER A 3 -6.38 -24.13 -24.02
C SER A 3 -5.86 -22.85 -23.38
N GLY A 4 -6.75 -22.14 -22.67
CA GLY A 4 -6.35 -20.91 -22.02
C GLY A 4 -5.88 -21.13 -20.60
N SER A 5 -5.41 -20.06 -19.96
CA SER A 5 -4.91 -20.15 -18.59
C SER A 5 -5.03 -18.80 -17.88
N SER A 6 -4.94 -18.83 -16.56
CA SER A 6 -5.04 -17.61 -15.76
C SER A 6 -3.93 -17.55 -14.72
N GLY A 7 -3.94 -16.49 -13.92
CA GLY A 7 -2.93 -16.32 -12.89
C GLY A 7 -3.20 -15.14 -11.99
N PRO A 8 -2.17 -14.72 -11.23
CA PRO A 8 -2.29 -13.58 -10.31
C PRO A 8 -2.42 -12.26 -11.05
N PRO A 9 -2.90 -11.23 -10.32
CA PRO A 9 -3.08 -9.88 -10.89
C PRO A 9 -1.76 -9.19 -11.18
N GLY A 10 -1.73 -8.40 -12.24
CA GLY A 10 -0.52 -7.68 -12.60
C GLY A 10 -0.07 -6.71 -11.53
N PRO A 11 0.94 -5.89 -11.85
CA PRO A 11 1.48 -4.89 -10.92
C PRO A 11 0.50 -3.75 -10.66
N CYS A 12 -0.03 -3.70 -9.44
CA CYS A 12 -0.97 -2.66 -9.06
C CYS A 12 -0.29 -1.30 -9.01
N LEU A 13 -1.08 -0.25 -8.80
CA LEU A 13 -0.55 1.11 -8.72
C LEU A 13 -0.26 1.49 -7.28
N PRO A 14 0.62 2.50 -7.11
CA PRO A 14 1.01 2.99 -5.78
C PRO A 14 -0.12 3.71 -5.07
N PRO A 15 -0.21 3.53 -3.75
CA PRO A 15 -1.25 4.16 -2.93
C PRO A 15 -1.04 5.66 -2.79
N ARG A 16 -2.15 6.41 -2.78
CA ARG A 16 -2.08 7.86 -2.65
C ARG A 16 -2.39 8.30 -1.23
N LEU A 17 -1.41 8.94 -0.60
CA LEU A 17 -1.57 9.41 0.77
C LEU A 17 -2.92 10.10 0.96
N GLN A 18 -3.79 9.48 1.77
CA GLN A 18 -5.11 10.05 2.02
C GLN A 18 -5.02 11.31 2.86
N GLY A 19 -5.92 12.25 2.61
CA GLY A 19 -5.92 13.49 3.37
C GLY A 19 -4.52 13.96 3.71
N ARG A 20 -4.23 14.07 5.00
CA ARG A 20 -2.92 14.51 5.46
C ARG A 20 -2.28 13.47 6.38
N PRO A 21 -0.96 13.30 6.25
CA PRO A 21 -0.20 12.34 7.07
C PRO A 21 -0.11 12.75 8.52
N LYS A 22 0.39 11.85 9.37
CA LYS A 22 0.54 12.13 10.79
C LYS A 22 1.98 11.96 11.24
N ALA A 23 2.23 12.18 12.52
CA ALA A 23 3.58 12.05 13.07
C ALA A 23 4.04 10.60 13.03
N LYS A 24 3.24 9.70 13.59
CA LYS A 24 3.57 8.28 13.63
C LYS A 24 2.52 7.47 12.88
N GLU A 25 1.68 8.15 12.11
CA GLU A 25 0.62 7.49 11.35
C GLU A 25 0.47 8.12 9.97
N ILE A 26 -0.15 7.39 9.05
CA ILE A 26 -0.36 7.88 7.70
C ILE A 26 -1.51 7.14 7.02
N GLN A 27 -2.35 7.90 6.31
CA GLN A 27 -3.49 7.32 5.62
C GLN A 27 -3.21 7.19 4.12
N LEU A 28 -3.74 6.12 3.52
CA LEU A 28 -3.54 5.88 2.09
C LEU A 28 -4.87 5.58 1.41
N ARG A 29 -4.90 5.75 0.09
CA ARG A 29 -6.10 5.49 -0.68
C ARG A 29 -5.75 5.03 -2.10
N TRP A 30 -5.96 3.74 -2.35
CA TRP A 30 -5.66 3.17 -3.67
C TRP A 30 -6.92 2.57 -4.29
N GLY A 31 -6.75 1.91 -5.44
CA GLY A 31 -7.88 1.30 -6.11
C GLY A 31 -7.51 0.00 -6.79
N PRO A 32 -8.51 -0.67 -7.39
CA PRO A 32 -8.31 -1.94 -8.08
C PRO A 32 -7.50 -1.79 -9.37
N PRO A 33 -6.58 -2.72 -9.60
CA PRO A 33 -5.72 -2.71 -10.80
C PRO A 33 -6.50 -3.02 -12.07
N LEU A 34 -5.86 -2.82 -13.21
CA LEU A 34 -6.50 -3.08 -14.51
C LEU A 34 -6.42 -4.56 -14.85
N VAL A 35 -5.30 -5.20 -14.50
CA VAL A 35 -5.10 -6.61 -14.78
C VAL A 35 -5.32 -7.45 -13.52
N ASP A 36 -6.46 -8.13 -13.46
CA ASP A 36 -6.79 -8.97 -12.32
C ASP A 36 -6.53 -10.45 -12.64
N GLY A 37 -5.75 -10.69 -13.68
CA GLY A 37 -5.45 -12.06 -14.07
C GLY A 37 -6.67 -12.81 -14.54
N GLY A 38 -7.73 -12.08 -14.87
CA GLY A 38 -8.95 -12.71 -15.33
C GLY A 38 -9.96 -12.89 -14.21
N SER A 39 -9.46 -13.05 -12.99
CA SER A 39 -10.32 -13.25 -11.83
C SER A 39 -10.47 -11.95 -11.04
N PRO A 40 -11.68 -11.72 -10.49
CA PRO A 40 -11.97 -10.52 -9.70
C PRO A 40 -11.24 -10.52 -8.36
N ILE A 41 -10.38 -9.54 -8.16
CA ILE A 41 -9.62 -9.42 -6.93
C ILE A 41 -10.46 -9.85 -5.72
N SER A 42 -9.81 -10.47 -4.75
CA SER A 42 -10.50 -10.93 -3.55
C SER A 42 -9.99 -10.18 -2.32
N CYS A 43 -8.69 -9.95 -2.27
CA CYS A 43 -8.07 -9.25 -1.14
C CYS A 43 -6.78 -8.57 -1.56
N TYR A 44 -6.44 -7.48 -0.88
CA TYR A 44 -5.23 -6.74 -1.20
C TYR A 44 -4.24 -6.80 -0.03
N SER A 45 -3.00 -6.37 -0.28
CA SER A 45 -1.97 -6.38 0.74
C SER A 45 -1.00 -5.23 0.54
N VAL A 46 -0.73 -4.49 1.62
CA VAL A 46 0.19 -3.35 1.56
C VAL A 46 1.45 -3.64 2.36
N GLU A 47 2.61 -3.52 1.68
CA GLU A 47 3.89 -3.76 2.33
C GLU A 47 4.69 -2.48 2.43
N MET A 48 4.64 -1.83 3.60
CA MET A 48 5.37 -0.59 3.83
C MET A 48 6.79 -0.88 4.30
N SER A 49 7.72 -0.02 3.90
CA SER A 49 9.11 -0.17 4.28
C SER A 49 9.80 1.19 4.40
N PRO A 50 10.58 1.37 5.49
CA PRO A 50 11.30 2.61 5.74
C PRO A 50 12.45 2.83 4.77
N ILE A 51 12.24 3.71 3.80
CA ILE A 51 13.26 4.01 2.80
C ILE A 51 14.66 3.97 3.42
N GLU A 52 14.77 4.39 4.67
CA GLU A 52 16.05 4.39 5.37
C GLU A 52 16.64 2.99 5.42
N LYS A 53 15.81 2.01 5.78
CA LYS A 53 16.25 0.63 5.87
C LYS A 53 15.25 -0.31 5.20
N ASP A 54 15.75 -1.37 4.59
CA ASP A 54 14.90 -2.34 3.92
C ASP A 54 14.22 -3.27 4.92
N GLU A 55 13.08 -2.83 5.44
CA GLU A 55 12.33 -3.62 6.41
C GLU A 55 10.85 -3.68 6.05
N PRO A 56 10.55 -4.34 4.92
CA PRO A 56 9.17 -4.48 4.44
C PRO A 56 8.34 -5.41 5.32
N ARG A 57 7.12 -5.00 5.61
CA ARG A 57 6.22 -5.80 6.43
C ARG A 57 4.76 -5.49 6.12
N GLU A 58 3.91 -6.52 6.21
CA GLU A 58 2.50 -6.35 5.92
C GLU A 58 1.83 -5.45 6.96
N VAL A 59 1.64 -4.19 6.59
CA VAL A 59 1.01 -3.23 7.49
C VAL A 59 -0.49 -3.19 7.29
N TYR A 60 -0.98 -3.89 6.28
CA TYR A 60 -2.40 -3.94 5.98
C TYR A 60 -2.73 -5.12 5.08
N GLN A 61 -3.95 -5.62 5.18
CA GLN A 61 -4.40 -6.75 4.37
C GLN A 61 -5.89 -7.00 4.55
N GLY A 62 -6.66 -6.68 3.51
CA GLY A 62 -8.10 -6.88 3.57
C GLY A 62 -8.75 -6.88 2.21
N SER A 63 -9.94 -6.29 2.12
CA SER A 63 -10.67 -6.22 0.86
C SER A 63 -10.83 -4.77 0.41
N GLU A 64 -10.66 -3.84 1.35
CA GLU A 64 -10.80 -2.42 1.05
C GLU A 64 -9.54 -1.89 0.38
N VAL A 65 -9.62 -0.68 -0.16
CA VAL A 65 -8.48 -0.05 -0.82
C VAL A 65 -8.02 1.19 -0.07
N GLU A 66 -8.45 1.30 1.19
CA GLU A 66 -8.08 2.44 2.03
C GLU A 66 -7.81 2.00 3.46
N CYS A 67 -6.62 2.31 3.96
CA CYS A 67 -6.24 1.94 5.32
C CYS A 67 -5.44 3.06 5.97
N THR A 68 -5.00 2.82 7.20
CA THR A 68 -4.22 3.81 7.95
C THR A 68 -3.05 3.16 8.65
N VAL A 69 -1.83 3.53 8.23
CA VAL A 69 -0.62 2.98 8.84
C VAL A 69 -0.24 3.74 10.10
N SER A 70 0.33 3.02 11.07
CA SER A 70 0.74 3.63 12.33
C SER A 70 2.06 3.04 12.82
N SER A 71 2.54 3.55 13.94
CA SER A 71 3.80 3.08 14.51
C SER A 71 4.99 3.54 13.67
N LEU A 72 4.86 4.73 13.10
CA LEU A 72 5.92 5.30 12.27
C LEU A 72 6.62 6.45 12.99
N LEU A 73 7.68 6.96 12.38
CA LEU A 73 8.45 8.06 12.96
C LEU A 73 8.20 9.36 12.19
N PRO A 74 8.01 10.46 12.92
CA PRO A 74 7.77 11.78 12.34
C PRO A 74 9.00 12.33 11.64
N GLY A 75 8.78 13.16 10.62
CA GLY A 75 9.89 13.75 9.89
C GLY A 75 10.72 12.71 9.17
N LYS A 76 10.12 11.56 8.88
CA LYS A 76 10.82 10.48 8.21
C LYS A 76 9.99 9.94 7.04
N THR A 77 10.66 9.57 5.96
CA THR A 77 9.98 9.04 4.78
C THR A 77 9.84 7.53 4.86
N TYR A 78 8.86 6.99 4.14
CA TYR A 78 8.63 5.55 4.13
C TYR A 78 8.10 5.09 2.77
N SER A 79 8.72 4.06 2.22
CA SER A 79 8.30 3.52 0.92
C SER A 79 7.17 2.51 1.09
N PHE A 80 6.00 2.85 0.56
CA PHE A 80 4.84 1.96 0.65
C PHE A 80 4.65 1.19 -0.66
N ARG A 81 4.00 0.05 -0.56
CA ARG A 81 3.74 -0.79 -1.74
C ARG A 81 2.32 -1.33 -1.71
N LEU A 82 1.91 -1.95 -2.82
CA LEU A 82 0.56 -2.50 -2.94
C LEU A 82 0.57 -3.75 -3.83
N ARG A 83 -0.25 -4.73 -3.46
CA ARG A 83 -0.35 -5.97 -4.23
C ARG A 83 -1.71 -6.62 -4.05
N ALA A 84 -2.30 -7.06 -5.16
CA ALA A 84 -3.61 -7.70 -5.11
C ALA A 84 -3.48 -9.22 -5.12
N ALA A 85 -4.51 -9.91 -4.66
CA ALA A 85 -4.51 -11.37 -4.61
C ALA A 85 -5.85 -11.93 -5.08
N ASN A 86 -5.78 -13.01 -5.86
CA ASN A 86 -6.99 -13.65 -6.37
C ASN A 86 -6.92 -15.16 -6.19
N LYS A 87 -7.95 -15.86 -6.68
CA LYS A 87 -8.01 -17.31 -6.57
C LYS A 87 -6.70 -17.94 -7.04
N MET A 88 -5.94 -17.20 -7.83
CA MET A 88 -4.66 -17.68 -8.34
C MET A 88 -3.55 -17.50 -7.30
N GLY A 89 -3.50 -16.30 -6.73
CA GLY A 89 -2.47 -16.01 -5.74
C GLY A 89 -2.10 -14.54 -5.69
N PHE A 90 -1.11 -14.21 -4.87
CA PHE A 90 -0.66 -12.82 -4.75
C PHE A 90 0.25 -12.45 -5.91
N GLY A 91 0.04 -11.26 -6.47
CA GLY A 91 0.84 -10.80 -7.58
C GLY A 91 1.97 -9.88 -7.14
N PRO A 92 2.64 -9.25 -8.11
CA PRO A 92 3.75 -8.33 -7.84
C PRO A 92 3.29 -7.04 -7.18
N PHE A 93 4.17 -6.44 -6.39
CA PHE A 93 3.86 -5.19 -5.69
C PHE A 93 3.89 -4.02 -6.64
N SER A 94 3.23 -2.93 -6.26
CA SER A 94 3.18 -1.73 -7.09
C SER A 94 4.44 -0.89 -6.91
N GLU A 95 4.46 0.28 -7.53
CA GLU A 95 5.60 1.18 -7.44
C GLU A 95 5.74 1.75 -6.03
N LYS A 96 6.97 1.82 -5.54
CA LYS A 96 7.24 2.35 -4.21
C LYS A 96 6.96 3.84 -4.14
N CYS A 97 6.01 4.22 -3.29
CA CYS A 97 5.64 5.63 -3.12
C CYS A 97 6.17 6.18 -1.81
N ASP A 98 7.26 6.95 -1.90
CA ASP A 98 7.87 7.54 -0.71
C ASP A 98 6.95 8.58 -0.09
N ILE A 99 6.60 8.39 1.18
CA ILE A 99 5.73 9.31 1.89
C ILE A 99 6.40 9.86 3.15
N THR A 100 6.51 11.18 3.22
CA THR A 100 7.14 11.82 4.37
C THR A 100 6.09 12.20 5.42
N THR A 101 6.25 11.66 6.63
CA THR A 101 5.32 11.94 7.72
C THR A 101 5.44 13.39 8.17
N ALA A 102 4.60 13.77 9.14
CA ALA A 102 4.61 15.13 9.67
C ALA A 102 5.78 15.34 10.63
N PRO A 103 6.23 16.59 10.74
CA PRO A 103 7.35 16.96 11.61
C PRO A 103 6.97 16.86 13.10
N GLY A 104 5.75 16.43 13.36
CA GLY A 104 5.28 16.31 14.73
C GLY A 104 4.45 17.49 15.18
N SER A 105 4.82 18.07 16.31
CA SER A 105 4.10 19.22 16.85
C SER A 105 4.62 20.52 16.25
N GLY A 106 3.70 21.36 15.77
CA GLY A 106 4.09 22.63 15.19
C GLY A 106 2.93 23.60 15.10
N PRO A 107 3.23 24.90 15.28
CA PRO A 107 2.22 25.96 15.22
C PRO A 107 1.69 26.18 13.81
N SER A 108 0.53 26.81 13.71
CA SER A 108 -0.09 27.08 12.42
C SER A 108 -1.14 28.18 12.53
N SER A 109 -1.01 29.21 11.70
CA SER A 109 -1.94 30.33 11.71
C SER A 109 -2.63 30.48 10.37
N GLY A 110 -3.88 30.94 10.39
CA GLY A 110 -4.64 31.11 9.17
C GLY A 110 -4.34 30.03 8.14
N GLY A 1 -12.22 -12.33 -24.01
CA GLY A 1 -11.45 -13.03 -23.01
C GLY A 1 -11.41 -14.52 -23.23
N SER A 2 -11.16 -15.28 -22.18
CA SER A 2 -11.11 -16.74 -22.27
C SER A 2 -11.35 -17.39 -20.91
N SER A 3 -11.57 -18.69 -20.91
CA SER A 3 -11.83 -19.43 -19.68
C SER A 3 -10.85 -20.60 -19.53
N GLY A 4 -9.87 -20.42 -18.65
CA GLY A 4 -8.88 -21.46 -18.44
C GLY A 4 -7.54 -20.91 -18.02
N SER A 5 -6.77 -20.42 -18.99
CA SER A 5 -5.45 -19.87 -18.72
C SER A 5 -5.56 -18.60 -17.86
N SER A 6 -5.40 -18.75 -16.56
CA SER A 6 -5.49 -17.62 -15.64
C SER A 6 -4.26 -17.56 -14.74
N GLY A 7 -4.16 -16.50 -13.95
CA GLY A 7 -3.03 -16.34 -13.05
C GLY A 7 -3.18 -15.16 -12.12
N PRO A 8 -2.09 -14.78 -11.44
CA PRO A 8 -2.09 -13.65 -10.51
C PRO A 8 -2.22 -12.31 -11.22
N PRO A 9 -2.67 -11.28 -10.48
CA PRO A 9 -2.85 -9.93 -11.02
C PRO A 9 -1.53 -9.25 -11.34
N GLY A 10 -1.55 -8.32 -12.28
CA GLY A 10 -0.34 -7.61 -12.66
C GLY A 10 0.10 -6.62 -11.60
N PRO A 11 1.06 -5.75 -11.95
CA PRO A 11 1.59 -4.74 -11.03
C PRO A 11 0.58 -3.64 -10.75
N CYS A 12 0.15 -3.56 -9.49
CA CYS A 12 -0.82 -2.55 -9.08
C CYS A 12 -0.16 -1.18 -8.95
N LEU A 13 -0.98 -0.14 -8.84
CA LEU A 13 -0.47 1.22 -8.71
C LEU A 13 -0.23 1.58 -7.24
N PRO A 14 0.67 2.54 -7.00
CA PRO A 14 1.01 2.99 -5.65
C PRO A 14 -0.14 3.77 -5.00
N PRO A 15 -0.31 3.57 -3.68
CA PRO A 15 -1.37 4.24 -2.91
C PRO A 15 -1.10 5.73 -2.75
N ARG A 16 -2.14 6.54 -2.98
CA ARG A 16 -2.01 7.99 -2.85
C ARG A 16 -2.42 8.45 -1.46
N LEU A 17 -1.47 9.02 -0.73
CA LEU A 17 -1.72 9.52 0.62
C LEU A 17 -3.15 10.05 0.75
N GLN A 18 -3.76 9.86 1.91
CA GLN A 18 -5.12 10.33 2.16
C GLN A 18 -5.10 11.59 3.01
N GLY A 19 -5.77 12.64 2.53
CA GLY A 19 -5.82 13.89 3.27
C GLY A 19 -4.45 14.38 3.68
N ARG A 20 -4.08 14.11 4.93
CA ARG A 20 -2.79 14.53 5.44
C ARG A 20 -2.20 13.47 6.37
N PRO A 21 -0.88 13.25 6.26
CA PRO A 21 -0.16 12.26 7.07
C PRO A 21 -0.07 12.68 8.54
N LYS A 22 0.36 11.76 9.38
CA LYS A 22 0.50 12.03 10.81
C LYS A 22 1.95 11.87 11.25
N ALA A 23 2.19 12.04 12.54
CA ALA A 23 3.54 11.92 13.10
C ALA A 23 4.01 10.47 13.07
N LYS A 24 3.16 9.57 13.56
CA LYS A 24 3.50 8.15 13.60
C LYS A 24 2.46 7.34 12.83
N GLU A 25 1.66 8.01 12.02
CA GLU A 25 0.63 7.35 11.23
C GLU A 25 0.49 8.00 9.85
N ILE A 26 -0.02 7.24 8.89
CA ILE A 26 -0.20 7.74 7.54
C ILE A 26 -1.36 7.04 6.84
N GLN A 27 -2.37 7.81 6.45
CA GLN A 27 -3.53 7.25 5.77
C GLN A 27 -3.27 7.11 4.27
N LEU A 28 -3.79 6.04 3.68
CA LEU A 28 -3.61 5.77 2.26
C LEU A 28 -4.94 5.40 1.60
N ARG A 29 -5.06 5.67 0.31
CA ARG A 29 -6.27 5.35 -0.43
C ARG A 29 -5.94 4.92 -1.86
N TRP A 30 -6.04 3.63 -2.12
CA TRP A 30 -5.75 3.09 -3.45
C TRP A 30 -7.01 2.51 -4.08
N GLY A 31 -6.85 1.90 -5.25
CA GLY A 31 -7.97 1.30 -5.94
C GLY A 31 -7.62 -0.02 -6.62
N PRO A 32 -8.61 -0.67 -7.22
CA PRO A 32 -8.43 -1.95 -7.91
C PRO A 32 -7.62 -1.81 -9.18
N PRO A 33 -6.69 -2.75 -9.41
CA PRO A 33 -5.83 -2.75 -10.60
C PRO A 33 -6.60 -3.06 -11.87
N LEU A 34 -5.98 -2.80 -13.02
CA LEU A 34 -6.61 -3.05 -14.30
C LEU A 34 -6.50 -4.52 -14.69
N VAL A 35 -5.40 -5.15 -14.29
CA VAL A 35 -5.16 -6.55 -14.58
C VAL A 35 -5.30 -7.41 -13.33
N ASP A 36 -6.51 -7.93 -13.11
CA ASP A 36 -6.77 -8.78 -11.94
C ASP A 36 -6.43 -10.23 -12.24
N GLY A 37 -5.53 -10.44 -13.19
CA GLY A 37 -5.15 -11.80 -13.56
C GLY A 37 -6.30 -12.61 -14.09
N GLY A 38 -7.28 -11.92 -14.67
CA GLY A 38 -8.44 -12.60 -15.23
C GLY A 38 -9.50 -12.89 -14.18
N SER A 39 -9.06 -13.02 -12.93
CA SER A 39 -9.98 -13.32 -11.83
C SER A 39 -10.23 -12.07 -10.98
N PRO A 40 -11.41 -12.03 -10.33
CA PRO A 40 -11.79 -10.90 -9.48
C PRO A 40 -10.98 -10.83 -8.21
N ILE A 41 -10.29 -9.70 -8.01
CA ILE A 41 -9.47 -9.51 -6.82
C ILE A 41 -10.22 -9.93 -5.56
N SER A 42 -9.58 -10.78 -4.75
CA SER A 42 -10.19 -11.26 -3.52
C SER A 42 -9.80 -10.37 -2.34
N CYS A 43 -8.50 -10.10 -2.20
CA CYS A 43 -8.00 -9.27 -1.13
C CYS A 43 -6.68 -8.60 -1.52
N TYR A 44 -6.42 -7.44 -0.94
CA TYR A 44 -5.20 -6.70 -1.23
C TYR A 44 -4.22 -6.76 -0.05
N SER A 45 -3.06 -6.14 -0.22
CA SER A 45 -2.04 -6.13 0.82
C SER A 45 -1.09 -4.96 0.63
N VAL A 46 -0.86 -4.21 1.71
CA VAL A 46 0.04 -3.06 1.66
C VAL A 46 1.32 -3.33 2.44
N GLU A 47 2.44 -3.42 1.72
CA GLU A 47 3.73 -3.67 2.34
C GLU A 47 4.56 -2.40 2.41
N MET A 48 4.53 -1.73 3.57
CA MET A 48 5.29 -0.51 3.76
C MET A 48 6.68 -0.80 4.32
N SER A 49 7.65 0.01 3.92
CA SER A 49 9.03 -0.17 4.39
C SER A 49 9.75 1.17 4.46
N PRO A 50 10.54 1.36 5.53
CA PRO A 50 11.31 2.59 5.74
C PRO A 50 12.44 2.75 4.73
N ILE A 51 12.27 3.66 3.78
CA ILE A 51 13.28 3.90 2.76
C ILE A 51 14.68 3.80 3.35
N GLU A 52 14.85 4.32 4.56
CA GLU A 52 16.14 4.29 5.23
C GLU A 52 16.69 2.88 5.31
N LYS A 53 15.82 1.94 5.68
CA LYS A 53 16.21 0.54 5.79
C LYS A 53 15.21 -0.37 5.11
N ASP A 54 15.70 -1.30 4.30
CA ASP A 54 14.84 -2.23 3.58
C ASP A 54 14.17 -3.20 4.53
N GLU A 55 13.22 -2.69 5.33
CA GLU A 55 12.50 -3.51 6.28
C GLU A 55 11.00 -3.49 6.01
N PRO A 56 10.60 -4.15 4.91
CA PRO A 56 9.20 -4.22 4.50
C PRO A 56 8.36 -5.09 5.45
N ARG A 57 7.08 -4.76 5.56
CA ARG A 57 6.17 -5.51 6.43
C ARG A 57 4.71 -5.22 6.09
N GLU A 58 3.87 -6.24 6.20
CA GLU A 58 2.45 -6.09 5.89
C GLU A 58 1.76 -5.26 6.96
N VAL A 59 1.56 -3.98 6.66
CA VAL A 59 0.89 -3.08 7.60
C VAL A 59 -0.62 -3.10 7.42
N TYR A 60 -1.07 -3.74 6.34
CA TYR A 60 -2.49 -3.83 6.06
C TYR A 60 -2.79 -5.06 5.18
N GLN A 61 -4.02 -5.55 5.27
CA GLN A 61 -4.43 -6.72 4.48
C GLN A 61 -5.92 -6.96 4.63
N GLY A 62 -6.63 -6.89 3.51
CA GLY A 62 -8.07 -7.10 3.53
C GLY A 62 -8.68 -7.08 2.14
N SER A 63 -9.92 -6.59 2.05
CA SER A 63 -10.61 -6.52 0.77
C SER A 63 -10.74 -5.07 0.30
N GLU A 64 -10.80 -4.15 1.26
CA GLU A 64 -10.93 -2.74 0.94
C GLU A 64 -9.70 -2.23 0.18
N VAL A 65 -9.74 -0.97 -0.23
CA VAL A 65 -8.64 -0.38 -0.98
C VAL A 65 -8.08 0.85 -0.24
N GLU A 66 -8.33 0.91 1.06
CA GLU A 66 -7.85 2.03 1.87
C GLU A 66 -7.65 1.60 3.33
N CYS A 67 -6.66 2.19 3.98
CA CYS A 67 -6.36 1.87 5.37
C CYS A 67 -5.50 2.96 6.00
N THR A 68 -5.16 2.77 7.27
CA THR A 68 -4.34 3.73 8.00
C THR A 68 -3.15 3.05 8.66
N VAL A 69 -1.94 3.57 8.38
CA VAL A 69 -0.73 3.01 8.96
C VAL A 69 -0.39 3.68 10.29
N SER A 70 0.42 3.00 11.10
CA SER A 70 0.81 3.53 12.40
C SER A 70 2.12 2.91 12.86
N SER A 71 2.66 3.40 13.96
CA SER A 71 3.91 2.90 14.51
C SER A 71 5.09 3.37 13.66
N LEU A 72 5.00 4.59 13.14
CA LEU A 72 6.06 5.15 12.31
C LEU A 72 6.76 6.29 13.03
N LEU A 73 7.76 6.87 12.36
CA LEU A 73 8.52 7.98 12.94
C LEU A 73 8.27 9.27 12.16
N PRO A 74 8.07 10.37 12.90
CA PRO A 74 7.81 11.69 12.30
C PRO A 74 9.04 12.26 11.61
N GLY A 75 8.82 13.11 10.62
CA GLY A 75 9.92 13.72 9.89
C GLY A 75 10.77 12.69 9.17
N LYS A 76 10.16 11.56 8.84
CA LYS A 76 10.88 10.48 8.14
C LYS A 76 10.07 9.97 6.95
N THR A 77 10.77 9.48 5.94
CA THR A 77 10.12 8.97 4.74
C THR A 77 9.95 7.45 4.82
N TYR A 78 8.97 6.93 4.10
CA TYR A 78 8.70 5.50 4.09
C TYR A 78 8.17 5.05 2.72
N SER A 79 8.79 4.01 2.18
CA SER A 79 8.39 3.47 0.88
C SER A 79 7.22 2.50 1.02
N PHE A 80 6.06 2.90 0.51
CA PHE A 80 4.87 2.07 0.57
C PHE A 80 4.63 1.34 -0.75
N ARG A 81 4.00 0.19 -0.68
CA ARG A 81 3.71 -0.61 -1.87
C ARG A 81 2.29 -1.14 -1.83
N LEU A 82 1.88 -1.81 -2.91
CA LEU A 82 0.54 -2.38 -2.99
C LEU A 82 0.53 -3.62 -3.88
N ARG A 83 -0.22 -4.64 -3.46
CA ARG A 83 -0.32 -5.88 -4.21
C ARG A 83 -1.68 -6.53 -4.03
N ALA A 84 -2.27 -6.98 -5.13
CA ALA A 84 -3.58 -7.63 -5.10
C ALA A 84 -3.45 -9.14 -5.15
N ALA A 85 -4.50 -9.84 -4.74
CA ALA A 85 -4.51 -11.30 -4.74
C ALA A 85 -5.85 -11.83 -5.23
N ASN A 86 -5.80 -12.90 -6.01
CA ASN A 86 -7.02 -13.51 -6.56
C ASN A 86 -7.01 -15.02 -6.31
N LYS A 87 -8.02 -15.70 -6.85
CA LYS A 87 -8.13 -17.14 -6.70
C LYS A 87 -6.84 -17.84 -7.09
N MET A 88 -5.98 -17.12 -7.81
CA MET A 88 -4.70 -17.67 -8.24
C MET A 88 -3.63 -17.47 -7.17
N GLY A 89 -3.42 -16.22 -6.78
CA GLY A 89 -2.42 -15.92 -5.77
C GLY A 89 -2.09 -14.44 -5.71
N PHE A 90 -1.03 -14.10 -4.97
CA PHE A 90 -0.61 -12.72 -4.83
C PHE A 90 0.32 -12.31 -5.97
N GLY A 91 0.09 -11.12 -6.51
CA GLY A 91 0.90 -10.63 -7.61
C GLY A 91 2.01 -9.72 -7.14
N PRO A 92 2.70 -9.08 -8.10
CA PRO A 92 3.80 -8.16 -7.79
C PRO A 92 3.32 -6.86 -7.14
N PHE A 93 4.15 -6.29 -6.29
CA PHE A 93 3.81 -5.06 -5.59
C PHE A 93 3.90 -3.86 -6.53
N SER A 94 3.26 -2.76 -6.15
CA SER A 94 3.26 -1.55 -6.96
C SER A 94 4.58 -0.78 -6.79
N GLU A 95 4.65 0.39 -7.40
CA GLU A 95 5.84 1.22 -7.32
C GLU A 95 6.02 1.78 -5.92
N LYS A 96 7.20 1.55 -5.33
CA LYS A 96 7.50 2.03 -3.99
C LYS A 96 7.34 3.54 -3.91
N CYS A 97 6.22 3.98 -3.34
CA CYS A 97 5.95 5.41 -3.20
C CYS A 97 6.50 5.94 -1.88
N ASP A 98 7.38 6.94 -1.97
CA ASP A 98 7.98 7.54 -0.78
C ASP A 98 7.03 8.53 -0.14
N ILE A 99 6.77 8.35 1.15
CA ILE A 99 5.88 9.23 1.89
C ILE A 99 6.55 9.77 3.15
N THR A 100 6.59 11.08 3.28
CA THR A 100 7.20 11.73 4.43
C THR A 100 6.15 12.12 5.47
N THR A 101 6.24 11.52 6.66
CA THR A 101 5.31 11.81 7.73
C THR A 101 5.38 13.27 8.16
N ALA A 102 4.58 13.64 9.14
CA ALA A 102 4.57 15.01 9.65
C ALA A 102 5.71 15.25 10.62
N PRO A 103 6.18 16.51 10.69
CA PRO A 103 7.28 16.90 11.57
C PRO A 103 6.87 16.87 13.05
N GLY A 104 5.64 16.47 13.30
CA GLY A 104 5.15 16.40 14.67
C GLY A 104 4.49 17.69 15.11
N SER A 105 5.18 18.81 14.89
CA SER A 105 4.66 20.12 15.28
C SER A 105 4.09 20.85 14.07
N GLY A 106 2.79 20.73 13.86
CA GLY A 106 2.15 21.39 12.74
C GLY A 106 1.15 22.44 13.19
N PRO A 107 0.51 23.10 12.20
CA PRO A 107 -0.48 24.15 12.47
C PRO A 107 -1.76 23.60 13.08
N SER A 108 -2.65 24.49 13.48
CA SER A 108 -3.92 24.09 14.09
C SER A 108 -5.02 23.97 13.03
N SER A 109 -6.15 23.41 13.43
CA SER A 109 -7.28 23.23 12.50
C SER A 109 -8.60 23.44 13.22
N GLY A 110 -9.53 24.12 12.56
CA GLY A 110 -10.83 24.38 13.15
C GLY A 110 -11.03 25.85 13.49
N GLY A 1 -6.29 -10.32 -21.47
CA GLY A 1 -5.57 -11.44 -20.91
C GLY A 1 -5.01 -12.36 -21.98
N SER A 2 -4.25 -13.35 -21.56
CA SER A 2 -3.65 -14.31 -22.49
C SER A 2 -4.50 -15.56 -22.62
N SER A 3 -4.47 -16.18 -23.80
CA SER A 3 -5.24 -17.39 -24.06
C SER A 3 -4.55 -18.61 -23.46
N GLY A 4 -5.22 -19.25 -22.50
CA GLY A 4 -4.66 -20.42 -21.86
C GLY A 4 -5.00 -20.51 -20.39
N SER A 5 -3.98 -20.60 -19.55
CA SER A 5 -4.19 -20.70 -18.10
C SER A 5 -4.15 -19.32 -17.45
N SER A 6 -4.80 -19.19 -16.30
CA SER A 6 -4.84 -17.93 -15.58
C SER A 6 -3.73 -17.86 -14.54
N GLY A 7 -3.64 -16.72 -13.86
CA GLY A 7 -2.61 -16.54 -12.85
C GLY A 7 -2.87 -15.35 -11.96
N PRO A 8 -1.84 -14.90 -11.23
CA PRO A 8 -1.93 -13.75 -10.33
C PRO A 8 -2.10 -12.43 -11.08
N PRO A 9 -2.57 -11.40 -10.37
CA PRO A 9 -2.78 -10.07 -10.95
C PRO A 9 -1.47 -9.37 -11.26
N GLY A 10 -1.53 -8.39 -12.17
CA GLY A 10 -0.34 -7.65 -12.55
C GLY A 10 0.09 -6.66 -11.47
N PRO A 11 1.08 -5.81 -11.81
CA PRO A 11 1.60 -4.81 -10.88
C PRO A 11 0.60 -3.69 -10.60
N CYS A 12 0.07 -3.66 -9.39
CA CYS A 12 -0.90 -2.64 -9.00
C CYS A 12 -0.24 -1.26 -8.94
N LEU A 13 -1.06 -0.24 -8.71
CA LEU A 13 -0.56 1.13 -8.64
C LEU A 13 -0.26 1.51 -7.19
N PRO A 14 0.62 2.52 -7.03
CA PRO A 14 1.02 3.00 -5.70
C PRO A 14 -0.11 3.75 -5.00
N PRO A 15 -0.23 3.52 -3.68
CA PRO A 15 -1.28 4.16 -2.86
C PRO A 15 -1.03 5.66 -2.68
N ARG A 16 -2.08 6.45 -2.86
CA ARG A 16 -1.98 7.89 -2.71
C ARG A 16 -2.30 8.33 -1.28
N LEU A 17 -1.34 8.97 -0.63
CA LEU A 17 -1.53 9.43 0.75
C LEU A 17 -2.85 10.18 0.89
N GLN A 18 -3.72 9.66 1.77
CA GLN A 18 -5.02 10.27 2.00
C GLN A 18 -4.88 11.53 2.86
N GLY A 19 -5.76 12.50 2.62
CA GLY A 19 -5.71 13.74 3.38
C GLY A 19 -4.30 14.14 3.75
N ARG A 20 -4.00 14.19 5.04
CA ARG A 20 -2.68 14.57 5.52
C ARG A 20 -2.11 13.50 6.44
N PRO A 21 -0.79 13.25 6.32
CA PRO A 21 -0.09 12.26 7.13
C PRO A 21 0.02 12.68 8.60
N LYS A 22 0.58 11.81 9.42
CA LYS A 22 0.75 12.08 10.85
C LYS A 22 2.19 11.84 11.28
N ALA A 23 2.47 12.10 12.55
CA ALA A 23 3.80 11.91 13.10
C ALA A 23 4.22 10.44 13.02
N LYS A 24 3.39 9.56 13.59
CA LYS A 24 3.68 8.14 13.59
C LYS A 24 2.57 7.36 12.87
N GLU A 25 1.76 8.08 12.09
CA GLU A 25 0.67 7.46 11.35
C GLU A 25 0.51 8.12 9.98
N ILE A 26 -0.04 7.37 9.04
CA ILE A 26 -0.26 7.88 7.69
C ILE A 26 -1.44 7.17 7.02
N GLN A 27 -2.28 7.96 6.35
CA GLN A 27 -3.45 7.41 5.67
C GLN A 27 -3.18 7.24 4.17
N LEU A 28 -3.72 6.18 3.59
CA LEU A 28 -3.54 5.90 2.17
C LEU A 28 -4.87 5.58 1.50
N ARG A 29 -4.91 5.74 0.18
CA ARG A 29 -6.13 5.46 -0.58
C ARG A 29 -5.79 5.00 -1.99
N TRP A 30 -5.95 3.71 -2.24
CA TRP A 30 -5.66 3.15 -3.55
C TRP A 30 -6.91 2.53 -4.16
N GLY A 31 -6.74 1.90 -5.33
CA GLY A 31 -7.87 1.29 -6.00
C GLY A 31 -7.50 -0.04 -6.64
N PRO A 32 -8.50 -0.71 -7.24
CA PRO A 32 -8.30 -2.00 -7.91
C PRO A 32 -7.49 -1.87 -9.19
N PRO A 33 -6.56 -2.83 -9.41
CA PRO A 33 -5.70 -2.84 -10.59
C PRO A 33 -6.49 -3.17 -11.87
N LEU A 34 -5.86 -2.92 -13.01
CA LEU A 34 -6.50 -3.19 -14.30
C LEU A 34 -6.38 -4.66 -14.67
N VAL A 35 -5.24 -5.26 -14.36
CA VAL A 35 -5.01 -6.67 -14.64
C VAL A 35 -5.19 -7.53 -13.40
N ASP A 36 -6.32 -8.20 -13.31
CA ASP A 36 -6.61 -9.07 -12.16
C ASP A 36 -6.31 -10.52 -12.48
N GLY A 37 -5.58 -10.74 -13.57
CA GLY A 37 -5.24 -12.10 -13.98
C GLY A 37 -6.45 -12.89 -14.45
N GLY A 38 -7.52 -12.18 -14.80
CA GLY A 38 -8.73 -12.83 -15.26
C GLY A 38 -9.73 -13.03 -14.15
N SER A 39 -9.24 -13.18 -12.93
CA SER A 39 -10.10 -13.39 -11.78
C SER A 39 -10.27 -12.10 -10.99
N PRO A 40 -11.49 -11.90 -10.44
CA PRO A 40 -11.81 -10.70 -9.65
C PRO A 40 -11.08 -10.69 -8.30
N ILE A 41 -10.24 -9.69 -8.10
CA ILE A 41 -9.49 -9.56 -6.85
C ILE A 41 -10.33 -10.02 -5.66
N SER A 42 -9.69 -10.69 -4.73
CA SER A 42 -10.37 -11.18 -3.53
C SER A 42 -9.89 -10.46 -2.29
N CYS A 43 -8.59 -10.21 -2.23
CA CYS A 43 -7.99 -9.52 -1.08
C CYS A 43 -6.71 -8.79 -1.49
N TYR A 44 -6.48 -7.63 -0.88
CA TYR A 44 -5.30 -6.83 -1.18
C TYR A 44 -4.31 -6.87 -0.02
N SER A 45 -3.11 -6.35 -0.26
CA SER A 45 -2.07 -6.32 0.76
C SER A 45 -1.13 -5.13 0.54
N VAL A 46 -0.93 -4.35 1.59
CA VAL A 46 -0.05 -3.18 1.52
C VAL A 46 1.25 -3.43 2.29
N GLU A 47 2.36 -3.43 1.57
CA GLU A 47 3.67 -3.64 2.19
C GLU A 47 4.45 -2.34 2.28
N MET A 48 4.56 -1.80 3.49
CA MET A 48 5.28 -0.55 3.70
C MET A 48 6.70 -0.83 4.20
N SER A 49 7.62 0.06 3.85
CA SER A 49 9.02 -0.09 4.26
C SER A 49 9.71 1.26 4.33
N PRO A 50 10.53 1.45 5.38
CA PRO A 50 11.26 2.70 5.60
C PRO A 50 12.38 2.90 4.57
N ILE A 51 12.12 3.72 3.57
CA ILE A 51 13.10 3.99 2.53
C ILE A 51 14.51 3.89 3.07
N GLU A 52 14.73 4.45 4.26
CA GLU A 52 16.04 4.43 4.89
C GLU A 52 16.59 3.00 4.94
N LYS A 53 15.78 2.07 5.44
CA LYS A 53 16.18 0.67 5.55
C LYS A 53 15.13 -0.23 4.91
N ASP A 54 15.60 -1.30 4.27
CA ASP A 54 14.71 -2.25 3.62
C ASP A 54 14.07 -3.18 4.64
N GLU A 55 13.05 -2.69 5.33
CA GLU A 55 12.36 -3.49 6.35
C GLU A 55 10.86 -3.56 6.04
N PRO A 56 10.51 -4.25 4.95
CA PRO A 56 9.11 -4.40 4.53
C PRO A 56 8.32 -5.31 5.48
N ARG A 57 7.03 -5.02 5.63
CA ARG A 57 6.16 -5.80 6.51
C ARG A 57 4.70 -5.48 6.25
N GLU A 58 3.90 -6.51 6.04
CA GLU A 58 2.47 -6.33 5.79
C GLU A 58 1.83 -5.49 6.88
N VAL A 59 1.51 -4.24 6.55
CA VAL A 59 0.87 -3.34 7.51
C VAL A 59 -0.63 -3.31 7.33
N TYR A 60 -1.11 -3.96 6.27
CA TYR A 60 -2.54 -4.01 5.99
C TYR A 60 -2.88 -5.20 5.09
N GLN A 61 -4.08 -5.72 5.25
CA GLN A 61 -4.54 -6.86 4.46
C GLN A 61 -6.03 -7.10 4.64
N GLY A 62 -6.80 -6.84 3.59
CA GLY A 62 -8.24 -7.03 3.65
C GLY A 62 -8.88 -7.06 2.28
N SER A 63 -10.03 -6.40 2.15
CA SER A 63 -10.74 -6.35 0.89
C SER A 63 -10.91 -4.91 0.41
N GLU A 64 -10.73 -3.96 1.32
CA GLU A 64 -10.87 -2.55 0.99
C GLU A 64 -9.61 -2.04 0.28
N VAL A 65 -9.66 -0.79 -0.16
CA VAL A 65 -8.53 -0.18 -0.86
C VAL A 65 -8.05 1.08 -0.14
N GLU A 66 -8.35 1.16 1.16
CA GLU A 66 -7.95 2.31 1.96
C GLU A 66 -7.74 1.91 3.41
N CYS A 67 -6.62 2.32 3.98
CA CYS A 67 -6.29 2.01 5.37
C CYS A 67 -5.44 3.11 5.99
N THR A 68 -5.06 2.91 7.25
CA THR A 68 -4.25 3.89 7.97
C THR A 68 -3.09 3.23 8.70
N VAL A 69 -1.88 3.56 8.30
CA VAL A 69 -0.68 2.99 8.93
C VAL A 69 -0.36 3.70 10.24
N SER A 70 0.47 3.06 11.06
CA SER A 70 0.86 3.63 12.34
C SER A 70 2.20 3.07 12.80
N SER A 71 2.63 3.46 14.00
CA SER A 71 3.90 3.01 14.54
C SER A 71 5.06 3.49 13.68
N LEU A 72 4.92 4.69 13.13
CA LEU A 72 5.96 5.27 12.29
C LEU A 72 6.69 6.40 13.01
N LEU A 73 7.76 6.88 12.40
CA LEU A 73 8.55 7.97 12.99
C LEU A 73 8.34 9.27 12.23
N PRO A 74 8.16 10.37 12.98
CA PRO A 74 7.94 11.70 12.39
C PRO A 74 9.20 12.24 11.72
N GLY A 75 9.02 13.07 10.69
CA GLY A 75 10.14 13.64 9.99
C GLY A 75 10.95 12.60 9.24
N LYS A 76 10.31 11.48 8.91
CA LYS A 76 10.97 10.40 8.20
C LYS A 76 10.13 9.93 7.02
N THR A 77 10.79 9.53 5.94
CA THR A 77 10.10 9.05 4.74
C THR A 77 9.92 7.54 4.78
N TYR A 78 8.89 7.06 4.10
CA TYR A 78 8.62 5.63 4.05
C TYR A 78 8.05 5.22 2.68
N SER A 79 8.63 4.17 2.10
CA SER A 79 8.19 3.69 0.80
C SER A 79 7.10 2.64 0.95
N PHE A 80 5.89 2.97 0.50
CA PHE A 80 4.77 2.05 0.58
C PHE A 80 4.58 1.29 -0.72
N ARG A 81 3.79 0.22 -0.68
CA ARG A 81 3.54 -0.58 -1.86
C ARG A 81 2.12 -1.14 -1.85
N LEU A 82 1.79 -1.95 -2.85
CA LEU A 82 0.46 -2.54 -2.95
C LEU A 82 0.47 -3.76 -3.86
N ARG A 83 -0.21 -4.82 -3.45
CA ARG A 83 -0.28 -6.04 -4.24
C ARG A 83 -1.63 -6.71 -4.08
N ALA A 84 -2.22 -7.12 -5.20
CA ALA A 84 -3.53 -7.78 -5.20
C ALA A 84 -3.38 -9.29 -5.29
N ALA A 85 -4.31 -10.01 -4.67
CA ALA A 85 -4.28 -11.46 -4.68
C ALA A 85 -5.61 -12.04 -5.16
N ASN A 86 -5.55 -13.14 -5.90
CA ASN A 86 -6.74 -13.79 -6.42
C ASN A 86 -6.68 -15.29 -6.23
N LYS A 87 -7.69 -16.00 -6.72
CA LYS A 87 -7.75 -17.45 -6.60
C LYS A 87 -6.44 -18.09 -7.03
N MET A 88 -5.64 -17.34 -7.78
CA MET A 88 -4.34 -17.82 -8.26
C MET A 88 -3.26 -17.59 -7.22
N GLY A 89 -3.18 -16.36 -6.72
CA GLY A 89 -2.18 -16.02 -5.73
C GLY A 89 -1.89 -14.54 -5.66
N PHE A 90 -0.87 -14.17 -4.90
CA PHE A 90 -0.49 -12.77 -4.76
C PHE A 90 0.43 -12.33 -5.90
N GLY A 91 0.14 -11.16 -6.47
CA GLY A 91 0.95 -10.66 -7.57
C GLY A 91 2.06 -9.73 -7.10
N PRO A 92 2.73 -9.07 -8.04
CA PRO A 92 3.82 -8.14 -7.75
C PRO A 92 3.33 -6.87 -7.07
N PHE A 93 4.18 -6.29 -6.22
CA PHE A 93 3.84 -5.07 -5.51
C PHE A 93 3.92 -3.86 -6.44
N SER A 94 3.17 -2.81 -6.10
CA SER A 94 3.16 -1.60 -6.91
C SER A 94 4.48 -0.84 -6.78
N GLU A 95 4.54 0.35 -7.38
CA GLU A 95 5.74 1.17 -7.33
C GLU A 95 5.91 1.80 -5.95
N LYS A 96 7.11 1.69 -5.39
CA LYS A 96 7.41 2.25 -4.08
C LYS A 96 7.06 3.73 -4.04
N CYS A 97 6.17 4.10 -3.12
CA CYS A 97 5.77 5.49 -2.97
C CYS A 97 6.31 6.08 -1.67
N ASP A 98 7.31 6.95 -1.79
CA ASP A 98 7.92 7.58 -0.63
C ASP A 98 6.99 8.65 -0.05
N ILE A 99 6.74 8.55 1.25
CA ILE A 99 5.86 9.51 1.92
C ILE A 99 6.50 10.02 3.21
N THR A 100 6.76 11.33 3.25
CA THR A 100 7.38 11.94 4.42
C THR A 100 6.33 12.29 5.48
N THR A 101 6.43 11.65 6.63
CA THR A 101 5.50 11.87 7.72
C THR A 101 5.61 13.30 8.25
N ALA A 102 4.67 13.69 9.11
CA ALA A 102 4.66 15.03 9.68
C ALA A 102 5.85 15.22 10.63
N PRO A 103 6.32 16.47 10.72
CA PRO A 103 7.46 16.82 11.59
C PRO A 103 7.10 16.73 13.07
N GLY A 104 5.87 16.30 13.35
CA GLY A 104 5.44 16.18 14.74
C GLY A 104 4.82 17.47 15.26
N SER A 105 3.63 17.36 15.84
CA SER A 105 2.94 18.52 16.39
C SER A 105 3.79 19.22 17.44
N GLY A 106 3.51 20.50 17.65
CA GLY A 106 4.26 21.26 18.64
C GLY A 106 3.39 22.21 19.43
N PRO A 107 3.30 23.46 18.97
CA PRO A 107 2.49 24.49 19.63
C PRO A 107 0.99 24.23 19.49
N SER A 108 0.63 23.45 18.48
CA SER A 108 -0.77 23.13 18.24
C SER A 108 -1.43 22.58 19.50
N SER A 109 -2.27 23.40 20.12
CA SER A 109 -2.97 23.00 21.34
C SER A 109 -4.48 23.19 21.20
N GLY A 110 -5.23 22.61 22.13
CA GLY A 110 -6.68 22.74 22.09
C GLY A 110 -7.37 21.40 22.22
N GLY A 1 -6.62 -15.88 -27.98
CA GLY A 1 -6.22 -17.18 -28.47
C GLY A 1 -7.01 -18.30 -27.83
N SER A 2 -7.40 -19.28 -28.64
CA SER A 2 -8.18 -20.41 -28.15
C SER A 2 -7.73 -20.81 -26.74
N SER A 3 -6.42 -20.88 -26.54
CA SER A 3 -5.87 -21.24 -25.25
C SER A 3 -5.99 -20.08 -24.25
N GLY A 4 -6.78 -20.29 -23.20
CA GLY A 4 -6.96 -19.26 -22.19
C GLY A 4 -6.47 -19.69 -20.82
N SER A 5 -5.48 -18.98 -20.31
CA SER A 5 -4.92 -19.29 -18.99
C SER A 5 -5.10 -18.12 -18.03
N SER A 6 -5.17 -18.43 -16.74
CA SER A 6 -5.35 -17.41 -15.72
C SER A 6 -4.16 -17.39 -14.76
N GLY A 7 -4.06 -16.32 -13.98
CA GLY A 7 -2.97 -16.19 -13.02
C GLY A 7 -3.16 -15.02 -12.08
N PRO A 8 -2.07 -14.63 -11.40
CA PRO A 8 -2.10 -13.51 -10.44
C PRO A 8 -2.27 -12.16 -11.14
N PRO A 9 -2.73 -11.16 -10.39
CA PRO A 9 -2.96 -9.81 -10.90
C PRO A 9 -1.64 -9.09 -11.22
N GLY A 10 -1.68 -8.21 -12.21
CA GLY A 10 -0.49 -7.47 -12.60
C GLY A 10 -0.05 -6.50 -11.53
N PRO A 11 0.96 -5.68 -11.85
CA PRO A 11 1.50 -4.68 -10.92
C PRO A 11 0.52 -3.54 -10.66
N CYS A 12 0.00 -3.48 -9.44
CA CYS A 12 -0.95 -2.43 -9.06
C CYS A 12 -0.25 -1.09 -8.91
N LEU A 13 -1.03 -0.02 -8.87
CA LEU A 13 -0.49 1.33 -8.73
C LEU A 13 -0.22 1.66 -7.27
N PRO A 14 0.65 2.65 -7.04
CA PRO A 14 1.00 3.10 -5.69
C PRO A 14 -0.14 3.80 -4.98
N PRO A 15 -0.25 3.58 -3.67
CA PRO A 15 -1.30 4.19 -2.85
C PRO A 15 -1.12 5.69 -2.68
N ARG A 16 -2.20 6.45 -2.89
CA ARG A 16 -2.15 7.90 -2.77
C ARG A 16 -2.53 8.34 -1.36
N LEU A 17 -1.60 8.99 -0.67
CA LEU A 17 -1.85 9.46 0.69
C LEU A 17 -3.24 10.05 0.81
N GLN A 18 -3.90 9.76 1.94
CA GLN A 18 -5.24 10.26 2.18
C GLN A 18 -5.21 11.49 3.09
N GLY A 19 -5.99 12.51 2.74
CA GLY A 19 -6.03 13.72 3.53
C GLY A 19 -4.65 14.25 3.86
N ARG A 20 -4.19 13.99 5.07
CA ARG A 20 -2.88 14.45 5.51
C ARG A 20 -2.21 13.41 6.43
N PRO A 21 -0.89 13.25 6.27
CA PRO A 21 -0.12 12.30 7.08
C PRO A 21 0.00 12.73 8.54
N LYS A 22 0.44 11.82 9.39
CA LYS A 22 0.60 12.10 10.81
C LYS A 22 2.05 11.88 11.25
N ALA A 23 2.29 12.06 12.55
CA ALA A 23 3.64 11.87 13.09
C ALA A 23 4.06 10.41 13.02
N LYS A 24 3.23 9.53 13.58
CA LYS A 24 3.52 8.10 13.58
C LYS A 24 2.45 7.32 12.84
N GLU A 25 1.66 8.04 12.04
CA GLU A 25 0.59 7.41 11.26
C GLU A 25 0.44 8.07 9.90
N ILE A 26 -0.07 7.33 8.93
CA ILE A 26 -0.26 7.84 7.58
C ILE A 26 -1.42 7.12 6.88
N GLN A 27 -2.37 7.90 6.37
CA GLN A 27 -3.52 7.35 5.68
C GLN A 27 -3.22 7.16 4.19
N LEU A 28 -3.76 6.10 3.61
CA LEU A 28 -3.56 5.81 2.20
C LEU A 28 -4.88 5.51 1.50
N ARG A 29 -4.92 5.72 0.20
CA ARG A 29 -6.13 5.47 -0.59
C ARG A 29 -5.78 5.00 -1.99
N TRP A 30 -5.96 3.71 -2.24
CA TRP A 30 -5.66 3.13 -3.54
C TRP A 30 -6.91 2.53 -4.18
N GLY A 31 -6.76 1.94 -5.35
CA GLY A 31 -7.89 1.35 -6.04
C GLY A 31 -7.53 0.02 -6.69
N PRO A 32 -8.53 -0.63 -7.31
CA PRO A 32 -8.35 -1.91 -7.98
C PRO A 32 -7.51 -1.80 -9.24
N PRO A 33 -6.60 -2.77 -9.45
CA PRO A 33 -5.72 -2.80 -10.62
C PRO A 33 -6.49 -3.09 -11.92
N LEU A 34 -5.84 -2.84 -13.05
CA LEU A 34 -6.46 -3.08 -14.34
C LEU A 34 -6.33 -4.54 -14.74
N VAL A 35 -5.17 -5.13 -14.44
CA VAL A 35 -4.93 -6.54 -14.77
C VAL A 35 -5.09 -7.42 -13.54
N ASP A 36 -6.22 -8.13 -13.47
CA ASP A 36 -6.51 -9.01 -12.35
C ASP A 36 -6.21 -10.47 -12.72
N GLY A 37 -5.43 -10.66 -13.77
CA GLY A 37 -5.07 -11.99 -14.21
C GLY A 37 -6.28 -12.78 -14.70
N GLY A 38 -7.36 -12.06 -14.99
CA GLY A 38 -8.57 -12.72 -15.47
C GLY A 38 -9.59 -12.92 -14.37
N SER A 39 -9.10 -13.10 -13.14
CA SER A 39 -9.98 -13.32 -12.00
C SER A 39 -10.16 -12.03 -11.20
N PRO A 40 -11.37 -11.83 -10.67
CA PRO A 40 -11.70 -10.65 -9.87
C PRO A 40 -11.00 -10.64 -8.52
N ILE A 41 -10.17 -9.63 -8.29
CA ILE A 41 -9.43 -9.51 -7.04
C ILE A 41 -10.25 -10.04 -5.87
N SER A 42 -9.58 -10.69 -4.93
CA SER A 42 -10.25 -11.25 -3.76
C SER A 42 -9.73 -10.59 -2.48
N CYS A 43 -8.60 -9.91 -2.58
CA CYS A 43 -8.02 -9.23 -1.44
C CYS A 43 -6.80 -8.40 -1.85
N TYR A 44 -6.29 -7.60 -0.93
CA TYR A 44 -5.13 -6.76 -1.21
C TYR A 44 -4.11 -6.84 -0.07
N SER A 45 -2.98 -6.19 -0.26
CA SER A 45 -1.92 -6.18 0.75
C SER A 45 -1.01 -4.97 0.57
N VAL A 46 -0.75 -4.27 1.68
CA VAL A 46 0.10 -3.09 1.65
C VAL A 46 1.40 -3.34 2.41
N GLU A 47 2.51 -3.38 1.68
CA GLU A 47 3.83 -3.61 2.28
C GLU A 47 4.62 -2.32 2.37
N MET A 48 4.68 -1.75 3.57
CA MET A 48 5.41 -0.51 3.79
C MET A 48 6.83 -0.79 4.27
N SER A 49 7.78 0.03 3.83
CA SER A 49 9.18 -0.13 4.22
C SER A 49 9.88 1.22 4.31
N PRO A 50 10.67 1.40 5.38
CA PRO A 50 11.41 2.63 5.62
C PRO A 50 12.53 2.84 4.61
N ILE A 51 12.34 3.77 3.69
CA ILE A 51 13.34 4.07 2.66
C ILE A 51 14.75 3.93 3.22
N GLU A 52 14.93 4.36 4.47
CA GLU A 52 16.24 4.29 5.12
C GLU A 52 16.76 2.86 5.11
N LYS A 53 15.90 1.92 5.49
CA LYS A 53 16.28 0.50 5.53
C LYS A 53 15.22 -0.36 4.86
N ASP A 54 15.67 -1.35 4.10
CA ASP A 54 14.77 -2.26 3.40
C ASP A 54 14.14 -3.25 4.37
N GLU A 55 13.16 -2.79 5.14
CA GLU A 55 12.48 -3.64 6.11
C GLU A 55 10.99 -3.70 5.83
N PRO A 56 10.61 -4.37 4.73
CA PRO A 56 9.21 -4.51 4.33
C PRO A 56 8.43 -5.43 5.26
N ARG A 57 7.23 -4.99 5.64
CA ARG A 57 6.38 -5.77 6.53
C ARG A 57 4.91 -5.44 6.31
N GLU A 58 4.09 -6.47 6.14
CA GLU A 58 2.66 -6.28 5.92
C GLU A 58 2.05 -5.40 7.01
N VAL A 59 1.66 -4.19 6.64
CA VAL A 59 1.07 -3.25 7.58
C VAL A 59 -0.46 -3.27 7.47
N TYR A 60 -0.97 -3.91 6.43
CA TYR A 60 -2.41 -3.99 6.22
C TYR A 60 -2.75 -5.12 5.24
N GLN A 61 -3.95 -5.67 5.38
CA GLN A 61 -4.39 -6.76 4.51
C GLN A 61 -5.88 -7.00 4.68
N GLY A 62 -6.63 -6.86 3.58
CA GLY A 62 -8.07 -7.08 3.63
C GLY A 62 -8.70 -7.07 2.25
N SER A 63 -9.85 -6.41 2.12
CA SER A 63 -10.55 -6.34 0.85
C SER A 63 -10.75 -4.88 0.43
N GLU A 64 -10.64 -3.97 1.38
CA GLU A 64 -10.81 -2.55 1.11
C GLU A 64 -9.59 -2.00 0.37
N VAL A 65 -9.73 -0.78 -0.15
CA VAL A 65 -8.65 -0.13 -0.88
C VAL A 65 -8.18 1.13 -0.17
N GLU A 66 -8.50 1.22 1.12
CA GLU A 66 -8.12 2.39 1.91
C GLU A 66 -7.94 2.01 3.38
N CYS A 67 -6.78 2.32 3.93
CA CYS A 67 -6.48 2.02 5.32
C CYS A 67 -5.57 3.08 5.93
N THR A 68 -5.22 2.89 7.20
CA THR A 68 -4.36 3.83 7.91
C THR A 68 -3.18 3.12 8.57
N VAL A 69 -1.98 3.62 8.32
CA VAL A 69 -0.77 3.03 8.89
C VAL A 69 -0.38 3.74 10.18
N SER A 70 0.32 3.02 11.05
CA SER A 70 0.76 3.57 12.33
C SER A 70 2.08 2.96 12.77
N SER A 71 2.60 3.42 13.90
CA SER A 71 3.87 2.92 14.41
C SER A 71 5.03 3.40 13.56
N LEU A 72 4.96 4.64 13.11
CA LEU A 72 6.01 5.22 12.27
C LEU A 72 6.70 6.38 12.99
N LEU A 73 7.76 6.88 12.39
CA LEU A 73 8.52 7.99 12.98
C LEU A 73 8.28 9.28 12.19
N PRO A 74 8.08 10.39 12.92
CA PRO A 74 7.83 11.70 12.30
C PRO A 74 9.09 12.25 11.63
N GLY A 75 8.88 13.09 10.61
CA GLY A 75 10.00 13.68 9.90
C GLY A 75 10.84 12.64 9.18
N LYS A 76 10.23 11.50 8.87
CA LYS A 76 10.93 10.42 8.19
C LYS A 76 10.10 9.89 7.01
N THR A 77 10.78 9.50 5.94
CA THR A 77 10.12 8.99 4.76
C THR A 77 9.96 7.48 4.83
N TYR A 78 8.98 6.94 4.09
CA TYR A 78 8.73 5.51 4.07
C TYR A 78 8.17 5.08 2.72
N SER A 79 8.79 4.05 2.13
CA SER A 79 8.36 3.55 0.83
C SER A 79 7.23 2.53 1.00
N PHE A 80 6.05 2.89 0.50
CA PHE A 80 4.88 2.03 0.60
C PHE A 80 4.67 1.25 -0.71
N ARG A 81 3.87 0.20 -0.64
CA ARG A 81 3.60 -0.62 -1.81
C ARG A 81 2.18 -1.21 -1.74
N LEU A 82 1.76 -1.86 -2.82
CA LEU A 82 0.44 -2.46 -2.89
C LEU A 82 0.44 -3.68 -3.79
N ARG A 83 -0.39 -4.67 -3.45
CA ARG A 83 -0.48 -5.90 -4.22
C ARG A 83 -1.83 -6.57 -4.02
N ALA A 84 -2.45 -7.00 -5.12
CA ALA A 84 -3.75 -7.65 -5.08
C ALA A 84 -3.60 -9.16 -5.20
N ALA A 85 -4.53 -9.90 -4.59
CA ALA A 85 -4.51 -11.35 -4.64
C ALA A 85 -5.82 -11.90 -5.16
N ASN A 86 -5.76 -13.06 -5.82
CA ASN A 86 -6.95 -13.69 -6.38
C ASN A 86 -6.89 -15.20 -6.22
N LYS A 87 -7.95 -15.89 -6.65
CA LYS A 87 -8.00 -17.34 -6.54
C LYS A 87 -6.66 -17.96 -6.86
N MET A 88 -5.85 -17.26 -7.65
CA MET A 88 -4.53 -17.74 -8.02
C MET A 88 -3.52 -17.48 -6.92
N GLY A 89 -3.34 -16.21 -6.57
CA GLY A 89 -2.40 -15.86 -5.52
C GLY A 89 -2.08 -14.37 -5.51
N PHE A 90 -1.02 -14.00 -4.79
CA PHE A 90 -0.62 -12.60 -4.71
C PHE A 90 0.33 -12.24 -5.85
N GLY A 91 0.09 -11.08 -6.45
CA GLY A 91 0.93 -10.64 -7.56
C GLY A 91 2.04 -9.71 -7.11
N PRO A 92 2.70 -9.05 -8.07
CA PRO A 92 3.80 -8.13 -7.79
C PRO A 92 3.31 -6.84 -7.12
N PHE A 93 4.16 -6.27 -6.26
CA PHE A 93 3.81 -5.05 -5.55
C PHE A 93 3.85 -3.85 -6.49
N SER A 94 3.23 -2.75 -6.07
CA SER A 94 3.18 -1.53 -6.87
C SER A 94 4.49 -0.75 -6.73
N GLU A 95 4.51 0.44 -7.33
CA GLU A 95 5.69 1.29 -7.27
C GLU A 95 5.91 1.84 -5.87
N LYS A 96 7.10 1.62 -5.33
CA LYS A 96 7.44 2.09 -3.99
C LYS A 96 7.22 3.60 -3.87
N CYS A 97 6.12 3.98 -3.23
CA CYS A 97 5.79 5.39 -3.04
C CYS A 97 6.34 5.90 -1.71
N ASP A 98 7.31 6.80 -1.79
CA ASP A 98 7.92 7.37 -0.59
C ASP A 98 7.05 8.48 -0.02
N ILE A 99 6.60 8.30 1.22
CA ILE A 99 5.77 9.29 1.88
C ILE A 99 6.42 9.80 3.16
N THR A 100 6.62 11.12 3.23
CA THR A 100 7.23 11.74 4.40
C THR A 100 6.18 12.11 5.44
N THR A 101 6.32 11.54 6.64
CA THR A 101 5.38 11.80 7.72
C THR A 101 5.46 13.27 8.17
N ALA A 102 4.66 13.62 9.16
CA ALA A 102 4.64 14.98 9.68
C ALA A 102 5.77 15.20 10.68
N PRO A 103 6.24 16.45 10.77
CA PRO A 103 7.33 16.82 11.69
C PRO A 103 6.89 16.78 13.15
N GLY A 104 5.65 16.36 13.38
CA GLY A 104 5.13 16.28 14.74
C GLY A 104 4.56 17.59 15.22
N SER A 105 3.27 17.59 15.56
CA SER A 105 2.61 18.79 16.04
C SER A 105 2.56 18.82 17.55
N GLY A 106 2.91 19.97 18.14
CA GLY A 106 2.89 20.11 19.58
C GLY A 106 1.52 19.92 20.17
N PRO A 107 1.46 19.44 21.42
CA PRO A 107 0.19 19.21 22.12
C PRO A 107 -0.52 20.51 22.48
N SER A 108 0.22 21.62 22.46
CA SER A 108 -0.34 22.93 22.78
C SER A 108 -1.76 23.06 22.24
N SER A 109 -2.72 23.21 23.14
CA SER A 109 -4.12 23.34 22.75
C SER A 109 -5.00 23.61 23.97
N GLY A 110 -5.94 24.54 23.81
CA GLY A 110 -6.84 24.88 24.90
C GLY A 110 -7.52 23.67 25.50
N GLY A 1 -7.88 -22.03 -32.67
CA GLY A 1 -8.70 -22.32 -31.50
C GLY A 1 -8.52 -21.30 -30.40
N SER A 2 -9.13 -21.55 -29.25
CA SER A 2 -9.03 -20.65 -28.11
C SER A 2 -8.67 -21.40 -26.83
N SER A 3 -7.54 -21.04 -26.24
CA SER A 3 -7.08 -21.69 -25.01
C SER A 3 -7.26 -20.77 -23.82
N GLY A 4 -7.76 -21.34 -22.72
CA GLY A 4 -7.98 -20.56 -21.52
C GLY A 4 -6.74 -20.49 -20.64
N SER A 5 -6.53 -19.33 -20.01
CA SER A 5 -5.38 -19.13 -19.15
C SER A 5 -5.67 -18.08 -18.08
N SER A 6 -5.24 -18.35 -16.85
CA SER A 6 -5.47 -17.43 -15.74
C SER A 6 -4.29 -17.46 -14.77
N GLY A 7 -4.21 -16.44 -13.92
CA GLY A 7 -3.13 -16.36 -12.95
C GLY A 7 -3.27 -15.16 -12.03
N PRO A 8 -2.16 -14.81 -11.36
CA PRO A 8 -2.14 -13.67 -10.42
C PRO A 8 -2.26 -12.33 -11.14
N PRO A 9 -2.71 -11.31 -10.40
CA PRO A 9 -2.88 -9.95 -10.94
C PRO A 9 -1.55 -9.28 -11.25
N GLY A 10 -1.58 -8.33 -12.18
CA GLY A 10 -0.36 -7.62 -12.54
C GLY A 10 0.08 -6.64 -11.49
N PRO A 11 1.09 -5.81 -11.83
CA PRO A 11 1.61 -4.80 -10.91
C PRO A 11 0.64 -3.66 -10.66
N CYS A 12 0.07 -3.63 -9.46
CA CYS A 12 -0.89 -2.59 -9.08
C CYS A 12 -0.20 -1.25 -8.93
N LEU A 13 -1.00 -0.19 -8.83
CA LEU A 13 -0.46 1.16 -8.68
C LEU A 13 -0.25 1.50 -7.21
N PRO A 14 0.67 2.45 -6.95
CA PRO A 14 0.99 2.89 -5.59
C PRO A 14 -0.15 3.67 -4.94
N PRO A 15 -0.33 3.49 -3.63
CA PRO A 15 -1.38 4.19 -2.87
C PRO A 15 -1.10 5.68 -2.73
N ARG A 16 -2.15 6.48 -2.90
CA ARG A 16 -2.02 7.93 -2.80
C ARG A 16 -2.29 8.40 -1.36
N LEU A 17 -1.27 8.99 -0.74
CA LEU A 17 -1.39 9.49 0.63
C LEU A 17 -2.72 10.21 0.83
N GLN A 18 -3.52 9.72 1.76
CA GLN A 18 -4.82 10.33 2.06
C GLN A 18 -4.65 11.59 2.90
N GLY A 19 -5.45 12.61 2.58
CA GLY A 19 -5.38 13.86 3.32
C GLY A 19 -3.95 14.25 3.66
N ARG A 20 -3.64 14.26 4.95
CA ARG A 20 -2.30 14.61 5.41
C ARG A 20 -1.74 13.55 6.34
N PRO A 21 -0.43 13.30 6.24
CA PRO A 21 0.26 12.29 7.06
C PRO A 21 0.36 12.72 8.52
N LYS A 22 0.74 11.78 9.38
CA LYS A 22 0.88 12.05 10.80
C LYS A 22 2.31 11.81 11.27
N ALA A 23 2.55 11.99 12.56
CA ALA A 23 3.86 11.79 13.14
C ALA A 23 4.27 10.32 13.08
N LYS A 24 3.40 9.45 13.60
CA LYS A 24 3.66 8.02 13.61
C LYS A 24 2.55 7.25 12.90
N GLU A 25 1.83 7.95 12.03
CA GLU A 25 0.73 7.33 11.29
C GLU A 25 0.57 7.98 9.92
N ILE A 26 -0.05 7.25 9.00
CA ILE A 26 -0.26 7.75 7.64
C ILE A 26 -1.44 7.04 6.97
N GLN A 27 -2.35 7.83 6.41
CA GLN A 27 -3.52 7.28 5.74
C GLN A 27 -3.25 7.09 4.26
N LEU A 28 -3.76 5.99 3.70
CA LEU A 28 -3.57 5.69 2.28
C LEU A 28 -4.90 5.34 1.63
N ARG A 29 -5.03 5.67 0.34
CA ARG A 29 -6.24 5.37 -0.41
C ARG A 29 -5.92 4.96 -1.84
N TRP A 30 -6.04 3.67 -2.12
CA TRP A 30 -5.76 3.14 -3.45
C TRP A 30 -7.02 2.55 -4.07
N GLY A 31 -6.87 1.94 -5.25
CA GLY A 31 -7.99 1.36 -5.94
C GLY A 31 -7.65 0.05 -6.62
N PRO A 32 -8.65 -0.60 -7.22
CA PRO A 32 -8.47 -1.88 -7.92
C PRO A 32 -7.65 -1.72 -9.20
N PRO A 33 -6.70 -2.65 -9.41
CA PRO A 33 -5.85 -2.63 -10.60
C PRO A 33 -6.61 -2.98 -11.88
N LEU A 34 -5.99 -2.73 -13.03
CA LEU A 34 -6.61 -3.02 -14.31
C LEU A 34 -6.44 -4.50 -14.67
N VAL A 35 -5.28 -5.06 -14.36
CA VAL A 35 -4.99 -6.45 -14.64
C VAL A 35 -5.14 -7.31 -13.39
N ASP A 36 -6.34 -7.86 -13.20
CA ASP A 36 -6.61 -8.72 -12.04
C ASP A 36 -6.29 -10.17 -12.34
N GLY A 37 -5.35 -10.39 -13.26
CA GLY A 37 -4.97 -11.74 -13.63
C GLY A 37 -6.11 -12.51 -14.26
N GLY A 38 -7.04 -11.78 -14.87
CA GLY A 38 -8.18 -12.43 -15.51
C GLY A 38 -9.32 -12.69 -14.54
N SER A 39 -8.97 -12.87 -13.26
CA SER A 39 -9.97 -13.14 -12.23
C SER A 39 -10.19 -11.92 -11.36
N PRO A 40 -11.39 -11.82 -10.76
CA PRO A 40 -11.76 -10.71 -9.88
C PRO A 40 -10.98 -10.72 -8.57
N ILE A 41 -10.24 -9.64 -8.31
CA ILE A 41 -9.46 -9.53 -7.09
C ILE A 41 -10.21 -10.11 -5.90
N SER A 42 -9.46 -10.64 -4.94
CA SER A 42 -10.05 -11.24 -3.75
C SER A 42 -9.67 -10.44 -2.49
N CYS A 43 -8.38 -10.14 -2.38
CA CYS A 43 -7.89 -9.39 -1.22
C CYS A 43 -6.59 -8.65 -1.57
N TYR A 44 -6.38 -7.50 -0.95
CA TYR A 44 -5.19 -6.71 -1.20
C TYR A 44 -4.23 -6.77 -0.01
N SER A 45 -3.00 -6.31 -0.22
CA SER A 45 -1.98 -6.33 0.82
C SER A 45 -0.99 -5.19 0.64
N VAL A 46 -0.92 -4.31 1.63
CA VAL A 46 -0.01 -3.17 1.58
C VAL A 46 1.26 -3.44 2.37
N GLU A 47 2.40 -3.34 1.71
CA GLU A 47 3.69 -3.58 2.36
C GLU A 47 4.51 -2.30 2.43
N MET A 48 4.56 -1.70 3.62
CA MET A 48 5.30 -0.46 3.82
C MET A 48 6.69 -0.76 4.38
N SER A 49 7.67 0.07 4.00
CA SER A 49 9.04 -0.11 4.46
C SER A 49 9.76 1.24 4.55
N PRO A 50 10.53 1.43 5.63
CA PRO A 50 11.28 2.67 5.85
C PRO A 50 12.45 2.82 4.87
N ILE A 51 12.27 3.71 3.90
CA ILE A 51 13.31 3.95 2.90
C ILE A 51 14.70 3.85 3.51
N GLU A 52 14.84 4.39 4.72
CA GLU A 52 16.13 4.35 5.42
C GLU A 52 16.66 2.93 5.51
N LYS A 53 15.80 2.01 5.90
CA LYS A 53 16.18 0.60 6.03
C LYS A 53 15.19 -0.30 5.32
N ASP A 54 15.70 -1.26 4.57
CA ASP A 54 14.84 -2.20 3.84
C ASP A 54 14.16 -3.17 4.81
N GLU A 55 13.17 -2.66 5.53
CA GLU A 55 12.43 -3.47 6.49
C GLU A 55 10.93 -3.46 6.18
N PRO A 56 10.56 -4.00 5.01
CA PRO A 56 9.17 -4.05 4.57
C PRO A 56 8.34 -5.04 5.39
N ARG A 57 7.05 -4.73 5.54
CA ARG A 57 6.15 -5.59 6.31
C ARG A 57 4.70 -5.25 6.01
N GLU A 58 3.84 -6.27 6.05
CA GLU A 58 2.42 -6.08 5.77
C GLU A 58 1.76 -5.25 6.88
N VAL A 59 1.48 -4.00 6.57
CA VAL A 59 0.84 -3.10 7.53
C VAL A 59 -0.68 -3.16 7.41
N TYR A 60 -1.16 -3.67 6.29
CA TYR A 60 -2.60 -3.78 6.06
C TYR A 60 -2.92 -4.97 5.16
N GLN A 61 -4.13 -5.49 5.28
CA GLN A 61 -4.55 -6.63 4.47
C GLN A 61 -6.05 -6.88 4.64
N GLY A 62 -6.77 -6.91 3.53
CA GLY A 62 -8.20 -7.14 3.57
C GLY A 62 -8.84 -7.14 2.19
N SER A 63 -10.03 -6.57 2.09
CA SER A 63 -10.74 -6.51 0.81
C SER A 63 -10.89 -5.08 0.34
N GLU A 64 -10.89 -4.14 1.29
CA GLU A 64 -11.02 -2.72 0.97
C GLU A 64 -9.83 -2.24 0.15
N VAL A 65 -9.81 -0.94 -0.15
CA VAL A 65 -8.73 -0.34 -0.92
C VAL A 65 -8.12 0.84 -0.18
N GLU A 66 -8.45 0.97 1.09
CA GLU A 66 -7.93 2.06 1.91
C GLU A 66 -7.64 1.59 3.33
N CYS A 67 -6.68 2.24 3.99
CA CYS A 67 -6.31 1.88 5.35
C CYS A 67 -5.48 2.98 5.99
N THR A 68 -5.06 2.76 7.23
CA THR A 68 -4.27 3.74 7.96
C THR A 68 -3.10 3.08 8.68
N VAL A 69 -1.88 3.45 8.30
CA VAL A 69 -0.69 2.89 8.91
C VAL A 69 -0.33 3.64 10.20
N SER A 70 0.33 2.94 11.12
CA SER A 70 0.74 3.54 12.38
C SER A 70 2.03 2.91 12.89
N SER A 71 2.55 3.45 13.99
CA SER A 71 3.79 2.95 14.57
C SER A 71 4.99 3.35 13.72
N LEU A 72 4.94 4.55 13.15
CA LEU A 72 6.03 5.06 12.32
C LEU A 72 6.77 6.19 13.02
N LEU A 73 7.81 6.69 12.36
CA LEU A 73 8.60 7.78 12.92
C LEU A 73 8.31 9.09 12.20
N PRO A 74 8.15 10.17 12.98
CA PRO A 74 7.87 11.50 12.43
C PRO A 74 9.06 12.09 11.69
N GLY A 75 8.78 13.01 10.77
CA GLY A 75 9.84 13.64 10.00
C GLY A 75 10.72 12.63 9.28
N LYS A 76 10.13 11.49 8.94
CA LYS A 76 10.86 10.43 8.24
C LYS A 76 10.06 9.89 7.08
N THR A 77 10.75 9.55 5.99
CA THR A 77 10.09 9.02 4.80
C THR A 77 9.91 7.51 4.90
N TYR A 78 8.95 6.98 4.15
CA TYR A 78 8.68 5.55 4.15
C TYR A 78 8.17 5.09 2.80
N SER A 79 8.79 4.04 2.26
CA SER A 79 8.40 3.51 0.96
C SER A 79 7.23 2.52 1.10
N PHE A 80 6.09 2.91 0.54
CA PHE A 80 4.89 2.07 0.61
C PHE A 80 4.68 1.31 -0.70
N ARG A 81 3.95 0.21 -0.64
CA ARG A 81 3.67 -0.60 -1.81
C ARG A 81 2.27 -1.18 -1.76
N LEU A 82 1.85 -1.83 -2.85
CA LEU A 82 0.53 -2.43 -2.92
C LEU A 82 0.55 -3.67 -3.81
N ARG A 83 -0.27 -4.66 -3.43
CA ARG A 83 -0.34 -5.91 -4.19
C ARG A 83 -1.71 -6.56 -4.02
N ALA A 84 -2.30 -7.00 -5.13
CA ALA A 84 -3.61 -7.64 -5.10
C ALA A 84 -3.46 -9.16 -5.14
N ALA A 85 -4.46 -9.86 -4.61
CA ALA A 85 -4.46 -11.32 -4.59
C ALA A 85 -5.80 -11.88 -5.03
N ASN A 86 -5.76 -13.00 -5.75
CA ASN A 86 -6.98 -13.63 -6.24
C ASN A 86 -6.93 -15.15 -6.01
N LYS A 87 -7.95 -15.84 -6.49
CA LYS A 87 -8.03 -17.29 -6.34
C LYS A 87 -6.69 -17.94 -6.68
N MET A 88 -5.89 -17.24 -7.48
CA MET A 88 -4.58 -17.75 -7.88
C MET A 88 -3.54 -17.51 -6.79
N GLY A 89 -3.35 -16.25 -6.44
CA GLY A 89 -2.39 -15.90 -5.40
C GLY A 89 -2.09 -14.41 -5.37
N PHE A 90 -0.97 -14.05 -4.74
CA PHE A 90 -0.57 -12.65 -4.63
C PHE A 90 0.40 -12.28 -5.74
N GLY A 91 0.12 -11.16 -6.41
CA GLY A 91 0.97 -10.71 -7.50
C GLY A 91 2.08 -9.80 -7.01
N PRO A 92 2.76 -9.13 -7.96
CA PRO A 92 3.85 -8.21 -7.65
C PRO A 92 3.37 -6.94 -6.96
N PHE A 93 4.27 -6.27 -6.25
CA PHE A 93 3.93 -5.04 -5.55
C PHE A 93 4.04 -3.84 -6.48
N SER A 94 3.30 -2.79 -6.16
CA SER A 94 3.31 -1.57 -6.96
C SER A 94 4.62 -0.81 -6.78
N GLU A 95 4.70 0.37 -7.39
CA GLU A 95 5.90 1.20 -7.30
C GLU A 95 6.07 1.77 -5.90
N LYS A 96 7.22 1.54 -5.30
CA LYS A 96 7.51 2.03 -3.95
C LYS A 96 7.34 3.54 -3.88
N CYS A 97 6.21 3.99 -3.36
CA CYS A 97 5.93 5.41 -3.22
C CYS A 97 6.52 5.97 -1.94
N ASP A 98 7.29 7.05 -2.06
CA ASP A 98 7.92 7.68 -0.90
C ASP A 98 6.97 8.68 -0.26
N ILE A 99 6.69 8.48 1.03
CA ILE A 99 5.81 9.36 1.77
C ILE A 99 6.47 9.87 3.05
N THR A 100 6.59 11.18 3.17
CA THR A 100 7.20 11.79 4.35
C THR A 100 6.17 12.06 5.43
N THR A 101 6.42 11.56 6.64
CA THR A 101 5.51 11.76 7.75
C THR A 101 5.53 13.20 8.24
N ALA A 102 4.69 13.51 9.21
CA ALA A 102 4.60 14.85 9.77
C ALA A 102 5.79 15.14 10.68
N PRO A 103 6.21 16.41 10.73
CA PRO A 103 7.34 16.84 11.56
C PRO A 103 7.03 16.78 13.05
N GLY A 104 5.82 16.30 13.37
CA GLY A 104 5.42 16.21 14.77
C GLY A 104 4.70 17.45 15.25
N SER A 105 3.68 17.86 14.51
CA SER A 105 2.90 19.05 14.86
C SER A 105 1.49 18.96 14.29
N GLY A 106 0.55 19.61 14.97
CA GLY A 106 -0.84 19.60 14.51
C GLY A 106 -1.51 20.94 14.68
N PRO A 107 -2.50 21.23 13.82
CA PRO A 107 -3.25 22.48 13.85
C PRO A 107 -4.15 22.58 15.07
N SER A 108 -4.22 21.51 15.85
CA SER A 108 -5.05 21.48 17.04
C SER A 108 -4.40 22.28 18.18
N SER A 109 -5.24 22.79 19.08
CA SER A 109 -4.75 23.57 20.20
C SER A 109 -4.60 22.71 21.45
N GLY A 110 -3.87 23.22 22.43
CA GLY A 110 -3.65 22.49 23.67
C GLY A 110 -2.24 21.95 23.77
N GLY A 1 -16.55 -19.49 -25.45
CA GLY A 1 -15.53 -19.08 -26.40
C GLY A 1 -14.51 -18.15 -25.80
N SER A 2 -13.48 -18.73 -25.17
CA SER A 2 -12.43 -17.94 -24.54
C SER A 2 -11.17 -18.78 -24.33
N SER A 3 -10.14 -18.50 -25.10
CA SER A 3 -8.88 -19.23 -25.01
C SER A 3 -7.91 -18.52 -24.06
N GLY A 4 -7.14 -19.30 -23.31
CA GLY A 4 -6.19 -18.73 -22.38
C GLY A 4 -6.34 -19.29 -20.98
N SER A 5 -5.51 -18.80 -20.05
CA SER A 5 -5.55 -19.26 -18.68
C SER A 5 -5.45 -18.07 -17.71
N SER A 6 -6.18 -18.17 -16.60
CA SER A 6 -6.18 -17.11 -15.60
C SER A 6 -4.95 -17.21 -14.71
N GLY A 7 -4.79 -16.22 -13.82
CA GLY A 7 -3.65 -16.22 -12.92
C GLY A 7 -3.67 -15.04 -11.97
N PRO A 8 -2.51 -14.73 -11.37
CA PRO A 8 -2.36 -13.62 -10.43
C PRO A 8 -2.48 -12.27 -11.12
N PRO A 9 -2.92 -11.26 -10.36
CA PRO A 9 -3.09 -9.89 -10.87
C PRO A 9 -1.75 -9.22 -11.16
N GLY A 10 -1.72 -8.36 -12.19
CA GLY A 10 -0.50 -7.66 -12.55
C GLY A 10 -0.04 -6.71 -11.46
N PRO A 11 0.99 -5.90 -11.78
CA PRO A 11 1.55 -4.93 -10.84
C PRO A 11 0.59 -3.78 -10.56
N CYS A 12 0.00 -3.78 -9.37
CA CYS A 12 -0.94 -2.73 -8.98
C CYS A 12 -0.24 -1.37 -8.94
N LEU A 13 -1.03 -0.32 -8.76
CA LEU A 13 -0.49 1.04 -8.71
C LEU A 13 -0.21 1.44 -7.27
N PRO A 14 0.65 2.47 -7.10
CA PRO A 14 1.02 2.98 -5.78
C PRO A 14 -0.13 3.70 -5.08
N PRO A 15 -0.27 3.48 -3.77
CA PRO A 15 -1.33 4.09 -2.97
C PRO A 15 -1.12 5.60 -2.80
N ARG A 16 -2.19 6.36 -3.02
CA ARG A 16 -2.12 7.81 -2.89
C ARG A 16 -2.41 8.24 -1.46
N LEU A 17 -1.45 8.92 -0.84
CA LEU A 17 -1.60 9.38 0.54
C LEU A 17 -2.95 10.07 0.73
N GLN A 18 -3.74 9.55 1.67
CA GLN A 18 -5.06 10.11 1.96
C GLN A 18 -4.93 11.40 2.77
N GLY A 19 -5.84 12.34 2.53
CA GLY A 19 -5.82 13.59 3.26
C GLY A 19 -4.41 14.05 3.56
N ARG A 20 -4.06 14.07 4.85
CA ARG A 20 -2.74 14.50 5.27
C ARG A 20 -2.11 13.47 6.23
N PRO A 21 -0.78 13.30 6.11
CA PRO A 21 -0.05 12.35 6.95
C PRO A 21 0.03 12.80 8.41
N LYS A 22 0.50 11.91 9.28
CA LYS A 22 0.63 12.21 10.69
C LYS A 22 2.07 12.01 11.17
N ALA A 23 2.29 12.19 12.47
CA ALA A 23 3.62 12.02 13.05
C ALA A 23 4.05 10.56 13.00
N LYS A 24 3.21 9.68 13.53
CA LYS A 24 3.52 8.25 13.55
C LYS A 24 2.43 7.46 12.83
N GLU A 25 1.64 8.15 12.02
CA GLU A 25 0.56 7.51 11.27
C GLU A 25 0.41 8.13 9.88
N ILE A 26 -0.07 7.33 8.94
CA ILE A 26 -0.26 7.79 7.57
C ILE A 26 -1.43 7.07 6.90
N GLN A 27 -2.31 7.85 6.28
CA GLN A 27 -3.47 7.29 5.60
C GLN A 27 -3.20 7.11 4.11
N LEU A 28 -3.73 6.03 3.54
CA LEU A 28 -3.53 5.75 2.12
C LEU A 28 -4.88 5.49 1.44
N ARG A 29 -4.92 5.68 0.12
CA ARG A 29 -6.13 5.46 -0.65
C ARG A 29 -5.80 4.97 -2.06
N TRP A 30 -6.01 3.68 -2.30
CA TRP A 30 -5.74 3.09 -3.61
C TRP A 30 -7.01 2.53 -4.22
N GLY A 31 -6.86 1.86 -5.37
CA GLY A 31 -8.00 1.28 -6.04
C GLY A 31 -7.68 -0.03 -6.73
N PRO A 32 -8.68 -0.65 -7.36
CA PRO A 32 -8.51 -1.93 -8.05
C PRO A 32 -7.67 -1.79 -9.32
N PRO A 33 -6.76 -2.75 -9.54
CA PRO A 33 -5.88 -2.76 -10.70
C PRO A 33 -6.64 -3.05 -12.00
N LEU A 34 -5.98 -2.79 -13.13
CA LEU A 34 -6.60 -3.04 -14.43
C LEU A 34 -6.46 -4.50 -14.84
N VAL A 35 -5.33 -5.10 -14.48
CA VAL A 35 -5.09 -6.50 -14.80
C VAL A 35 -5.21 -7.38 -13.57
N ASP A 36 -6.43 -7.88 -13.33
CA ASP A 36 -6.69 -8.74 -12.17
C ASP A 36 -6.40 -10.19 -12.52
N GLY A 37 -5.54 -10.41 -13.51
CA GLY A 37 -5.20 -11.76 -13.91
C GLY A 37 -6.39 -12.53 -14.44
N GLY A 38 -7.40 -11.80 -14.91
CA GLY A 38 -8.59 -12.42 -15.44
C GLY A 38 -9.53 -12.92 -14.36
N SER A 39 -9.19 -12.62 -13.11
CA SER A 39 -9.99 -13.04 -11.97
C SER A 39 -10.33 -11.86 -11.07
N PRO A 40 -11.48 -11.92 -10.40
CA PRO A 40 -11.94 -10.87 -9.50
C PRO A 40 -11.10 -10.80 -8.23
N ILE A 41 -10.45 -9.67 -8.02
CA ILE A 41 -9.61 -9.48 -6.84
C ILE A 41 -10.34 -9.91 -5.57
N SER A 42 -9.64 -10.63 -4.71
CA SER A 42 -10.21 -11.12 -3.46
C SER A 42 -9.82 -10.21 -2.29
N CYS A 43 -8.54 -9.84 -2.24
CA CYS A 43 -8.04 -8.98 -1.18
C CYS A 43 -6.74 -8.31 -1.60
N TYR A 44 -6.31 -7.33 -0.80
CA TYR A 44 -5.07 -6.61 -1.09
C TYR A 44 -4.10 -6.70 0.08
N SER A 45 -2.88 -6.24 -0.14
CA SER A 45 -1.85 -6.27 0.90
C SER A 45 -0.88 -5.10 0.74
N VAL A 46 -0.77 -4.29 1.78
CA VAL A 46 0.11 -3.13 1.76
C VAL A 46 1.42 -3.43 2.48
N GLU A 47 2.53 -3.32 1.75
CA GLU A 47 3.85 -3.59 2.32
C GLU A 47 4.65 -2.30 2.45
N MET A 48 4.63 -1.69 3.63
CA MET A 48 5.35 -0.46 3.88
C MET A 48 6.76 -0.75 4.39
N SER A 49 7.69 0.13 4.06
CA SER A 49 9.09 -0.03 4.47
C SER A 49 9.79 1.32 4.56
N PRO A 50 10.56 1.51 5.64
CA PRO A 50 11.30 2.76 5.86
C PRO A 50 12.47 2.93 4.89
N ILE A 51 12.28 3.80 3.90
CA ILE A 51 13.31 4.05 2.91
C ILE A 51 14.70 3.95 3.51
N GLU A 52 14.85 4.44 4.74
CA GLU A 52 16.13 4.41 5.44
C GLU A 52 16.67 2.98 5.50
N LYS A 53 15.82 2.05 5.90
CA LYS A 53 16.22 0.65 6.01
C LYS A 53 15.14 -0.26 5.41
N ASP A 54 15.35 -0.70 4.17
CA ASP A 54 14.41 -1.57 3.49
C ASP A 54 13.82 -2.60 4.46
N GLU A 55 12.69 -2.26 5.06
CA GLU A 55 12.04 -3.16 6.01
C GLU A 55 10.58 -3.37 5.63
N PRO A 56 10.35 -4.03 4.48
CA PRO A 56 9.01 -4.32 3.97
C PRO A 56 8.28 -5.35 4.82
N ARG A 57 7.08 -5.01 5.28
CA ARG A 57 6.29 -5.91 6.10
C ARG A 57 4.80 -5.62 5.94
N GLU A 58 4.00 -6.68 5.77
CA GLU A 58 2.56 -6.53 5.61
C GLU A 58 1.97 -5.72 6.75
N VAL A 59 1.67 -4.44 6.48
CA VAL A 59 1.10 -3.57 7.49
C VAL A 59 -0.43 -3.54 7.39
N TYR A 60 -0.95 -4.08 6.30
CA TYR A 60 -2.39 -4.12 6.08
C TYR A 60 -2.77 -5.26 5.13
N GLN A 61 -3.97 -5.80 5.33
CA GLN A 61 -4.46 -6.89 4.50
C GLN A 61 -5.97 -7.05 4.63
N GLY A 62 -6.69 -6.75 3.56
CA GLY A 62 -8.13 -6.88 3.58
C GLY A 62 -8.74 -6.83 2.20
N SER A 63 -9.95 -6.29 2.11
CA SER A 63 -10.64 -6.19 0.82
C SER A 63 -10.80 -4.73 0.39
N GLU A 64 -10.80 -3.83 1.37
CA GLU A 64 -10.93 -2.40 1.10
C GLU A 64 -9.70 -1.87 0.38
N VAL A 65 -9.79 -0.64 -0.12
CA VAL A 65 -8.69 -0.02 -0.82
C VAL A 65 -8.21 1.24 -0.10
N GLU A 66 -8.48 1.31 1.19
CA GLU A 66 -8.09 2.46 2.00
C GLU A 66 -7.90 2.05 3.46
N CYS A 67 -6.72 2.30 4.00
CA CYS A 67 -6.41 1.95 5.38
C CYS A 67 -5.54 3.04 6.02
N THR A 68 -5.23 2.85 7.31
CA THR A 68 -4.41 3.81 8.03
C THR A 68 -3.23 3.12 8.72
N VAL A 69 -2.02 3.55 8.37
CA VAL A 69 -0.81 2.97 8.95
C VAL A 69 -0.38 3.75 10.19
N SER A 70 0.21 3.03 11.15
CA SER A 70 0.67 3.66 12.39
C SER A 70 1.97 3.01 12.87
N SER A 71 2.48 3.49 13.99
CA SER A 71 3.71 2.96 14.56
C SER A 71 4.92 3.37 13.72
N LEU A 72 4.87 4.58 13.18
CA LEU A 72 5.95 5.10 12.35
C LEU A 72 6.66 6.25 13.05
N LEU A 73 7.64 6.84 12.36
CA LEU A 73 8.41 7.96 12.90
C LEU A 73 8.13 9.24 12.12
N PRO A 74 7.94 10.35 12.86
CA PRO A 74 7.67 11.66 12.25
C PRO A 74 8.89 12.22 11.53
N GLY A 75 8.65 13.19 10.64
CA GLY A 75 9.74 13.79 9.90
C GLY A 75 10.61 12.77 9.22
N LYS A 76 10.03 11.65 8.82
CA LYS A 76 10.77 10.58 8.16
C LYS A 76 9.98 10.02 6.99
N THR A 77 10.69 9.65 5.92
CA THR A 77 10.05 9.10 4.73
C THR A 77 9.86 7.60 4.87
N TYR A 78 8.88 7.05 4.13
CA TYR A 78 8.60 5.63 4.17
C TYR A 78 8.08 5.14 2.82
N SER A 79 8.73 4.11 2.28
CA SER A 79 8.34 3.55 1.00
C SER A 79 7.18 2.56 1.16
N PHE A 80 6.04 2.88 0.55
CA PHE A 80 4.87 2.02 0.63
C PHE A 80 4.64 1.29 -0.69
N ARG A 81 3.98 0.14 -0.62
CA ARG A 81 3.70 -0.65 -1.81
C ARG A 81 2.27 -1.18 -1.78
N LEU A 82 1.86 -1.85 -2.85
CA LEU A 82 0.52 -2.41 -2.96
C LEU A 82 0.51 -3.67 -3.81
N ARG A 83 -0.25 -4.67 -3.39
CA ARG A 83 -0.35 -5.92 -4.12
C ARG A 83 -1.73 -6.54 -3.96
N ALA A 84 -2.31 -7.01 -5.06
CA ALA A 84 -3.61 -7.63 -5.05
C ALA A 84 -3.52 -9.15 -5.12
N ALA A 85 -4.52 -9.83 -4.60
CA ALA A 85 -4.55 -11.29 -4.62
C ALA A 85 -5.92 -11.82 -5.03
N ASN A 86 -5.93 -12.86 -5.86
CA ASN A 86 -7.17 -13.45 -6.33
C ASN A 86 -7.19 -14.96 -6.06
N LYS A 87 -8.23 -15.63 -6.54
CA LYS A 87 -8.37 -17.07 -6.36
C LYS A 87 -7.11 -17.80 -6.79
N MET A 88 -6.26 -17.12 -7.55
CA MET A 88 -5.02 -17.70 -8.03
C MET A 88 -3.91 -17.53 -6.99
N GLY A 89 -3.65 -16.28 -6.60
CA GLY A 89 -2.61 -16.00 -5.63
C GLY A 89 -2.30 -14.52 -5.52
N PHE A 90 -1.14 -14.20 -4.95
CA PHE A 90 -0.72 -12.81 -4.79
C PHE A 90 0.22 -12.41 -5.91
N GLY A 91 -0.03 -11.23 -6.49
CA GLY A 91 0.81 -10.73 -7.56
C GLY A 91 1.92 -9.82 -7.07
N PRO A 92 2.62 -9.17 -8.02
CA PRO A 92 3.72 -8.26 -7.69
C PRO A 92 3.23 -6.97 -7.02
N PHE A 93 4.10 -6.37 -6.23
CA PHE A 93 3.76 -5.13 -5.52
C PHE A 93 3.83 -3.94 -6.46
N SER A 94 3.19 -2.84 -6.06
CA SER A 94 3.16 -1.63 -6.88
C SER A 94 4.46 -0.84 -6.72
N GLU A 95 4.50 0.33 -7.33
CA GLU A 95 5.68 1.18 -7.26
C GLU A 95 5.84 1.79 -5.87
N LYS A 96 7.05 1.71 -5.32
CA LYS A 96 7.33 2.26 -4.00
C LYS A 96 7.07 3.76 -3.96
N CYS A 97 6.05 4.15 -3.19
CA CYS A 97 5.70 5.56 -3.07
C CYS A 97 6.23 6.13 -1.75
N ASP A 98 7.38 6.78 -1.83
CA ASP A 98 8.00 7.38 -0.65
C ASP A 98 7.11 8.50 -0.07
N ILE A 99 6.69 8.32 1.17
CA ILE A 99 5.85 9.31 1.83
C ILE A 99 6.52 9.86 3.08
N THR A 100 6.55 11.19 3.18
CA THR A 100 7.17 11.85 4.32
C THR A 100 6.13 12.21 5.38
N THR A 101 6.33 11.70 6.59
CA THR A 101 5.40 11.97 7.68
C THR A 101 5.48 13.43 8.12
N ALA A 102 4.67 13.78 9.13
CA ALA A 102 4.65 15.15 9.64
C ALA A 102 5.79 15.38 10.63
N PRO A 103 6.28 16.63 10.68
CA PRO A 103 7.37 17.01 11.59
C PRO A 103 6.93 17.00 13.06
N GLY A 104 5.69 16.60 13.30
CA GLY A 104 5.19 16.54 14.66
C GLY A 104 4.70 17.90 15.14
N SER A 105 5.44 18.49 16.08
CA SER A 105 5.07 19.79 16.63
C SER A 105 6.05 20.86 16.17
N GLY A 106 5.51 22.03 15.81
CA GLY A 106 6.35 23.12 15.36
C GLY A 106 5.76 24.48 15.69
N PRO A 107 6.10 25.00 16.88
CA PRO A 107 5.61 26.30 17.33
C PRO A 107 6.20 27.47 16.54
N SER A 108 5.43 28.54 16.41
CA SER A 108 5.89 29.72 15.67
C SER A 108 5.64 30.99 16.47
N SER A 109 6.65 31.85 16.53
CA SER A 109 6.54 33.10 17.28
C SER A 109 5.40 33.96 16.73
N GLY A 110 5.51 34.32 15.45
CA GLY A 110 4.49 35.14 14.82
C GLY A 110 5.04 36.40 14.21
N GLY A 1 -2.53 -21.13 -22.55
CA GLY A 1 -3.19 -22.18 -23.33
C GLY A 1 -3.42 -21.77 -24.77
N SER A 2 -4.68 -21.63 -25.15
CA SER A 2 -5.02 -21.25 -26.52
C SER A 2 -5.29 -19.76 -26.61
N SER A 3 -6.24 -19.28 -25.80
CA SER A 3 -6.59 -17.87 -25.79
C SER A 3 -5.71 -17.08 -24.82
N GLY A 4 -5.55 -17.61 -23.62
CA GLY A 4 -4.73 -16.95 -22.61
C GLY A 4 -5.04 -17.42 -21.21
N SER A 5 -4.28 -18.39 -20.73
CA SER A 5 -4.48 -18.93 -19.38
C SER A 5 -4.64 -17.80 -18.37
N SER A 6 -5.10 -18.16 -17.17
CA SER A 6 -5.31 -17.19 -16.11
C SER A 6 -4.13 -17.20 -15.13
N GLY A 7 -4.08 -16.18 -14.27
CA GLY A 7 -3.01 -16.10 -13.29
C GLY A 7 -3.22 -14.96 -12.31
N PRO A 8 -2.15 -14.60 -11.60
CA PRO A 8 -2.19 -13.51 -10.60
C PRO A 8 -2.36 -12.14 -11.24
N PRO A 9 -2.84 -11.17 -10.45
CA PRO A 9 -3.06 -9.80 -10.92
C PRO A 9 -1.75 -9.07 -11.20
N GLY A 10 -1.74 -8.26 -12.26
CA GLY A 10 -0.55 -7.51 -12.61
C GLY A 10 -0.09 -6.59 -11.49
N PRO A 11 0.93 -5.77 -11.77
CA PRO A 11 1.48 -4.83 -10.79
C PRO A 11 0.53 -3.69 -10.47
N CYS A 12 -0.03 -3.71 -9.27
CA CYS A 12 -0.97 -2.67 -8.85
C CYS A 12 -0.28 -1.31 -8.78
N LEU A 13 -1.09 -0.26 -8.69
CA LEU A 13 -0.55 1.10 -8.63
C LEU A 13 -0.26 1.50 -7.19
N PRO A 14 0.63 2.49 -7.02
CA PRO A 14 1.02 2.99 -5.69
C PRO A 14 -0.11 3.75 -5.01
N PRO A 15 -0.25 3.53 -3.68
CA PRO A 15 -1.28 4.19 -2.88
C PRO A 15 -1.03 5.68 -2.71
N ARG A 16 -2.04 6.49 -2.98
CA ARG A 16 -1.93 7.94 -2.86
C ARG A 16 -2.23 8.39 -1.43
N LEU A 17 -1.26 9.04 -0.80
CA LEU A 17 -1.42 9.52 0.56
C LEU A 17 -2.73 10.28 0.72
N GLN A 18 -3.60 9.78 1.60
CA GLN A 18 -4.89 10.42 1.84
C GLN A 18 -4.71 11.71 2.64
N GLY A 19 -5.53 12.71 2.32
CA GLY A 19 -5.45 13.99 3.01
C GLY A 19 -4.04 14.34 3.42
N ARG A 20 -3.80 14.44 4.72
CA ARG A 20 -2.49 14.78 5.24
C ARG A 20 -1.98 13.70 6.20
N PRO A 21 -0.67 13.41 6.13
CA PRO A 21 -0.03 12.41 6.98
C PRO A 21 0.02 12.84 8.44
N LYS A 22 0.49 11.93 9.30
CA LYS A 22 0.60 12.22 10.73
C LYS A 22 2.04 12.06 11.20
N ALA A 23 2.26 12.29 12.48
CA ALA A 23 3.60 12.16 13.07
C ALA A 23 4.06 10.71 13.06
N LYS A 24 3.22 9.82 13.58
CA LYS A 24 3.55 8.40 13.63
C LYS A 24 2.51 7.57 12.89
N GLU A 25 1.69 8.25 12.09
CA GLU A 25 0.64 7.57 11.34
C GLU A 25 0.52 8.15 9.94
N ILE A 26 -0.12 7.41 9.03
CA ILE A 26 -0.29 7.86 7.66
C ILE A 26 -1.51 7.19 7.02
N GLN A 27 -2.28 7.98 6.28
CA GLN A 27 -3.47 7.47 5.61
C GLN A 27 -3.22 7.27 4.11
N LEU A 28 -3.73 6.16 3.58
CA LEU A 28 -3.55 5.84 2.16
C LEU A 28 -4.89 5.48 1.52
N ARG A 29 -4.99 5.69 0.21
CA ARG A 29 -6.20 5.38 -0.53
C ARG A 29 -5.88 4.93 -1.95
N TRP A 30 -6.01 3.63 -2.19
CA TRP A 30 -5.73 3.07 -3.51
C TRP A 30 -6.99 2.47 -4.12
N GLY A 31 -6.85 1.90 -5.32
CA GLY A 31 -7.99 1.31 -5.99
C GLY A 31 -7.63 0.01 -6.69
N PRO A 32 -8.63 -0.63 -7.31
CA PRO A 32 -8.44 -1.90 -8.03
C PRO A 32 -7.61 -1.73 -9.30
N PRO A 33 -6.66 -2.64 -9.52
CA PRO A 33 -5.79 -2.61 -10.70
C PRO A 33 -6.54 -2.94 -11.99
N LEU A 34 -5.92 -2.65 -13.12
CA LEU A 34 -6.53 -2.90 -14.42
C LEU A 34 -6.40 -4.38 -14.80
N VAL A 35 -5.25 -4.96 -14.47
CA VAL A 35 -4.99 -6.36 -14.77
C VAL A 35 -5.15 -7.23 -13.53
N ASP A 36 -6.30 -7.88 -13.41
CA ASP A 36 -6.58 -8.75 -12.28
C ASP A 36 -6.29 -10.20 -12.62
N GLY A 37 -5.44 -10.42 -13.61
CA GLY A 37 -5.10 -11.77 -14.02
C GLY A 37 -6.30 -12.52 -14.56
N GLY A 38 -7.29 -11.79 -15.04
CA GLY A 38 -8.50 -12.41 -15.57
C GLY A 38 -9.57 -12.61 -14.53
N SER A 39 -9.15 -12.85 -13.29
CA SER A 39 -10.09 -13.06 -12.19
C SER A 39 -10.25 -11.79 -11.36
N PRO A 40 -11.46 -11.59 -10.81
CA PRO A 40 -11.77 -10.42 -9.99
C PRO A 40 -11.06 -10.45 -8.65
N ILE A 41 -10.23 -9.44 -8.39
CA ILE A 41 -9.49 -9.36 -7.14
C ILE A 41 -10.30 -9.91 -5.97
N SER A 42 -9.62 -10.54 -5.03
CA SER A 42 -10.28 -11.12 -3.87
C SER A 42 -9.77 -10.48 -2.58
N CYS A 43 -8.62 -9.83 -2.66
CA CYS A 43 -8.02 -9.18 -1.50
C CYS A 43 -6.79 -8.37 -1.91
N TYR A 44 -6.27 -7.58 -0.98
CA TYR A 44 -5.10 -6.75 -1.23
C TYR A 44 -4.11 -6.82 -0.07
N SER A 45 -2.96 -6.18 -0.25
CA SER A 45 -1.93 -6.18 0.79
C SER A 45 -1.01 -4.98 0.62
N VAL A 46 -0.76 -4.27 1.72
CA VAL A 46 0.11 -3.10 1.69
C VAL A 46 1.40 -3.36 2.47
N GLU A 47 2.51 -3.43 1.74
CA GLU A 47 3.81 -3.67 2.36
C GLU A 47 4.62 -2.38 2.46
N MET A 48 4.64 -1.80 3.66
CA MET A 48 5.38 -0.57 3.89
C MET A 48 6.80 -0.86 4.35
N SER A 49 7.73 0.01 3.96
CA SER A 49 9.13 -0.17 4.34
C SER A 49 9.82 1.19 4.46
N PRO A 50 10.59 1.36 5.55
CA PRO A 50 11.32 2.60 5.82
C PRO A 50 12.49 2.81 4.85
N ILE A 51 12.30 3.72 3.90
CA ILE A 51 13.33 4.02 2.91
C ILE A 51 14.72 3.95 3.54
N GLU A 52 14.83 4.37 4.80
CA GLU A 52 16.11 4.34 5.50
C GLU A 52 16.68 2.93 5.53
N LYS A 53 15.84 1.96 5.88
CA LYS A 53 16.26 0.56 5.95
C LYS A 53 15.24 -0.35 5.25
N ASP A 54 15.74 -1.39 4.60
CA ASP A 54 14.89 -2.33 3.90
C ASP A 54 14.21 -3.29 4.88
N GLU A 55 13.06 -2.87 5.42
CA GLU A 55 12.32 -3.69 6.37
C GLU A 55 10.84 -3.74 6.01
N PRO A 56 10.53 -4.36 4.86
CA PRO A 56 9.16 -4.49 4.38
C PRO A 56 8.34 -5.45 5.23
N ARG A 57 7.10 -5.05 5.54
CA ARG A 57 6.21 -5.87 6.36
C ARG A 57 4.76 -5.56 6.05
N GLU A 58 3.91 -6.59 6.10
CA GLU A 58 2.49 -6.42 5.82
C GLU A 58 1.82 -5.58 6.92
N VAL A 59 1.62 -4.30 6.62
CA VAL A 59 0.98 -3.39 7.57
C VAL A 59 -0.53 -3.37 7.39
N TYR A 60 -1.00 -4.06 6.36
CA TYR A 60 -2.43 -4.12 6.07
C TYR A 60 -2.76 -5.29 5.16
N GLN A 61 -3.96 -5.84 5.31
CA GLN A 61 -4.40 -6.97 4.50
C GLN A 61 -5.89 -7.21 4.65
N GLY A 62 -6.63 -7.02 3.56
CA GLY A 62 -8.07 -7.22 3.59
C GLY A 62 -8.69 -7.19 2.21
N SER A 63 -9.88 -6.59 2.11
CA SER A 63 -10.58 -6.51 0.83
C SER A 63 -10.78 -5.05 0.42
N GLU A 64 -10.63 -4.14 1.38
CA GLU A 64 -10.79 -2.72 1.12
C GLU A 64 -9.60 -2.16 0.36
N VAL A 65 -9.71 -0.91 -0.06
CA VAL A 65 -8.63 -0.25 -0.80
C VAL A 65 -8.18 1.02 -0.10
N GLU A 66 -8.39 1.08 1.21
CA GLU A 66 -8.00 2.24 2.00
C GLU A 66 -7.78 1.86 3.47
N CYS A 67 -6.66 2.28 4.02
CA CYS A 67 -6.33 1.98 5.41
C CYS A 67 -5.48 3.09 6.02
N THR A 68 -5.08 2.90 7.28
CA THR A 68 -4.28 3.89 7.97
C THR A 68 -3.13 3.23 8.72
N VAL A 69 -1.90 3.59 8.35
CA VAL A 69 -0.71 3.04 8.99
C VAL A 69 -0.36 3.78 10.27
N SER A 70 0.36 3.12 11.16
CA SER A 70 0.76 3.73 12.43
C SER A 70 2.06 3.13 12.93
N SER A 71 2.53 3.62 14.08
CA SER A 71 3.77 3.13 14.67
C SER A 71 4.98 3.56 13.84
N LEU A 72 4.85 4.72 13.19
CA LEU A 72 5.93 5.26 12.37
C LEU A 72 6.61 6.44 13.06
N LEU A 73 7.67 6.95 12.43
CA LEU A 73 8.41 8.08 12.99
C LEU A 73 8.15 9.35 12.17
N PRO A 74 7.96 10.47 12.88
CA PRO A 74 7.71 11.77 12.25
C PRO A 74 8.93 12.31 11.53
N GLY A 75 8.71 13.24 10.60
CA GLY A 75 9.81 13.81 9.86
C GLY A 75 10.67 12.77 9.17
N LYS A 76 10.07 11.62 8.88
CA LYS A 76 10.80 10.53 8.22
C LYS A 76 10.00 10.01 7.03
N THR A 77 10.72 9.56 5.99
CA THR A 77 10.09 9.03 4.80
C THR A 77 9.92 7.52 4.87
N TYR A 78 8.93 7.00 4.17
CA TYR A 78 8.67 5.56 4.17
C TYR A 78 8.14 5.11 2.82
N SER A 79 8.74 4.06 2.26
CA SER A 79 8.32 3.52 0.97
C SER A 79 7.20 2.52 1.14
N PHE A 80 6.03 2.85 0.59
CA PHE A 80 4.87 1.99 0.68
C PHE A 80 4.63 1.25 -0.64
N ARG A 81 3.87 0.17 -0.59
CA ARG A 81 3.57 -0.61 -1.79
C ARG A 81 2.14 -1.17 -1.73
N LEU A 82 1.77 -1.91 -2.76
CA LEU A 82 0.43 -2.51 -2.82
C LEU A 82 0.43 -3.73 -3.74
N ARG A 83 -0.32 -4.75 -3.35
CA ARG A 83 -0.43 -5.98 -4.13
C ARG A 83 -1.80 -6.62 -3.97
N ALA A 84 -2.39 -7.03 -5.08
CA ALA A 84 -3.70 -7.66 -5.08
C ALA A 84 -3.58 -9.18 -5.18
N ALA A 85 -4.56 -9.89 -4.63
CA ALA A 85 -4.57 -11.34 -4.66
C ALA A 85 -5.90 -11.87 -5.18
N ASN A 86 -5.84 -12.99 -5.90
CA ASN A 86 -7.05 -13.60 -6.46
C ASN A 86 -7.01 -15.11 -6.31
N LYS A 87 -8.01 -15.78 -6.88
CA LYS A 87 -8.09 -17.24 -6.81
C LYS A 87 -6.74 -17.87 -7.15
N MET A 88 -5.89 -17.11 -7.83
CA MET A 88 -4.57 -17.60 -8.21
C MET A 88 -3.56 -17.37 -7.09
N GLY A 89 -3.47 -16.12 -6.63
CA GLY A 89 -2.53 -15.79 -5.57
C GLY A 89 -2.18 -14.31 -5.56
N PHE A 90 -1.16 -13.96 -4.77
CA PHE A 90 -0.72 -12.58 -4.67
C PHE A 90 0.24 -12.22 -5.81
N GLY A 91 -0.02 -11.10 -6.46
CA GLY A 91 0.83 -10.67 -7.56
C GLY A 91 1.94 -9.74 -7.10
N PRO A 92 2.61 -9.09 -8.07
CA PRO A 92 3.71 -8.16 -7.79
C PRO A 92 3.21 -6.89 -7.12
N PHE A 93 4.05 -6.32 -6.25
CA PHE A 93 3.70 -5.09 -5.55
C PHE A 93 3.73 -3.89 -6.49
N SER A 94 3.18 -2.78 -6.05
CA SER A 94 3.13 -1.57 -6.85
C SER A 94 4.45 -0.79 -6.73
N GLU A 95 4.48 0.39 -7.34
CA GLU A 95 5.67 1.23 -7.30
C GLU A 95 5.88 1.82 -5.91
N LYS A 96 7.11 1.76 -5.42
CA LYS A 96 7.45 2.28 -4.10
C LYS A 96 7.10 3.76 -4.01
N CYS A 97 6.03 4.07 -3.30
CA CYS A 97 5.59 5.46 -3.12
C CYS A 97 6.19 6.06 -1.86
N ASP A 98 7.13 6.97 -2.03
CA ASP A 98 7.77 7.62 -0.89
C ASP A 98 6.84 8.63 -0.24
N ILE A 99 6.62 8.47 1.07
CA ILE A 99 5.74 9.36 1.81
C ILE A 99 6.42 9.87 3.07
N THR A 100 6.52 11.19 3.19
CA THR A 100 7.15 11.81 4.35
C THR A 100 6.11 12.20 5.40
N THR A 101 6.27 11.68 6.61
CA THR A 101 5.35 11.98 7.69
C THR A 101 5.45 13.44 8.13
N ALA A 102 4.66 13.81 9.13
CA ALA A 102 4.67 15.18 9.63
C ALA A 102 5.82 15.40 10.60
N PRO A 103 6.31 16.65 10.66
CA PRO A 103 7.42 17.02 11.55
C PRO A 103 7.02 17.01 13.02
N GLY A 104 5.78 16.61 13.28
CA GLY A 104 5.31 16.55 14.65
C GLY A 104 4.62 17.83 15.08
N SER A 105 3.73 17.73 16.06
CA SER A 105 3.00 18.89 16.56
C SER A 105 3.95 19.96 17.06
N GLY A 106 3.49 21.21 17.08
CA GLY A 106 4.31 22.30 17.54
C GLY A 106 5.05 21.97 18.84
N PRO A 107 6.31 22.41 18.93
CA PRO A 107 7.14 22.17 20.12
C PRO A 107 6.67 22.97 21.33
N SER A 108 5.79 23.92 21.10
CA SER A 108 5.26 24.76 22.17
C SER A 108 3.81 24.39 22.48
N SER A 109 3.25 25.05 23.49
CA SER A 109 1.87 24.80 23.89
C SER A 109 0.94 24.78 22.67
N GLY A 110 1.08 25.79 21.83
CA GLY A 110 0.24 25.87 20.64
C GLY A 110 -0.17 27.30 20.31
N GLY A 1 -18.11 -18.61 -13.05
CA GLY A 1 -18.45 -17.84 -14.23
C GLY A 1 -17.32 -17.76 -15.23
N SER A 2 -16.15 -17.34 -14.76
CA SER A 2 -14.98 -17.22 -15.62
C SER A 2 -14.25 -18.56 -15.73
N SER A 3 -13.40 -18.67 -16.75
CA SER A 3 -12.64 -19.90 -16.96
C SER A 3 -11.53 -19.68 -17.99
N GLY A 4 -10.52 -20.54 -17.95
CA GLY A 4 -9.42 -20.42 -18.89
C GLY A 4 -8.09 -20.24 -18.19
N SER A 5 -7.04 -19.95 -18.97
CA SER A 5 -5.71 -19.74 -18.41
C SER A 5 -5.62 -18.42 -17.67
N SER A 6 -5.90 -18.45 -16.37
CA SER A 6 -5.86 -17.26 -15.55
C SER A 6 -4.60 -17.23 -14.69
N GLY A 7 -4.39 -16.13 -13.97
CA GLY A 7 -3.22 -16.00 -13.12
C GLY A 7 -3.35 -14.85 -12.14
N PRO A 8 -2.23 -14.52 -11.47
CA PRO A 8 -2.20 -13.44 -10.49
C PRO A 8 -2.35 -12.06 -11.13
N PRO A 9 -2.83 -11.09 -10.35
CA PRO A 9 -3.03 -9.71 -10.82
C PRO A 9 -1.71 -9.00 -11.06
N GLY A 10 -1.67 -8.18 -12.13
CA GLY A 10 -0.47 -7.46 -12.46
C GLY A 10 -0.02 -6.53 -11.34
N PRO A 11 0.98 -5.69 -11.62
CA PRO A 11 1.52 -4.74 -10.65
C PRO A 11 0.54 -3.61 -10.33
N CYS A 12 -0.05 -3.66 -9.14
CA CYS A 12 -1.00 -2.64 -8.72
C CYS A 12 -0.36 -1.26 -8.71
N LEU A 13 -1.18 -0.23 -8.52
CA LEU A 13 -0.69 1.14 -8.50
C LEU A 13 -0.34 1.56 -7.08
N PRO A 14 0.50 2.61 -6.96
CA PRO A 14 0.92 3.14 -5.67
C PRO A 14 -0.21 3.83 -4.92
N PRO A 15 -0.30 3.58 -3.60
CA PRO A 15 -1.34 4.18 -2.75
C PRO A 15 -1.12 5.67 -2.55
N ARG A 16 -2.14 6.46 -2.91
CA ARG A 16 -2.07 7.91 -2.77
C ARG A 16 -2.34 8.33 -1.32
N LEU A 17 -1.41 9.06 -0.74
CA LEU A 17 -1.55 9.53 0.63
C LEU A 17 -2.88 10.25 0.84
N GLN A 18 -3.68 9.75 1.76
CA GLN A 18 -4.99 10.34 2.05
C GLN A 18 -4.83 11.56 2.95
N GLY A 19 -5.77 12.51 2.82
CA GLY A 19 -5.72 13.72 3.63
C GLY A 19 -4.30 14.17 3.90
N ARG A 20 -3.89 14.11 5.17
CA ARG A 20 -2.55 14.53 5.56
C ARG A 20 -1.91 13.48 6.46
N PRO A 21 -0.58 13.29 6.29
CA PRO A 21 0.18 12.33 7.08
C PRO A 21 0.32 12.75 8.54
N LYS A 22 0.63 11.79 9.41
CA LYS A 22 0.79 12.05 10.83
C LYS A 22 2.24 11.83 11.26
N ALA A 23 2.49 11.96 12.56
CA ALA A 23 3.83 11.76 13.10
C ALA A 23 4.24 10.29 13.02
N LYS A 24 3.41 9.42 13.55
CA LYS A 24 3.69 7.99 13.55
C LYS A 24 2.59 7.22 12.80
N GLU A 25 1.78 7.95 12.04
CA GLU A 25 0.69 7.35 11.28
C GLU A 25 0.54 8.01 9.92
N ILE A 26 -0.09 7.31 8.99
CA ILE A 26 -0.29 7.83 7.64
C ILE A 26 -1.47 7.14 6.95
N GLN A 27 -2.37 7.94 6.38
CA GLN A 27 -3.54 7.40 5.70
C GLN A 27 -3.26 7.23 4.21
N LEU A 28 -3.79 6.14 3.64
CA LEU A 28 -3.60 5.85 2.23
C LEU A 28 -4.93 5.54 1.55
N ARG A 29 -4.97 5.70 0.23
CA ARG A 29 -6.18 5.43 -0.54
C ARG A 29 -5.84 4.99 -1.96
N TRP A 30 -5.99 3.70 -2.22
CA TRP A 30 -5.70 3.15 -3.54
C TRP A 30 -6.95 2.57 -4.18
N GLY A 31 -6.79 1.94 -5.34
CA GLY A 31 -7.92 1.35 -6.03
C GLY A 31 -7.57 0.04 -6.70
N PRO A 32 -8.57 -0.60 -7.33
CA PRO A 32 -8.38 -1.87 -8.03
C PRO A 32 -7.55 -1.72 -9.30
N PRO A 33 -6.59 -2.65 -9.49
CA PRO A 33 -5.71 -2.63 -10.67
C PRO A 33 -6.45 -2.99 -11.95
N LEU A 34 -5.94 -2.53 -13.08
CA LEU A 34 -6.55 -2.80 -14.37
C LEU A 34 -6.38 -4.28 -14.75
N VAL A 35 -5.22 -4.84 -14.44
CA VAL A 35 -4.94 -6.24 -14.75
C VAL A 35 -5.05 -7.10 -13.50
N ASP A 36 -6.25 -7.63 -13.25
CA ASP A 36 -6.49 -8.48 -12.10
C ASP A 36 -6.18 -9.93 -12.42
N GLY A 37 -5.34 -10.15 -13.42
CA GLY A 37 -4.98 -11.50 -13.81
C GLY A 37 -6.14 -12.26 -14.43
N GLY A 38 -7.08 -11.51 -15.01
CA GLY A 38 -8.24 -12.15 -15.63
C GLY A 38 -9.28 -12.56 -14.62
N SER A 39 -8.93 -12.47 -13.33
CA SER A 39 -9.86 -12.84 -12.26
C SER A 39 -10.14 -11.65 -11.35
N PRO A 40 -11.34 -11.63 -10.75
CA PRO A 40 -11.77 -10.56 -9.85
C PRO A 40 -11.00 -10.58 -8.53
N ILE A 41 -10.26 -9.51 -8.27
CA ILE A 41 -9.48 -9.40 -7.06
C ILE A 41 -10.19 -10.05 -5.88
N SER A 42 -9.43 -10.53 -4.91
CA SER A 42 -10.00 -11.19 -3.74
C SER A 42 -9.54 -10.49 -2.46
N CYS A 43 -8.31 -10.01 -2.47
CA CYS A 43 -7.75 -9.33 -1.30
C CYS A 43 -6.47 -8.58 -1.67
N TYR A 44 -6.24 -7.45 -1.02
CA TYR A 44 -5.06 -6.64 -1.28
C TYR A 44 -4.07 -6.73 -0.12
N SER A 45 -2.87 -6.19 -0.32
CA SER A 45 -1.84 -6.21 0.70
C SER A 45 -0.91 -5.01 0.57
N VAL A 46 -0.72 -4.28 1.66
CA VAL A 46 0.15 -3.10 1.66
C VAL A 46 1.44 -3.37 2.44
N GLU A 47 2.54 -3.49 1.71
CA GLU A 47 3.84 -3.74 2.33
C GLU A 47 4.64 -2.45 2.46
N MET A 48 4.58 -1.84 3.64
CA MET A 48 5.30 -0.60 3.89
C MET A 48 6.69 -0.88 4.44
N SER A 49 7.65 -0.04 4.06
CA SER A 49 9.03 -0.21 4.51
C SER A 49 9.74 1.14 4.58
N PRO A 50 10.51 1.35 5.67
CA PRO A 50 11.25 2.58 5.88
C PRO A 50 12.42 2.73 4.91
N ILE A 51 12.26 3.61 3.92
CA ILE A 51 13.30 3.84 2.93
C ILE A 51 14.69 3.76 3.57
N GLU A 52 14.80 4.27 4.78
CA GLU A 52 16.07 4.26 5.50
C GLU A 52 16.63 2.84 5.62
N LYS A 53 15.76 1.91 5.99
CA LYS A 53 16.16 0.51 6.14
C LYS A 53 15.16 -0.41 5.46
N ASP A 54 15.66 -1.43 4.78
CA ASP A 54 14.81 -2.39 4.09
C ASP A 54 14.09 -3.29 5.08
N GLU A 55 12.97 -2.80 5.61
CA GLU A 55 12.18 -3.57 6.58
C GLU A 55 10.70 -3.56 6.21
N PRO A 56 10.39 -4.08 5.02
CA PRO A 56 9.02 -4.14 4.52
C PRO A 56 8.16 -5.13 5.30
N ARG A 57 6.99 -4.68 5.75
CA ARG A 57 6.08 -5.53 6.51
C ARG A 57 4.63 -5.26 6.13
N GLU A 58 3.81 -6.30 6.16
CA GLU A 58 2.40 -6.17 5.82
C GLU A 58 1.65 -5.36 6.87
N VAL A 59 1.59 -4.05 6.65
CA VAL A 59 0.91 -3.16 7.59
C VAL A 59 -0.61 -3.35 7.52
N TYR A 60 -1.10 -3.74 6.35
CA TYR A 60 -2.52 -3.95 6.15
C TYR A 60 -2.77 -5.15 5.24
N GLN A 61 -3.99 -5.69 5.30
CA GLN A 61 -4.36 -6.84 4.48
C GLN A 61 -5.85 -7.13 4.59
N GLY A 62 -6.56 -6.96 3.47
CA GLY A 62 -7.99 -7.21 3.46
C GLY A 62 -8.57 -7.19 2.06
N SER A 63 -9.71 -6.52 1.90
CA SER A 63 -10.37 -6.44 0.60
C SER A 63 -10.57 -4.98 0.20
N GLU A 64 -10.59 -4.09 1.19
CA GLU A 64 -10.77 -2.67 0.93
C GLU A 64 -9.56 -2.07 0.22
N VAL A 65 -9.68 -0.82 -0.20
CA VAL A 65 -8.59 -0.14 -0.89
C VAL A 65 -8.15 1.10 -0.13
N GLU A 66 -8.38 1.10 1.18
CA GLU A 66 -8.00 2.23 2.02
C GLU A 66 -7.79 1.79 3.46
N CYS A 67 -6.70 2.25 4.07
CA CYS A 67 -6.40 1.90 5.46
C CYS A 67 -5.58 3.00 6.12
N THR A 68 -5.26 2.80 7.40
CA THR A 68 -4.48 3.78 8.15
C THR A 68 -3.23 3.14 8.74
N VAL A 69 -2.06 3.62 8.30
CA VAL A 69 -0.79 3.08 8.78
C VAL A 69 -0.40 3.73 10.12
N SER A 70 0.32 2.98 10.94
CA SER A 70 0.75 3.47 12.25
C SER A 70 2.05 2.80 12.67
N SER A 71 2.58 3.22 13.82
CA SER A 71 3.83 2.67 14.34
C SER A 71 5.01 3.08 13.48
N LEU A 72 4.99 4.34 13.03
CA LEU A 72 6.07 4.87 12.19
C LEU A 72 6.79 6.01 12.90
N LEU A 73 7.83 6.54 12.26
CA LEU A 73 8.60 7.64 12.82
C LEU A 73 8.31 8.94 12.07
N PRO A 74 8.13 10.02 12.83
CA PRO A 74 7.84 11.35 12.28
C PRO A 74 9.05 11.94 11.55
N GLY A 75 8.79 12.91 10.67
CA GLY A 75 9.86 13.54 9.92
C GLY A 75 10.75 12.54 9.22
N LYS A 76 10.15 11.42 8.81
CA LYS A 76 10.89 10.37 8.12
C LYS A 76 10.07 9.82 6.95
N THR A 77 10.76 9.47 5.86
CA THR A 77 10.10 8.94 4.68
C THR A 77 9.92 7.42 4.79
N TYR A 78 8.94 6.89 4.08
CA TYR A 78 8.65 5.46 4.11
C TYR A 78 8.16 4.98 2.75
N SER A 79 8.79 3.93 2.23
CA SER A 79 8.42 3.36 0.94
C SER A 79 7.25 2.38 1.09
N PHE A 80 6.08 2.78 0.61
CA PHE A 80 4.90 1.95 0.69
C PHE A 80 4.70 1.16 -0.60
N ARG A 81 3.92 0.08 -0.52
CA ARG A 81 3.67 -0.76 -1.68
C ARG A 81 2.23 -1.29 -1.66
N LEU A 82 1.81 -1.89 -2.76
CA LEU A 82 0.46 -2.44 -2.87
C LEU A 82 0.44 -3.65 -3.79
N ARG A 83 -0.38 -4.64 -3.45
CA ARG A 83 -0.51 -5.85 -4.25
C ARG A 83 -1.86 -6.52 -4.03
N ALA A 84 -2.47 -6.97 -5.11
CA ALA A 84 -3.77 -7.63 -5.04
C ALA A 84 -3.62 -9.15 -5.08
N ALA A 85 -4.63 -9.85 -4.59
CA ALA A 85 -4.61 -11.31 -4.57
C ALA A 85 -5.94 -11.88 -5.03
N ASN A 86 -5.88 -12.88 -5.92
CA ASN A 86 -7.08 -13.51 -6.44
C ASN A 86 -7.02 -15.02 -6.25
N LYS A 87 -8.01 -15.72 -6.79
CA LYS A 87 -8.08 -17.17 -6.68
C LYS A 87 -6.78 -17.81 -7.17
N MET A 88 -5.96 -17.03 -7.87
CA MET A 88 -4.70 -17.52 -8.38
C MET A 88 -3.58 -17.34 -7.35
N GLY A 89 -3.51 -16.15 -6.77
CA GLY A 89 -2.49 -15.88 -5.77
C GLY A 89 -2.18 -14.40 -5.66
N PHE A 90 -1.09 -14.07 -4.97
CA PHE A 90 -0.68 -12.69 -4.78
C PHE A 90 0.28 -12.25 -5.90
N GLY A 91 -0.03 -11.11 -6.52
CA GLY A 91 0.80 -10.60 -7.58
C GLY A 91 1.92 -9.71 -7.08
N PRO A 92 2.62 -9.05 -8.01
CA PRO A 92 3.72 -8.14 -7.67
C PRO A 92 3.25 -6.87 -7.00
N PHE A 93 4.15 -6.22 -6.26
CA PHE A 93 3.82 -4.99 -5.54
C PHE A 93 3.88 -3.80 -6.49
N SER A 94 3.15 -2.74 -6.13
CA SER A 94 3.12 -1.53 -6.95
C SER A 94 4.44 -0.77 -6.84
N GLU A 95 4.49 0.41 -7.45
CA GLU A 95 5.69 1.24 -7.43
C GLU A 95 5.91 1.84 -6.04
N LYS A 96 7.12 1.69 -5.53
CA LYS A 96 7.46 2.21 -4.21
C LYS A 96 7.18 3.72 -4.14
N CYS A 97 6.17 4.09 -3.36
CA CYS A 97 5.81 5.49 -3.21
C CYS A 97 6.37 6.06 -1.91
N ASP A 98 7.28 7.02 -2.04
CA ASP A 98 7.90 7.64 -0.87
C ASP A 98 6.96 8.65 -0.24
N ILE A 99 6.70 8.49 1.06
CA ILE A 99 5.81 9.39 1.78
C ILE A 99 6.47 9.89 3.06
N THR A 100 6.62 11.21 3.18
CA THR A 100 7.23 11.82 4.35
C THR A 100 6.19 12.11 5.42
N THR A 101 6.39 11.54 6.60
CA THR A 101 5.46 11.74 7.72
C THR A 101 5.51 13.18 8.22
N ALA A 102 4.69 13.48 9.23
CA ALA A 102 4.65 14.81 9.80
C ALA A 102 5.84 15.06 10.72
N PRO A 103 6.27 16.33 10.80
CA PRO A 103 7.41 16.73 11.63
C PRO A 103 7.09 16.65 13.12
N GLY A 104 5.89 16.18 13.44
CA GLY A 104 5.49 16.05 14.83
C GLY A 104 4.89 17.33 15.37
N SER A 105 3.59 17.52 15.14
CA SER A 105 2.90 18.71 15.61
C SER A 105 2.96 18.81 17.13
N GLY A 106 2.53 17.75 17.81
CA GLY A 106 2.54 17.74 19.26
C GLY A 106 1.15 17.63 19.84
N PRO A 107 0.68 16.38 20.06
CA PRO A 107 -0.65 16.12 20.62
C PRO A 107 -0.74 16.53 22.09
N SER A 108 0.37 16.98 22.66
CA SER A 108 0.41 17.40 24.05
C SER A 108 -0.42 18.66 24.27
N SER A 109 -1.67 18.48 24.68
CA SER A 109 -2.57 19.60 24.92
C SER A 109 -3.08 19.59 26.36
N GLY A 110 -2.55 20.50 27.17
CA GLY A 110 -2.97 20.58 28.56
C GLY A 110 -2.92 22.00 29.09
N GLY A 1 -2.30 -13.13 -31.78
CA GLY A 1 -1.96 -12.43 -30.55
C GLY A 1 -1.29 -13.33 -29.54
N SER A 2 -0.58 -12.72 -28.58
CA SER A 2 0.12 -13.48 -27.56
C SER A 2 -0.72 -13.56 -26.28
N SER A 3 -1.02 -14.77 -25.85
CA SER A 3 -1.80 -14.99 -24.63
C SER A 3 -1.53 -16.35 -24.03
N GLY A 4 -1.69 -16.46 -22.72
CA GLY A 4 -1.45 -17.72 -22.04
C GLY A 4 -2.58 -18.10 -21.11
N SER A 5 -2.23 -18.75 -19.99
CA SER A 5 -3.23 -19.18 -19.03
C SER A 5 -3.45 -18.11 -17.96
N SER A 6 -4.45 -18.32 -17.11
CA SER A 6 -4.76 -17.36 -16.05
C SER A 6 -3.64 -17.32 -15.01
N GLY A 7 -3.73 -16.36 -14.10
CA GLY A 7 -2.71 -16.23 -13.07
C GLY A 7 -2.99 -15.07 -12.13
N PRO A 8 -1.96 -14.65 -11.37
CA PRO A 8 -2.07 -13.54 -10.43
C PRO A 8 -2.21 -12.20 -11.13
N PRO A 9 -2.69 -11.19 -10.39
CA PRO A 9 -2.87 -9.83 -10.93
C PRO A 9 -1.55 -9.13 -11.21
N GLY A 10 -1.54 -8.30 -12.25
CA GLY A 10 -0.33 -7.58 -12.61
C GLY A 10 0.12 -6.64 -11.52
N PRO A 11 1.09 -5.77 -11.85
CA PRO A 11 1.65 -4.80 -10.90
C PRO A 11 0.65 -3.71 -10.54
N CYS A 12 0.13 -3.76 -9.32
CA CYS A 12 -0.84 -2.77 -8.86
C CYS A 12 -0.22 -1.37 -8.83
N LEU A 13 -1.06 -0.37 -8.63
CA LEU A 13 -0.59 1.02 -8.57
C LEU A 13 -0.27 1.43 -7.14
N PRO A 14 0.61 2.43 -7.00
CA PRO A 14 1.03 2.94 -5.69
C PRO A 14 -0.10 3.69 -4.98
N PRO A 15 -0.20 3.49 -3.66
CA PRO A 15 -1.22 4.14 -2.84
C PRO A 15 -0.98 5.64 -2.69
N ARG A 16 -2.04 6.42 -2.88
CA ARG A 16 -1.94 7.87 -2.78
C ARG A 16 -2.28 8.34 -1.36
N LEU A 17 -1.32 8.98 -0.72
CA LEU A 17 -1.52 9.48 0.64
C LEU A 17 -2.85 10.19 0.77
N GLN A 18 -3.68 9.72 1.70
CA GLN A 18 -4.99 10.31 1.92
C GLN A 18 -4.88 11.56 2.77
N GLY A 19 -5.75 12.54 2.51
CA GLY A 19 -5.73 13.78 3.25
C GLY A 19 -4.33 14.19 3.66
N ARG A 20 -4.09 14.29 4.97
CA ARG A 20 -2.79 14.67 5.48
C ARG A 20 -2.21 13.59 6.39
N PRO A 21 -0.89 13.36 6.28
CA PRO A 21 -0.20 12.35 7.08
C PRO A 21 -0.10 12.75 8.56
N LYS A 22 0.41 11.84 9.38
CA LYS A 22 0.56 12.10 10.81
C LYS A 22 2.00 11.90 11.25
N ALA A 23 2.26 12.10 12.54
CA ALA A 23 3.60 11.94 13.09
C ALA A 23 4.04 10.48 13.02
N LYS A 24 3.24 9.59 13.59
CA LYS A 24 3.55 8.18 13.59
C LYS A 24 2.48 7.38 12.86
N GLU A 25 1.68 8.07 12.04
CA GLU A 25 0.62 7.43 11.28
C GLU A 25 0.45 8.09 9.92
N ILE A 26 -0.12 7.34 8.97
CA ILE A 26 -0.34 7.86 7.62
C ILE A 26 -1.49 7.13 6.94
N GLN A 27 -2.40 7.90 6.34
CA GLN A 27 -3.55 7.33 5.65
C GLN A 27 -3.27 7.19 4.16
N LEU A 28 -3.78 6.11 3.57
CA LEU A 28 -3.59 5.85 2.15
C LEU A 28 -4.90 5.52 1.47
N ARG A 29 -4.95 5.69 0.15
CA ARG A 29 -6.16 5.41 -0.62
C ARG A 29 -5.80 4.98 -2.04
N TRP A 30 -5.94 3.70 -2.32
CA TRP A 30 -5.64 3.15 -3.64
C TRP A 30 -6.88 2.57 -4.28
N GLY A 31 -6.72 1.97 -5.46
CA GLY A 31 -7.84 1.37 -6.16
C GLY A 31 -7.49 0.03 -6.78
N PRO A 32 -8.49 -0.63 -7.37
CA PRO A 32 -8.31 -1.94 -8.01
C PRO A 32 -7.49 -1.84 -9.29
N PRO A 33 -6.60 -2.83 -9.51
CA PRO A 33 -5.74 -2.88 -10.69
C PRO A 33 -6.53 -3.18 -11.97
N LEU A 34 -5.88 -3.01 -13.11
CA LEU A 34 -6.52 -3.25 -14.40
C LEU A 34 -6.40 -4.72 -14.79
N VAL A 35 -5.27 -5.33 -14.44
CA VAL A 35 -5.03 -6.73 -14.76
C VAL A 35 -5.20 -7.61 -13.52
N ASP A 36 -6.39 -8.16 -13.36
CA ASP A 36 -6.68 -9.03 -12.22
C ASP A 36 -6.41 -10.49 -12.56
N GLY A 37 -5.67 -10.71 -13.65
CA GLY A 37 -5.35 -12.07 -14.06
C GLY A 37 -6.57 -12.83 -14.53
N GLY A 38 -7.64 -12.10 -14.84
CA GLY A 38 -8.86 -12.74 -15.30
C GLY A 38 -9.85 -12.99 -14.18
N SER A 39 -9.33 -13.12 -12.96
CA SER A 39 -10.17 -13.37 -11.80
C SER A 39 -10.39 -12.09 -11.00
N PRO A 40 -11.59 -11.93 -10.43
CA PRO A 40 -11.96 -10.76 -9.64
C PRO A 40 -11.22 -10.72 -8.30
N ILE A 41 -10.40 -9.69 -8.11
CA ILE A 41 -9.65 -9.54 -6.87
C ILE A 41 -10.47 -9.98 -5.66
N SER A 42 -9.80 -10.65 -4.72
CA SER A 42 -10.47 -11.13 -3.52
C SER A 42 -10.01 -10.36 -2.29
N CYS A 43 -8.72 -10.03 -2.26
CA CYS A 43 -8.14 -9.29 -1.14
C CYS A 43 -6.83 -8.63 -1.54
N TYR A 44 -6.54 -7.48 -0.94
CA TYR A 44 -5.31 -6.74 -1.24
C TYR A 44 -4.35 -6.81 -0.06
N SER A 45 -3.19 -6.18 -0.22
CA SER A 45 -2.17 -6.17 0.82
C SER A 45 -1.21 -5.00 0.62
N VAL A 46 -0.86 -4.34 1.73
CA VAL A 46 0.05 -3.20 1.68
C VAL A 46 1.34 -3.49 2.46
N GLU A 47 2.47 -3.43 1.76
CA GLU A 47 3.75 -3.69 2.39
C GLU A 47 4.60 -2.41 2.46
N MET A 48 4.67 -1.81 3.64
CA MET A 48 5.43 -0.59 3.84
C MET A 48 6.87 -0.90 4.25
N SER A 49 7.81 -0.08 3.77
CA SER A 49 9.21 -0.28 4.09
C SER A 49 9.93 1.06 4.24
N PRO A 50 10.74 1.18 5.30
CA PRO A 50 11.49 2.40 5.59
C PRO A 50 12.62 2.64 4.58
N ILE A 51 12.36 3.49 3.59
CA ILE A 51 13.34 3.80 2.56
C ILE A 51 14.76 3.71 3.12
N GLU A 52 14.94 4.17 4.35
CA GLU A 52 16.24 4.15 5.00
C GLU A 52 16.82 2.73 4.99
N LYS A 53 16.02 1.77 5.42
CA LYS A 53 16.45 0.37 5.47
C LYS A 53 15.38 -0.55 4.88
N ASP A 54 15.81 -1.70 4.38
CA ASP A 54 14.89 -2.66 3.78
C ASP A 54 14.14 -3.43 4.87
N GLU A 55 13.02 -2.88 5.30
CA GLU A 55 12.20 -3.51 6.34
C GLU A 55 10.73 -3.57 5.91
N PRO A 56 10.47 -4.29 4.81
CA PRO A 56 9.12 -4.45 4.28
C PRO A 56 8.23 -5.32 5.18
N ARG A 57 7.10 -4.77 5.60
CA ARG A 57 6.17 -5.49 6.45
C ARG A 57 4.73 -5.19 6.07
N GLU A 58 3.89 -6.22 6.08
CA GLU A 58 2.49 -6.07 5.73
C GLU A 58 1.76 -5.22 6.76
N VAL A 59 1.72 -3.91 6.51
CA VAL A 59 1.06 -2.99 7.42
C VAL A 59 -0.45 -3.20 7.41
N TYR A 60 -0.98 -3.59 6.26
CA TYR A 60 -2.42 -3.83 6.12
C TYR A 60 -2.68 -5.00 5.16
N GLN A 61 -3.86 -5.59 5.28
CA GLN A 61 -4.25 -6.71 4.43
C GLN A 61 -5.73 -7.03 4.59
N GLY A 62 -6.50 -6.80 3.54
CA GLY A 62 -7.92 -7.08 3.58
C GLY A 62 -8.55 -7.13 2.21
N SER A 63 -9.72 -6.51 2.06
CA SER A 63 -10.42 -6.50 0.79
C SER A 63 -10.66 -5.07 0.31
N GLU A 64 -10.58 -4.12 1.24
CA GLU A 64 -10.79 -2.72 0.92
C GLU A 64 -9.58 -2.14 0.20
N VAL A 65 -9.70 -0.89 -0.26
CA VAL A 65 -8.61 -0.22 -0.96
C VAL A 65 -8.16 1.03 -0.22
N GLU A 66 -8.40 1.05 1.09
CA GLU A 66 -8.01 2.18 1.92
C GLU A 66 -7.74 1.74 3.36
N CYS A 67 -6.59 2.14 3.89
CA CYS A 67 -6.21 1.79 5.25
C CYS A 67 -5.44 2.94 5.91
N THR A 68 -5.01 2.70 7.15
CA THR A 68 -4.25 3.70 7.89
C THR A 68 -3.07 3.08 8.62
N VAL A 69 -1.86 3.51 8.24
CA VAL A 69 -0.65 2.99 8.86
C VAL A 69 -0.37 3.68 10.20
N SER A 70 0.42 3.02 11.04
CA SER A 70 0.75 3.56 12.35
C SER A 70 2.08 3.00 12.85
N SER A 71 2.52 3.48 14.00
CA SER A 71 3.79 3.03 14.59
C SER A 71 4.96 3.49 13.75
N LEU A 72 4.81 4.63 13.08
CA LEU A 72 5.86 5.19 12.24
C LEU A 72 6.60 6.32 12.96
N LEU A 73 7.64 6.84 12.32
CA LEU A 73 8.42 7.93 12.89
C LEU A 73 8.21 9.22 12.12
N PRO A 74 8.03 10.33 12.86
CA PRO A 74 7.81 11.65 12.26
C PRO A 74 9.06 12.19 11.58
N GLY A 75 8.86 13.04 10.58
CA GLY A 75 9.99 13.61 9.85
C GLY A 75 10.82 12.56 9.15
N LYS A 76 10.20 11.44 8.82
CA LYS A 76 10.89 10.36 8.13
C LYS A 76 10.07 9.84 6.96
N THR A 77 10.75 9.38 5.92
CA THR A 77 10.08 8.85 4.73
C THR A 77 9.94 7.34 4.81
N TYR A 78 8.94 6.81 4.10
CA TYR A 78 8.69 5.37 4.10
C TYR A 78 8.15 4.92 2.74
N SER A 79 8.82 3.94 2.15
CA SER A 79 8.41 3.41 0.85
C SER A 79 7.24 2.44 0.99
N PHE A 80 6.08 2.83 0.49
CA PHE A 80 4.89 2.00 0.56
C PHE A 80 4.62 1.31 -0.77
N ARG A 81 3.97 0.15 -0.72
CA ARG A 81 3.65 -0.61 -1.93
C ARG A 81 2.24 -1.17 -1.85
N LEU A 82 1.82 -1.86 -2.92
CA LEU A 82 0.50 -2.46 -2.97
C LEU A 82 0.50 -3.72 -3.83
N ARG A 83 -0.26 -4.72 -3.43
CA ARG A 83 -0.35 -5.97 -4.16
C ARG A 83 -1.73 -6.61 -3.98
N ALA A 84 -2.31 -7.08 -5.09
CA ALA A 84 -3.61 -7.71 -5.06
C ALA A 84 -3.48 -9.23 -5.10
N ALA A 85 -4.55 -9.93 -4.70
CA ALA A 85 -4.55 -11.39 -4.69
C ALA A 85 -5.87 -11.92 -5.24
N ASN A 86 -5.79 -13.07 -5.93
CA ASN A 86 -6.98 -13.69 -6.51
C ASN A 86 -6.93 -15.20 -6.33
N LYS A 87 -7.92 -15.90 -6.90
CA LYS A 87 -7.99 -17.35 -6.81
C LYS A 87 -6.63 -17.98 -7.10
N MET A 88 -5.76 -17.23 -7.79
CA MET A 88 -4.43 -17.71 -8.13
C MET A 88 -3.45 -17.44 -7.00
N GLY A 89 -3.27 -16.15 -6.69
CA GLY A 89 -2.35 -15.78 -5.64
C GLY A 89 -1.99 -14.30 -5.67
N PHE A 90 -1.17 -13.87 -4.73
CA PHE A 90 -0.75 -12.47 -4.66
C PHE A 90 0.24 -12.14 -5.79
N GLY A 91 0.03 -11.00 -6.43
CA GLY A 91 0.90 -10.58 -7.51
C GLY A 91 2.03 -9.69 -7.03
N PRO A 92 2.73 -9.06 -7.98
CA PRO A 92 3.85 -8.16 -7.68
C PRO A 92 3.39 -6.86 -7.02
N PHE A 93 4.25 -6.31 -6.18
CA PHE A 93 3.92 -5.06 -5.48
C PHE A 93 4.00 -3.87 -6.43
N SER A 94 3.25 -2.82 -6.10
CA SER A 94 3.21 -1.62 -6.92
C SER A 94 4.49 -0.79 -6.73
N GLU A 95 4.52 0.38 -7.35
CA GLU A 95 5.68 1.27 -7.24
C GLU A 95 5.79 1.85 -5.84
N LYS A 96 7.02 2.01 -5.36
CA LYS A 96 7.26 2.56 -4.03
C LYS A 96 6.86 4.03 -3.97
N CYS A 97 5.94 4.34 -3.07
CA CYS A 97 5.46 5.71 -2.90
C CYS A 97 6.00 6.32 -1.61
N ASP A 98 7.23 6.84 -1.68
CA ASP A 98 7.85 7.46 -0.52
C ASP A 98 6.97 8.56 0.06
N ILE A 99 6.52 8.35 1.30
CA ILE A 99 5.67 9.32 1.97
C ILE A 99 6.32 9.85 3.24
N THR A 100 6.62 11.14 3.26
CA THR A 100 7.26 11.77 4.41
C THR A 100 6.21 12.18 5.45
N THR A 101 6.27 11.54 6.62
CA THR A 101 5.33 11.83 7.69
C THR A 101 5.45 13.29 8.14
N ALA A 102 4.56 13.70 9.03
CA ALA A 102 4.58 15.07 9.55
C ALA A 102 5.74 15.28 10.51
N PRO A 103 6.23 16.53 10.59
CA PRO A 103 7.35 16.89 11.46
C PRO A 103 6.96 16.86 12.94
N GLY A 104 5.72 16.46 13.20
CA GLY A 104 5.25 16.41 14.58
C GLY A 104 4.67 17.72 15.05
N SER A 105 3.34 17.81 15.08
CA SER A 105 2.66 19.02 15.51
C SER A 105 3.26 20.25 14.82
N GLY A 106 3.37 20.20 13.50
CA GLY A 106 3.93 21.30 12.75
C GLY A 106 2.87 22.29 12.30
N PRO A 107 2.13 21.92 11.24
CA PRO A 107 1.06 22.77 10.70
C PRO A 107 -0.14 22.87 11.63
N SER A 108 -0.80 24.03 11.61
CA SER A 108 -1.96 24.25 12.46
C SER A 108 -2.80 25.42 11.93
N SER A 109 -3.90 25.71 12.62
CA SER A 109 -4.79 26.79 12.22
C SER A 109 -4.38 28.10 12.89
N GLY A 110 -3.11 28.44 12.78
CA GLY A 110 -2.61 29.67 13.38
C GLY A 110 -1.21 30.01 12.92
N GLY A 1 -15.91 -14.09 -22.52
CA GLY A 1 -14.63 -14.76 -22.65
C GLY A 1 -14.44 -15.84 -21.60
N SER A 2 -14.51 -17.10 -22.03
CA SER A 2 -14.35 -18.23 -21.13
C SER A 2 -12.89 -18.44 -20.76
N SER A 3 -12.40 -17.66 -19.81
CA SER A 3 -11.01 -17.74 -19.37
C SER A 3 -10.62 -19.20 -19.08
N GLY A 4 -9.47 -19.60 -19.59
CA GLY A 4 -9.01 -20.96 -19.38
C GLY A 4 -7.90 -21.05 -18.33
N SER A 5 -6.78 -20.39 -18.61
CA SER A 5 -5.64 -20.39 -17.69
C SER A 5 -5.50 -19.03 -17.02
N SER A 6 -5.97 -18.95 -15.77
CA SER A 6 -5.89 -17.70 -15.02
C SER A 6 -4.69 -17.71 -14.09
N GLY A 7 -4.43 -16.57 -13.45
CA GLY A 7 -3.29 -16.47 -12.54
C GLY A 7 -3.39 -15.26 -11.63
N PRO A 8 -2.27 -14.91 -10.98
CA PRO A 8 -2.22 -13.78 -10.07
C PRO A 8 -2.32 -12.44 -10.79
N PRO A 9 -2.82 -11.41 -10.08
CA PRO A 9 -2.98 -10.06 -10.64
C PRO A 9 -1.64 -9.38 -10.90
N GLY A 10 -1.59 -8.56 -11.94
CA GLY A 10 -0.37 -7.85 -12.27
C GLY A 10 0.04 -6.86 -11.20
N PRO A 11 1.07 -6.05 -11.49
CA PRO A 11 1.58 -5.05 -10.56
C PRO A 11 0.61 -3.90 -10.36
N CYS A 12 0.05 -3.79 -9.15
CA CYS A 12 -0.91 -2.73 -8.84
C CYS A 12 -0.20 -1.38 -8.73
N LEU A 13 -0.98 -0.32 -8.62
CA LEU A 13 -0.44 1.03 -8.51
C LEU A 13 -0.16 1.38 -7.05
N PRO A 14 0.72 2.37 -6.84
CA PRO A 14 1.10 2.83 -5.50
C PRO A 14 -0.04 3.57 -4.80
N PRO A 15 -0.19 3.33 -3.49
CA PRO A 15 -1.23 3.97 -2.69
C PRO A 15 -0.97 5.46 -2.49
N ARG A 16 -1.94 6.28 -2.89
CA ARG A 16 -1.83 7.73 -2.75
C ARG A 16 -2.04 8.15 -1.30
N LEU A 17 -1.36 9.22 -0.91
CA LEU A 17 -1.48 9.74 0.46
C LEU A 17 -2.87 10.33 0.70
N GLN A 18 -3.62 9.70 1.61
CA GLN A 18 -4.96 10.17 1.93
C GLN A 18 -4.90 11.41 2.81
N GLY A 19 -5.59 12.47 2.37
CA GLY A 19 -5.61 13.71 3.13
C GLY A 19 -4.22 14.15 3.54
N ARG A 20 -3.92 14.04 4.83
CA ARG A 20 -2.62 14.44 5.36
C ARG A 20 -2.07 13.38 6.31
N PRO A 21 -0.76 13.11 6.19
CA PRO A 21 -0.09 12.12 7.04
C PRO A 21 0.03 12.57 8.50
N LYS A 22 0.33 11.63 9.38
CA LYS A 22 0.48 11.93 10.80
C LYS A 22 1.93 11.80 11.24
N ALA A 23 2.18 12.05 12.52
CA ALA A 23 3.53 11.96 13.06
C ALA A 23 4.01 10.51 13.09
N LYS A 24 3.15 9.62 13.57
CA LYS A 24 3.49 8.19 13.64
C LYS A 24 2.45 7.34 12.92
N GLU A 25 1.61 8.00 12.11
CA GLU A 25 0.57 7.32 11.36
C GLU A 25 0.42 7.91 9.97
N ILE A 26 -0.13 7.12 9.05
CA ILE A 26 -0.33 7.58 7.68
C ILE A 26 -1.52 6.86 7.03
N GLN A 27 -2.31 7.61 6.28
CA GLN A 27 -3.48 7.05 5.61
C GLN A 27 -3.22 6.88 4.12
N LEU A 28 -3.40 5.65 3.63
CA LEU A 28 -3.18 5.37 2.22
C LEU A 28 -4.52 5.21 1.49
N ARG A 29 -4.48 5.36 0.17
CA ARG A 29 -5.67 5.24 -0.65
C ARG A 29 -5.33 4.75 -2.05
N TRP A 30 -5.79 3.55 -2.38
CA TRP A 30 -5.52 2.96 -3.70
C TRP A 30 -6.79 2.37 -4.28
N GLY A 31 -6.66 1.73 -5.45
CA GLY A 31 -7.80 1.14 -6.10
C GLY A 31 -7.47 -0.20 -6.75
N PRO A 32 -8.47 -0.81 -7.41
CA PRO A 32 -8.30 -2.10 -8.08
C PRO A 32 -7.41 -1.99 -9.31
N PRO A 33 -6.52 -2.97 -9.48
CA PRO A 33 -5.60 -3.01 -10.62
C PRO A 33 -6.31 -3.31 -11.94
N LEU A 34 -5.73 -2.87 -13.05
CA LEU A 34 -6.32 -3.09 -14.36
C LEU A 34 -6.20 -4.55 -14.76
N VAL A 35 -5.18 -5.23 -14.25
CA VAL A 35 -4.97 -6.64 -14.55
C VAL A 35 -5.12 -7.50 -13.30
N ASP A 36 -6.34 -7.95 -13.05
CA ASP A 36 -6.62 -8.79 -11.88
C ASP A 36 -6.23 -10.23 -12.14
N GLY A 37 -5.49 -10.45 -13.23
CA GLY A 37 -5.07 -11.80 -13.58
C GLY A 37 -6.21 -12.63 -14.16
N GLY A 38 -7.19 -11.96 -14.75
CA GLY A 38 -8.32 -12.66 -15.33
C GLY A 38 -9.37 -13.01 -14.30
N SER A 39 -8.98 -13.03 -13.04
CA SER A 39 -9.90 -13.36 -11.95
C SER A 39 -10.23 -12.11 -11.13
N PRO A 40 -11.42 -12.11 -10.50
CA PRO A 40 -11.88 -11.00 -9.67
C PRO A 40 -11.09 -10.88 -8.37
N ILE A 41 -10.44 -9.73 -8.19
CA ILE A 41 -9.65 -9.49 -6.99
C ILE A 41 -10.47 -9.75 -5.73
N SER A 42 -9.91 -10.55 -4.82
CA SER A 42 -10.60 -10.88 -3.57
C SER A 42 -10.15 -9.94 -2.45
N CYS A 43 -8.85 -9.81 -2.28
CA CYS A 43 -8.31 -8.93 -1.25
C CYS A 43 -6.99 -8.29 -1.71
N TYR A 44 -6.45 -7.41 -0.87
CA TYR A 44 -5.21 -6.73 -1.19
C TYR A 44 -4.21 -6.82 -0.04
N SER A 45 -3.07 -6.17 -0.19
CA SER A 45 -2.04 -6.18 0.84
C SER A 45 -1.09 -5.00 0.68
N VAL A 46 -0.96 -4.20 1.73
CA VAL A 46 -0.09 -3.03 1.71
C VAL A 46 1.18 -3.28 2.52
N GLU A 47 2.33 -3.29 1.83
CA GLU A 47 3.61 -3.52 2.50
C GLU A 47 4.43 -2.24 2.53
N MET A 48 4.52 -1.64 3.71
CA MET A 48 5.28 -0.40 3.88
C MET A 48 6.70 -0.70 4.34
N SER A 49 7.64 0.14 3.91
CA SER A 49 9.05 -0.04 4.28
C SER A 49 9.75 1.31 4.37
N PRO A 50 10.55 1.47 5.44
CA PRO A 50 11.30 2.71 5.68
C PRO A 50 12.44 2.91 4.67
N ILE A 51 12.20 3.78 3.69
CA ILE A 51 13.20 4.06 2.67
C ILE A 51 14.61 3.99 3.25
N GLU A 52 14.76 4.47 4.48
CA GLU A 52 16.07 4.47 5.14
C GLU A 52 16.65 3.05 5.16
N LYS A 53 15.84 2.09 5.57
CA LYS A 53 16.28 0.70 5.64
C LYS A 53 15.24 -0.24 5.04
N ASP A 54 15.70 -1.32 4.43
CA ASP A 54 14.80 -2.29 3.81
C ASP A 54 14.14 -3.17 4.87
N GLU A 55 13.01 -2.70 5.39
CA GLU A 55 12.27 -3.43 6.41
C GLU A 55 10.79 -3.53 6.06
N PRO A 56 10.49 -4.18 4.93
CA PRO A 56 9.12 -4.36 4.45
C PRO A 56 8.32 -5.32 5.32
N ARG A 57 7.05 -5.01 5.53
CA ARG A 57 6.18 -5.85 6.35
C ARG A 57 4.72 -5.47 6.14
N GLU A 58 3.89 -6.48 5.87
CA GLU A 58 2.46 -6.26 5.65
C GLU A 58 1.86 -5.42 6.78
N VAL A 59 1.58 -4.16 6.48
CA VAL A 59 0.99 -3.26 7.47
C VAL A 59 -0.53 -3.23 7.36
N TYR A 60 -1.06 -3.90 6.34
CA TYR A 60 -2.50 -3.95 6.12
C TYR A 60 -2.86 -5.08 5.16
N GLN A 61 -4.08 -5.60 5.31
CA GLN A 61 -4.56 -6.68 4.46
C GLN A 61 -6.05 -6.91 4.65
N GLY A 62 -6.81 -6.68 3.58
CA GLY A 62 -8.25 -6.86 3.65
C GLY A 62 -8.90 -6.83 2.28
N SER A 63 -10.14 -6.35 2.23
CA SER A 63 -10.88 -6.28 0.97
C SER A 63 -10.98 -4.84 0.49
N GLU A 64 -10.74 -3.89 1.40
CA GLU A 64 -10.80 -2.47 1.07
C GLU A 64 -9.55 -2.04 0.30
N VAL A 65 -9.55 -0.79 -0.15
CA VAL A 65 -8.42 -0.24 -0.89
C VAL A 65 -7.81 0.96 -0.18
N GLU A 66 -8.15 1.10 1.10
CA GLU A 66 -7.64 2.21 1.90
C GLU A 66 -7.40 1.78 3.35
N CYS A 67 -6.19 1.97 3.83
CA CYS A 67 -5.84 1.61 5.20
C CYS A 67 -5.14 2.76 5.92
N THR A 68 -4.92 2.59 7.21
CA THR A 68 -4.26 3.63 8.01
C THR A 68 -3.07 3.05 8.78
N VAL A 69 -1.87 3.34 8.31
CA VAL A 69 -0.66 2.85 8.96
C VAL A 69 -0.41 3.56 10.28
N SER A 70 0.39 2.94 11.14
CA SER A 70 0.69 3.52 12.44
C SER A 70 2.02 2.97 12.98
N SER A 71 2.50 3.57 14.06
CA SER A 71 3.76 3.15 14.68
C SER A 71 4.94 3.60 13.83
N LEU A 72 4.78 4.71 13.13
CA LEU A 72 5.84 5.24 12.28
C LEU A 72 6.54 6.41 12.97
N LEU A 73 7.61 6.90 12.34
CA LEU A 73 8.37 8.02 12.88
C LEU A 73 8.07 9.31 12.12
N PRO A 74 7.87 10.40 12.86
CA PRO A 74 7.58 11.71 12.28
C PRO A 74 8.79 12.31 11.55
N GLY A 75 8.52 13.19 10.60
CA GLY A 75 9.59 13.81 9.85
C GLY A 75 10.48 12.81 9.15
N LYS A 76 9.92 11.64 8.84
CA LYS A 76 10.66 10.58 8.17
C LYS A 76 9.90 10.04 6.98
N THR A 77 10.62 9.66 5.93
CA THR A 77 10.00 9.12 4.73
C THR A 77 9.85 7.61 4.82
N TYR A 78 8.86 7.07 4.11
CA TYR A 78 8.61 5.64 4.11
C TYR A 78 8.05 5.18 2.77
N SER A 79 8.67 4.15 2.20
CA SER A 79 8.23 3.62 0.91
C SER A 79 7.08 2.64 1.09
N PHE A 80 5.92 3.00 0.54
CA PHE A 80 4.73 2.15 0.65
C PHE A 80 4.47 1.43 -0.67
N ARG A 81 3.97 0.19 -0.56
CA ARG A 81 3.68 -0.61 -1.75
C ARG A 81 2.25 -1.13 -1.71
N LEU A 82 1.87 -1.91 -2.72
CA LEU A 82 0.53 -2.46 -2.81
C LEU A 82 0.51 -3.71 -3.69
N ARG A 83 -0.25 -4.71 -3.27
CA ARG A 83 -0.35 -5.96 -4.02
C ARG A 83 -1.72 -6.60 -3.83
N ALA A 84 -2.32 -7.04 -4.92
CA ALA A 84 -3.63 -7.68 -4.87
C ALA A 84 -3.51 -9.20 -4.97
N ALA A 85 -4.60 -9.89 -4.64
CA ALA A 85 -4.62 -11.35 -4.69
C ALA A 85 -5.95 -11.87 -5.21
N ASN A 86 -5.94 -13.08 -5.76
CA ASN A 86 -7.16 -13.68 -6.31
C ASN A 86 -7.15 -15.19 -6.09
N LYS A 87 -8.23 -15.84 -6.49
CA LYS A 87 -8.36 -17.28 -6.34
C LYS A 87 -7.04 -17.98 -6.64
N MET A 88 -6.22 -17.34 -7.48
CA MET A 88 -4.93 -17.90 -7.85
C MET A 88 -3.89 -17.64 -6.75
N GLY A 89 -3.63 -16.37 -6.47
CA GLY A 89 -2.67 -16.02 -5.45
C GLY A 89 -2.35 -14.55 -5.44
N PHE A 90 -1.30 -14.17 -4.73
CA PHE A 90 -0.89 -12.77 -4.63
C PHE A 90 0.10 -12.42 -5.73
N GLY A 91 -0.07 -11.23 -6.31
CA GLY A 91 0.82 -10.80 -7.38
C GLY A 91 1.92 -9.88 -6.87
N PRO A 92 2.65 -9.26 -7.81
CA PRO A 92 3.75 -8.35 -7.47
C PRO A 92 3.26 -7.05 -6.85
N PHE A 93 4.10 -6.45 -6.01
CA PHE A 93 3.75 -5.20 -5.35
C PHE A 93 3.82 -4.03 -6.32
N SER A 94 3.21 -2.91 -5.93
CA SER A 94 3.20 -1.72 -6.77
C SER A 94 4.52 -0.97 -6.65
N GLU A 95 4.60 0.20 -7.29
CA GLU A 95 5.80 1.02 -7.26
C GLU A 95 6.01 1.63 -5.87
N LYS A 96 7.24 1.60 -5.39
CA LYS A 96 7.57 2.15 -4.08
C LYS A 96 7.33 3.65 -4.06
N CYS A 97 6.31 4.07 -3.30
CA CYS A 97 5.97 5.48 -3.19
C CYS A 97 6.55 6.07 -1.92
N ASP A 98 7.25 7.20 -2.05
CA ASP A 98 7.85 7.87 -0.91
C ASP A 98 6.87 8.84 -0.26
N ILE A 99 6.56 8.62 1.01
CA ILE A 99 5.65 9.48 1.74
C ILE A 99 6.27 10.01 3.03
N THR A 100 6.33 11.33 3.15
CA THR A 100 6.92 11.96 4.32
C THR A 100 5.86 12.22 5.38
N THR A 101 6.05 11.65 6.57
CA THR A 101 5.12 11.82 7.67
C THR A 101 5.08 13.26 8.15
N ALA A 102 4.33 13.51 9.22
CA ALA A 102 4.21 14.85 9.77
C ALA A 102 5.41 15.18 10.66
N PRO A 103 5.80 16.47 10.68
CA PRO A 103 6.93 16.94 11.49
C PRO A 103 6.63 16.90 12.98
N GLY A 104 5.46 16.39 13.33
CA GLY A 104 5.08 16.31 14.73
C GLY A 104 4.24 17.50 15.18
N SER A 105 4.64 18.69 14.76
CA SER A 105 3.94 19.91 15.13
C SER A 105 3.22 20.50 13.92
N GLY A 106 2.04 19.95 13.61
CA GLY A 106 1.27 20.44 12.48
C GLY A 106 -0.21 20.59 12.82
N PRO A 107 -0.94 19.47 12.82
CA PRO A 107 -2.37 19.47 13.12
C PRO A 107 -2.66 19.77 14.58
N SER A 108 -1.65 19.61 15.42
CA SER A 108 -1.80 19.86 16.86
C SER A 108 -0.78 20.89 17.33
N SER A 109 -1.28 22.04 17.77
CA SER A 109 -0.41 23.11 18.25
C SER A 109 0.25 22.73 19.56
N GLY A 110 1.58 22.76 19.59
CA GLY A 110 2.32 22.42 20.79
C GLY A 110 3.54 21.57 20.50
N GLY A 1 -10.02 -25.09 -28.29
CA GLY A 1 -9.49 -26.27 -27.63
C GLY A 1 -9.21 -26.03 -26.16
N SER A 2 -7.98 -26.30 -25.75
CA SER A 2 -7.58 -26.12 -24.36
C SER A 2 -7.24 -24.67 -24.07
N SER A 3 -8.03 -24.04 -23.21
CA SER A 3 -7.81 -22.63 -22.85
C SER A 3 -8.20 -22.38 -21.39
N GLY A 4 -7.90 -21.18 -20.92
CA GLY A 4 -8.22 -20.82 -19.54
C GLY A 4 -6.98 -20.55 -18.72
N SER A 5 -5.98 -19.94 -19.34
CA SER A 5 -4.73 -19.63 -18.65
C SER A 5 -4.90 -18.40 -17.76
N SER A 6 -5.07 -18.63 -16.47
CA SER A 6 -5.24 -17.56 -15.51
C SER A 6 -4.09 -17.53 -14.50
N GLY A 7 -4.03 -16.46 -13.70
CA GLY A 7 -2.98 -16.34 -12.71
C GLY A 7 -3.19 -15.14 -11.80
N PRO A 8 -2.12 -14.75 -11.09
CA PRO A 8 -2.16 -13.61 -10.17
C PRO A 8 -2.27 -12.27 -10.90
N PRO A 9 -2.75 -11.25 -10.18
CA PRO A 9 -2.92 -9.90 -10.75
C PRO A 9 -1.58 -9.22 -11.03
N GLY A 10 -1.54 -8.41 -12.07
CA GLY A 10 -0.32 -7.70 -12.43
C GLY A 10 0.10 -6.71 -11.37
N PRO A 11 1.12 -5.90 -11.69
CA PRO A 11 1.65 -4.88 -10.76
C PRO A 11 0.66 -3.73 -10.55
N CYS A 12 0.13 -3.63 -9.33
CA CYS A 12 -0.82 -2.58 -9.00
C CYS A 12 -0.11 -1.23 -8.85
N LEU A 13 -0.89 -0.17 -8.70
CA LEU A 13 -0.34 1.17 -8.55
C LEU A 13 -0.12 1.50 -7.08
N PRO A 14 0.74 2.49 -6.81
CA PRO A 14 1.06 2.93 -5.45
C PRO A 14 -0.12 3.63 -4.78
N PRO A 15 -0.26 3.42 -3.46
CA PRO A 15 -1.34 4.02 -2.68
C PRO A 15 -1.17 5.53 -2.50
N ARG A 16 -2.18 6.28 -2.92
CA ARG A 16 -2.14 7.74 -2.82
C ARG A 16 -2.52 8.19 -1.41
N LEU A 17 -1.59 8.85 -0.74
CA LEU A 17 -1.83 9.34 0.62
C LEU A 17 -3.22 9.95 0.74
N GLN A 18 -3.94 9.58 1.80
CA GLN A 18 -5.28 10.09 2.03
C GLN A 18 -5.24 11.39 2.83
N GLY A 19 -5.90 12.42 2.33
CA GLY A 19 -5.94 13.70 3.00
C GLY A 19 -4.54 14.18 3.40
N ARG A 20 -4.18 13.98 4.65
CA ARG A 20 -2.88 14.40 5.15
C ARG A 20 -2.29 13.35 6.10
N PRO A 21 -0.97 13.14 6.01
CA PRO A 21 -0.28 12.17 6.85
C PRO A 21 -0.19 12.62 8.30
N LYS A 22 0.22 11.71 9.18
CA LYS A 22 0.35 12.02 10.60
C LYS A 22 1.80 11.88 11.06
N ALA A 23 2.04 12.20 12.32
CA ALA A 23 3.38 12.11 12.89
C ALA A 23 3.90 10.67 12.88
N LYS A 24 3.12 9.78 13.48
CA LYS A 24 3.48 8.36 13.54
C LYS A 24 2.46 7.50 12.81
N GLU A 25 1.63 8.14 11.99
CA GLU A 25 0.61 7.43 11.24
C GLU A 25 0.48 8.01 9.83
N ILE A 26 0.01 7.19 8.89
CA ILE A 26 -0.17 7.61 7.51
C ILE A 26 -1.33 6.87 6.86
N GLN A 27 -2.26 7.63 6.29
CA GLN A 27 -3.42 7.05 5.62
C GLN A 27 -3.16 6.87 4.14
N LEU A 28 -3.49 5.68 3.63
CA LEU A 28 -3.29 5.37 2.22
C LEU A 28 -4.62 5.24 1.48
N ARG A 29 -4.58 5.39 0.17
CA ARG A 29 -5.79 5.29 -0.64
C ARG A 29 -5.45 4.82 -2.06
N TRP A 30 -5.76 3.57 -2.35
CA TRP A 30 -5.49 3.00 -3.67
C TRP A 30 -6.78 2.49 -4.31
N GLY A 31 -6.63 1.86 -5.48
CA GLY A 31 -7.80 1.33 -6.18
C GLY A 31 -7.50 0.00 -6.85
N PRO A 32 -8.54 -0.57 -7.49
CA PRO A 32 -8.41 -1.86 -8.19
C PRO A 32 -7.57 -1.75 -9.45
N PRO A 33 -6.64 -2.69 -9.62
CA PRO A 33 -5.74 -2.73 -10.79
C PRO A 33 -6.48 -3.09 -12.07
N LEU A 34 -5.85 -2.83 -13.21
CA LEU A 34 -6.44 -3.13 -14.51
C LEU A 34 -6.29 -4.62 -14.85
N VAL A 35 -5.15 -5.19 -14.48
CA VAL A 35 -4.87 -6.60 -14.74
C VAL A 35 -5.05 -7.43 -13.48
N ASP A 36 -6.23 -8.03 -13.34
CA ASP A 36 -6.52 -8.86 -12.18
C ASP A 36 -6.24 -10.33 -12.48
N GLY A 37 -5.33 -10.58 -13.41
CA GLY A 37 -4.99 -11.94 -13.78
C GLY A 37 -6.17 -12.70 -14.36
N GLY A 38 -7.13 -11.96 -14.92
CA GLY A 38 -8.30 -12.59 -15.50
C GLY A 38 -9.42 -12.77 -14.49
N SER A 39 -9.06 -12.99 -13.24
CA SER A 39 -10.04 -13.18 -12.17
C SER A 39 -10.24 -11.90 -11.38
N PRO A 40 -11.47 -11.73 -10.86
CA PRO A 40 -11.83 -10.55 -10.06
C PRO A 40 -11.13 -10.53 -8.70
N ILE A 41 -10.32 -9.49 -8.49
CA ILE A 41 -9.60 -9.35 -7.22
C ILE A 41 -10.42 -9.90 -6.05
N SER A 42 -9.74 -10.44 -5.06
CA SER A 42 -10.40 -11.00 -3.89
C SER A 42 -9.93 -10.30 -2.61
N CYS A 43 -8.75 -9.68 -2.68
CA CYS A 43 -8.18 -8.98 -1.54
C CYS A 43 -6.93 -8.20 -1.95
N TYR A 44 -6.39 -7.43 -1.00
CA TYR A 44 -5.20 -6.63 -1.26
C TYR A 44 -4.23 -6.72 -0.09
N SER A 45 -3.04 -6.14 -0.26
CA SER A 45 -2.03 -6.15 0.77
C SER A 45 -1.05 -5.00 0.59
N VAL A 46 -0.86 -4.22 1.67
CA VAL A 46 0.04 -3.07 1.62
C VAL A 46 1.29 -3.34 2.46
N GLU A 47 2.45 -3.27 1.81
CA GLU A 47 3.72 -3.51 2.48
C GLU A 47 4.54 -2.22 2.54
N MET A 48 4.56 -1.59 3.71
CA MET A 48 5.31 -0.36 3.90
C MET A 48 6.74 -0.66 4.34
N SER A 49 7.67 0.21 3.94
CA SER A 49 9.07 0.04 4.31
C SER A 49 9.78 1.39 4.38
N PRO A 50 10.59 1.58 5.44
CA PRO A 50 11.34 2.81 5.67
C PRO A 50 12.46 3.00 4.65
N ILE A 51 12.25 3.88 3.69
CA ILE A 51 13.25 4.15 2.66
C ILE A 51 14.66 4.07 3.24
N GLU A 52 14.82 4.52 4.48
CA GLU A 52 16.12 4.49 5.14
C GLU A 52 16.68 3.07 5.18
N LYS A 53 15.84 2.12 5.57
CA LYS A 53 16.25 0.72 5.65
C LYS A 53 15.20 -0.19 5.02
N ASP A 54 15.66 -1.24 4.35
CA ASP A 54 14.77 -2.19 3.70
C ASP A 54 14.14 -3.12 4.72
N GLU A 55 13.05 -2.68 5.33
CA GLU A 55 12.34 -3.48 6.33
C GLU A 55 10.84 -3.50 6.05
N PRO A 56 10.47 -4.14 4.92
CA PRO A 56 9.06 -4.25 4.51
C PRO A 56 8.27 -5.18 5.42
N ARG A 57 7.01 -4.83 5.66
CA ARG A 57 6.15 -5.64 6.52
C ARG A 57 4.68 -5.38 6.20
N GLU A 58 3.87 -6.43 6.27
CA GLU A 58 2.44 -6.32 5.99
C GLU A 58 1.75 -5.44 7.03
N VAL A 59 1.57 -4.17 6.69
CA VAL A 59 0.93 -3.22 7.60
C VAL A 59 -0.59 -3.23 7.40
N TYR A 60 -1.04 -3.89 6.34
CA TYR A 60 -2.46 -3.97 6.04
C TYR A 60 -2.76 -5.16 5.13
N GLN A 61 -3.98 -5.67 5.22
CA GLN A 61 -4.40 -6.80 4.40
C GLN A 61 -5.90 -7.07 4.56
N GLY A 62 -6.65 -6.81 3.48
CA GLY A 62 -8.08 -7.02 3.52
C GLY A 62 -8.70 -7.01 2.13
N SER A 63 -9.86 -6.38 2.01
CA SER A 63 -10.56 -6.32 0.73
C SER A 63 -10.71 -4.87 0.27
N GLU A 64 -10.71 -3.95 1.23
CA GLU A 64 -10.84 -2.53 0.93
C GLU A 64 -9.63 -2.02 0.14
N VAL A 65 -9.62 -0.72 -0.14
CA VAL A 65 -8.53 -0.10 -0.88
C VAL A 65 -7.95 1.08 -0.12
N GLU A 66 -8.32 1.21 1.15
CA GLU A 66 -7.84 2.30 1.98
C GLU A 66 -7.56 1.83 3.40
N CYS A 67 -6.36 2.11 3.88
CA CYS A 67 -5.96 1.71 5.23
C CYS A 67 -5.25 2.84 5.95
N THR A 68 -4.89 2.61 7.21
CA THR A 68 -4.20 3.61 8.01
C THR A 68 -3.03 3.01 8.78
N VAL A 69 -1.82 3.43 8.44
CA VAL A 69 -0.62 2.93 9.09
C VAL A 69 -0.35 3.68 10.40
N SER A 70 0.47 3.07 11.25
CA SER A 70 0.80 3.68 12.54
C SER A 70 2.11 3.13 13.07
N SER A 71 2.56 3.68 14.20
CA SER A 71 3.82 3.24 14.81
C SER A 71 5.02 3.70 13.98
N LEU A 72 4.84 4.80 13.27
CA LEU A 72 5.90 5.34 12.43
C LEU A 72 6.58 6.54 13.10
N LEU A 73 7.60 7.08 12.44
CA LEU A 73 8.33 8.23 12.98
C LEU A 73 8.04 9.48 12.16
N PRO A 74 7.81 10.61 12.85
CA PRO A 74 7.53 11.89 12.20
C PRO A 74 8.74 12.46 11.49
N GLY A 75 8.51 13.33 10.50
CA GLY A 75 9.60 13.94 9.76
C GLY A 75 10.48 12.91 9.09
N LYS A 76 9.91 11.76 8.77
CA LYS A 76 10.65 10.68 8.11
C LYS A 76 9.87 10.13 6.92
N THR A 77 10.59 9.71 5.88
CA THR A 77 9.96 9.16 4.69
C THR A 77 9.81 7.65 4.81
N TYR A 78 8.86 7.09 4.05
CA TYR A 78 8.62 5.65 4.07
C TYR A 78 8.05 5.19 2.73
N SER A 79 8.69 4.17 2.16
CA SER A 79 8.26 3.63 0.87
C SER A 79 7.10 2.67 1.06
N PHE A 80 5.97 2.98 0.43
CA PHE A 80 4.78 2.15 0.53
C PHE A 80 4.50 1.45 -0.80
N ARG A 81 3.93 0.25 -0.72
CA ARG A 81 3.61 -0.52 -1.91
C ARG A 81 2.19 -1.06 -1.85
N LEU A 82 1.82 -1.87 -2.83
CA LEU A 82 0.47 -2.44 -2.90
C LEU A 82 0.46 -3.69 -3.77
N ARG A 83 -0.33 -4.68 -3.38
CA ARG A 83 -0.44 -5.93 -4.12
C ARG A 83 -1.83 -6.55 -3.94
N ALA A 84 -2.43 -6.97 -5.05
CA ALA A 84 -3.74 -7.58 -5.02
C ALA A 84 -3.64 -9.10 -5.02
N ALA A 85 -4.70 -9.77 -4.57
CA ALA A 85 -4.73 -11.22 -4.51
C ALA A 85 -6.06 -11.75 -5.03
N ASN A 86 -6.00 -12.86 -5.77
CA ASN A 86 -7.20 -13.48 -6.33
C ASN A 86 -7.19 -14.99 -6.10
N LYS A 87 -8.18 -15.67 -6.66
CA LYS A 87 -8.29 -17.12 -6.53
C LYS A 87 -6.95 -17.80 -6.86
N MET A 88 -6.09 -17.07 -7.54
CA MET A 88 -4.77 -17.60 -7.92
C MET A 88 -3.76 -17.35 -6.81
N GLY A 89 -3.66 -16.10 -6.37
CA GLY A 89 -2.73 -15.74 -5.32
C GLY A 89 -2.34 -14.28 -5.36
N PHE A 90 -1.37 -13.91 -4.53
CA PHE A 90 -0.91 -12.53 -4.46
C PHE A 90 0.08 -12.23 -5.58
N GLY A 91 -0.06 -11.05 -6.19
CA GLY A 91 0.83 -10.67 -7.27
C GLY A 91 1.95 -9.76 -6.81
N PRO A 92 2.67 -9.16 -7.76
CA PRO A 92 3.79 -8.25 -7.47
C PRO A 92 3.33 -6.94 -6.85
N PHE A 93 4.17 -6.36 -6.01
CA PHE A 93 3.84 -5.10 -5.36
C PHE A 93 3.92 -3.93 -6.34
N SER A 94 3.26 -2.84 -6.01
CA SER A 94 3.24 -1.65 -6.86
C SER A 94 4.56 -0.90 -6.75
N GLU A 95 4.63 0.26 -7.41
CA GLU A 95 5.83 1.08 -7.38
C GLU A 95 6.01 1.74 -6.02
N LYS A 96 7.22 1.66 -5.49
CA LYS A 96 7.53 2.24 -4.19
C LYS A 96 7.16 3.73 -4.16
N CYS A 97 6.31 4.10 -3.20
CA CYS A 97 5.88 5.48 -3.06
C CYS A 97 6.38 6.08 -1.75
N ASP A 98 7.46 6.84 -1.83
CA ASP A 98 8.05 7.47 -0.64
C ASP A 98 7.11 8.54 -0.08
N ILE A 99 6.68 8.34 1.16
CA ILE A 99 5.78 9.29 1.82
C ILE A 99 6.42 9.88 3.06
N THR A 100 6.43 11.20 3.14
CA THR A 100 7.02 11.89 4.28
C THR A 100 5.95 12.24 5.32
N THR A 101 6.08 11.66 6.51
CA THR A 101 5.13 11.89 7.58
C THR A 101 5.17 13.35 8.03
N ALA A 102 4.29 13.70 8.98
CA ALA A 102 4.23 15.06 9.49
C ALA A 102 5.33 15.32 10.51
N PRO A 103 5.77 16.58 10.60
CA PRO A 103 6.83 16.99 11.53
C PRO A 103 6.36 16.94 12.99
N GLY A 104 5.13 16.50 13.20
CA GLY A 104 4.60 16.42 14.54
C GLY A 104 3.99 17.74 15.01
N SER A 105 3.25 18.38 14.12
CA SER A 105 2.62 19.66 14.44
C SER A 105 1.36 19.46 15.29
N GLY A 106 1.29 20.17 16.41
CA GLY A 106 0.14 20.04 17.29
C GLY A 106 -0.38 21.40 17.75
N PRO A 107 -1.71 21.49 17.92
CA PRO A 107 -2.36 22.73 18.36
C PRO A 107 -2.04 23.06 19.81
N SER A 108 -2.07 24.35 20.15
CA SER A 108 -1.78 24.80 21.50
C SER A 108 -2.96 24.53 22.42
N SER A 109 -2.73 24.66 23.72
CA SER A 109 -3.77 24.43 24.72
C SER A 109 -4.15 25.73 25.43
N GLY A 110 -3.17 26.34 26.07
CA GLY A 110 -3.41 27.58 26.78
C GLY A 110 -2.62 28.75 26.21
N GLY A 1 -8.75 -26.36 -8.37
CA GLY A 1 -9.53 -26.67 -9.56
C GLY A 1 -8.66 -26.79 -10.80
N SER A 2 -8.76 -25.79 -11.67
CA SER A 2 -7.98 -25.79 -12.91
C SER A 2 -7.17 -24.51 -13.03
N SER A 3 -5.85 -24.66 -13.16
CA SER A 3 -4.95 -23.52 -13.28
C SER A 3 -3.96 -23.74 -14.41
N GLY A 4 -3.94 -22.82 -15.37
CA GLY A 4 -3.03 -22.91 -16.49
C GLY A 4 -2.95 -21.64 -17.29
N SER A 5 -4.10 -21.17 -17.77
CA SER A 5 -4.16 -19.94 -18.57
C SER A 5 -4.14 -18.72 -17.67
N SER A 6 -5.11 -18.64 -16.77
CA SER A 6 -5.22 -17.51 -15.85
C SER A 6 -4.07 -17.51 -14.85
N GLY A 7 -3.97 -16.45 -14.05
CA GLY A 7 -2.91 -16.35 -13.07
C GLY A 7 -3.10 -15.18 -12.13
N PRO A 8 -2.02 -14.79 -11.43
CA PRO A 8 -2.05 -13.67 -10.49
C PRO A 8 -2.20 -12.32 -11.18
N PRO A 9 -2.68 -11.31 -10.44
CA PRO A 9 -2.87 -9.96 -10.97
C PRO A 9 -1.55 -9.26 -11.25
N GLY A 10 -1.57 -8.35 -12.24
CA GLY A 10 -0.38 -7.62 -12.59
C GLY A 10 0.07 -6.67 -11.51
N PRO A 11 1.06 -5.81 -11.82
CA PRO A 11 1.60 -4.83 -10.88
C PRO A 11 0.59 -3.72 -10.57
N CYS A 12 0.10 -3.70 -9.33
CA CYS A 12 -0.86 -2.69 -8.91
C CYS A 12 -0.21 -1.31 -8.84
N LEU A 13 -1.04 -0.28 -8.72
CA LEU A 13 -0.53 1.09 -8.64
C LEU A 13 -0.27 1.50 -7.20
N PRO A 14 0.63 2.46 -7.01
CA PRO A 14 0.99 2.96 -5.68
C PRO A 14 -0.14 3.77 -5.03
N PRO A 15 -0.33 3.56 -3.73
CA PRO A 15 -1.38 4.25 -2.96
C PRO A 15 -1.08 5.74 -2.79
N ARG A 16 -2.12 6.56 -2.89
CA ARG A 16 -1.98 8.00 -2.74
C ARG A 16 -2.28 8.44 -1.31
N LEU A 17 -1.29 9.06 -0.67
CA LEU A 17 -1.46 9.52 0.70
C LEU A 17 -2.79 10.24 0.88
N GLN A 18 -3.65 9.68 1.71
CA GLN A 18 -4.96 10.27 1.98
C GLN A 18 -4.83 11.53 2.82
N GLY A 19 -5.69 12.51 2.55
CA GLY A 19 -5.65 13.76 3.28
C GLY A 19 -4.25 14.15 3.69
N ARG A 20 -4.01 14.24 5.00
CA ARG A 20 -2.69 14.62 5.51
C ARG A 20 -2.15 13.55 6.45
N PRO A 21 -0.85 13.27 6.34
CA PRO A 21 -0.18 12.26 7.18
C PRO A 21 -0.06 12.71 8.62
N LYS A 22 0.40 11.80 9.48
CA LYS A 22 0.57 12.11 10.90
C LYS A 22 2.03 11.94 11.32
N ALA A 23 2.29 12.12 12.61
CA ALA A 23 3.63 11.99 13.15
C ALA A 23 4.10 10.53 13.12
N LYS A 24 3.26 9.64 13.63
CA LYS A 24 3.58 8.22 13.66
C LYS A 24 2.53 7.40 12.90
N GLU A 25 1.74 8.09 12.08
CA GLU A 25 0.70 7.43 11.30
C GLU A 25 0.54 8.09 9.94
N ILE A 26 -0.11 7.39 9.02
CA ILE A 26 -0.34 7.90 7.67
C ILE A 26 -1.52 7.20 7.01
N GLN A 27 -2.34 7.99 6.31
CA GLN A 27 -3.51 7.43 5.63
C GLN A 27 -3.22 7.22 4.15
N LEU A 28 -3.76 6.15 3.59
CA LEU A 28 -3.55 5.83 2.18
C LEU A 28 -4.87 5.46 1.51
N ARG A 29 -4.98 5.75 0.22
CA ARG A 29 -6.19 5.45 -0.54
C ARG A 29 -5.84 4.96 -1.95
N TRP A 30 -6.00 3.66 -2.17
CA TRP A 30 -5.70 3.08 -3.48
C TRP A 30 -6.95 2.48 -4.11
N GLY A 31 -6.78 1.82 -5.24
CA GLY A 31 -7.91 1.21 -5.93
C GLY A 31 -7.54 -0.09 -6.61
N PRO A 32 -8.53 -0.72 -7.25
CA PRO A 32 -8.32 -2.00 -7.96
C PRO A 32 -7.47 -1.83 -9.22
N PRO A 33 -6.53 -2.77 -9.42
CA PRO A 33 -5.63 -2.74 -10.58
C PRO A 33 -6.37 -3.07 -11.87
N LEU A 34 -5.68 -2.84 -13.00
CA LEU A 34 -6.27 -3.11 -14.31
C LEU A 34 -6.14 -4.58 -14.68
N VAL A 35 -5.01 -5.17 -14.31
CA VAL A 35 -4.75 -6.58 -14.60
C VAL A 35 -5.02 -7.45 -13.39
N ASP A 36 -6.18 -8.09 -13.37
CA ASP A 36 -6.57 -8.96 -12.27
C ASP A 36 -6.28 -10.42 -12.60
N GLY A 37 -5.39 -10.64 -13.56
CA GLY A 37 -5.04 -11.99 -13.96
C GLY A 37 -6.22 -12.76 -14.51
N GLY A 38 -7.21 -12.04 -15.02
CA GLY A 38 -8.40 -12.68 -15.57
C GLY A 38 -9.48 -12.89 -14.53
N SER A 39 -9.08 -13.06 -13.28
CA SER A 39 -10.03 -13.27 -12.19
C SER A 39 -10.21 -12.01 -11.36
N PRO A 40 -11.42 -11.82 -10.81
CA PRO A 40 -11.75 -10.66 -9.99
C PRO A 40 -11.03 -10.67 -8.65
N ILE A 41 -10.20 -9.66 -8.42
CA ILE A 41 -9.46 -9.56 -7.16
C ILE A 41 -10.27 -10.12 -6.00
N SER A 42 -9.56 -10.69 -5.03
CA SER A 42 -10.20 -11.27 -3.85
C SER A 42 -9.73 -10.59 -2.57
N CYS A 43 -8.58 -9.93 -2.66
CA CYS A 43 -8.02 -9.23 -1.50
C CYS A 43 -6.81 -8.39 -1.91
N TYR A 44 -6.33 -7.57 -0.99
CA TYR A 44 -5.18 -6.72 -1.25
C TYR A 44 -4.19 -6.76 -0.09
N SER A 45 -3.01 -6.18 -0.31
CA SER A 45 -1.98 -6.16 0.72
C SER A 45 -1.06 -4.95 0.55
N VAL A 46 -0.72 -4.31 1.66
CA VAL A 46 0.14 -3.14 1.63
C VAL A 46 1.44 -3.39 2.39
N GLU A 47 2.55 -3.44 1.66
CA GLU A 47 3.86 -3.69 2.25
C GLU A 47 4.65 -2.39 2.35
N MET A 48 4.64 -1.78 3.54
CA MET A 48 5.36 -0.53 3.76
C MET A 48 6.78 -0.80 4.24
N SER A 49 7.72 0.03 3.81
CA SER A 49 9.11 -0.12 4.18
C SER A 49 9.80 1.23 4.29
N PRO A 50 10.61 1.41 5.34
CA PRO A 50 11.36 2.65 5.58
C PRO A 50 12.46 2.88 4.56
N ILE A 51 12.26 3.86 3.68
CA ILE A 51 13.25 4.18 2.65
C ILE A 51 14.66 4.05 3.20
N GLU A 52 14.85 4.42 4.46
CA GLU A 52 16.15 4.34 5.10
C GLU A 52 16.70 2.92 5.06
N LYS A 53 15.84 1.95 5.37
CA LYS A 53 16.24 0.56 5.36
C LYS A 53 15.17 -0.31 4.71
N ASP A 54 15.60 -1.29 3.92
CA ASP A 54 14.68 -2.19 3.24
C ASP A 54 14.07 -3.19 4.21
N GLU A 55 13.12 -2.72 5.03
CA GLU A 55 12.47 -3.57 6.00
C GLU A 55 10.97 -3.62 5.75
N PRO A 56 10.57 -4.32 4.68
CA PRO A 56 9.16 -4.46 4.30
C PRO A 56 8.39 -5.35 5.28
N ARG A 57 7.16 -4.95 5.59
CA ARG A 57 6.33 -5.71 6.51
C ARG A 57 4.85 -5.47 6.22
N GLU A 58 4.03 -6.51 6.41
CA GLU A 58 2.60 -6.41 6.16
C GLU A 58 1.94 -5.50 7.19
N VAL A 59 1.63 -4.28 6.76
CA VAL A 59 0.98 -3.31 7.64
C VAL A 59 -0.53 -3.32 7.45
N TYR A 60 -0.98 -3.94 6.37
CA TYR A 60 -2.41 -4.01 6.07
C TYR A 60 -2.71 -5.18 5.14
N GLN A 61 -3.91 -5.72 5.26
CA GLN A 61 -4.32 -6.85 4.42
C GLN A 61 -5.81 -7.14 4.59
N GLY A 62 -6.59 -6.92 3.53
CA GLY A 62 -8.01 -7.17 3.59
C GLY A 62 -8.66 -7.15 2.21
N SER A 63 -9.82 -6.51 2.12
CA SER A 63 -10.54 -6.43 0.86
C SER A 63 -10.77 -4.97 0.45
N GLU A 64 -10.60 -4.06 1.40
CA GLU A 64 -10.78 -2.65 1.14
C GLU A 64 -9.59 -2.07 0.39
N VAL A 65 -9.73 -0.83 -0.06
CA VAL A 65 -8.67 -0.16 -0.81
C VAL A 65 -8.24 1.13 -0.11
N GLU A 66 -8.41 1.17 1.21
CA GLU A 66 -8.03 2.34 1.99
C GLU A 66 -7.84 1.98 3.46
N CYS A 67 -6.70 2.38 4.02
CA CYS A 67 -6.40 2.10 5.42
C CYS A 67 -5.51 3.19 6.00
N THR A 68 -5.10 3.00 7.25
CA THR A 68 -4.25 3.97 7.94
C THR A 68 -3.10 3.27 8.66
N VAL A 69 -1.87 3.58 8.26
CA VAL A 69 -0.69 2.99 8.86
C VAL A 69 -0.31 3.71 10.15
N SER A 70 0.35 3.00 11.05
CA SER A 70 0.78 3.58 12.33
C SER A 70 2.11 3.00 12.77
N SER A 71 2.57 3.43 13.94
CA SER A 71 3.84 2.96 14.48
C SER A 71 5.01 3.45 13.64
N LEU A 72 4.86 4.65 13.07
CA LEU A 72 5.90 5.24 12.23
C LEU A 72 6.60 6.37 12.96
N LEU A 73 7.67 6.88 12.36
CA LEU A 73 8.42 7.99 12.94
C LEU A 73 8.17 9.29 12.18
N PRO A 74 7.98 10.38 12.94
CA PRO A 74 7.72 11.70 12.36
C PRO A 74 8.94 12.28 11.66
N GLY A 75 8.71 13.15 10.68
CA GLY A 75 9.81 13.76 9.96
C GLY A 75 10.66 12.73 9.22
N LYS A 76 10.07 11.58 8.92
CA LYS A 76 10.78 10.51 8.22
C LYS A 76 9.96 10.02 7.04
N THR A 77 10.65 9.57 5.99
CA THR A 77 9.99 9.06 4.80
C THR A 77 9.88 7.55 4.84
N TYR A 78 8.89 7.01 4.12
CA TYR A 78 8.67 5.57 4.08
C TYR A 78 8.09 5.15 2.73
N SER A 79 8.68 4.12 2.14
CA SER A 79 8.23 3.61 0.85
C SER A 79 7.10 2.60 1.02
N PHE A 80 5.92 2.95 0.52
CA PHE A 80 4.76 2.06 0.61
C PHE A 80 4.52 1.34 -0.70
N ARG A 81 3.93 0.15 -0.62
CA ARG A 81 3.63 -0.65 -1.80
C ARG A 81 2.21 -1.20 -1.75
N LEU A 82 1.84 -1.98 -2.76
CA LEU A 82 0.51 -2.56 -2.83
C LEU A 82 0.51 -3.79 -3.74
N ARG A 83 -0.32 -4.77 -3.39
CA ARG A 83 -0.42 -6.00 -4.17
C ARG A 83 -1.79 -6.65 -4.02
N ALA A 84 -2.37 -7.08 -5.13
CA ALA A 84 -3.69 -7.71 -5.11
C ALA A 84 -3.57 -9.23 -5.24
N ALA A 85 -4.51 -9.94 -4.63
CA ALA A 85 -4.51 -11.40 -4.67
C ALA A 85 -5.85 -11.92 -5.18
N ASN A 86 -5.81 -13.05 -5.88
CA ASN A 86 -7.01 -13.66 -6.43
C ASN A 86 -7.00 -15.18 -6.24
N LYS A 87 -8.00 -15.85 -6.80
CA LYS A 87 -8.09 -17.30 -6.69
C LYS A 87 -6.74 -17.96 -6.97
N MET A 88 -5.90 -17.27 -7.74
CA MET A 88 -4.57 -17.78 -8.07
C MET A 88 -3.59 -17.54 -6.94
N GLY A 89 -3.39 -16.27 -6.61
CA GLY A 89 -2.47 -15.92 -5.54
C GLY A 89 -2.12 -14.45 -5.52
N PHE A 90 -1.06 -14.09 -4.80
CA PHE A 90 -0.62 -12.70 -4.71
C PHE A 90 0.33 -12.35 -5.83
N GLY A 91 0.10 -11.21 -6.47
CA GLY A 91 0.96 -10.77 -7.56
C GLY A 91 2.07 -9.85 -7.10
N PRO A 92 2.74 -9.21 -8.07
CA PRO A 92 3.84 -8.29 -7.78
C PRO A 92 3.36 -6.99 -7.14
N PHE A 93 4.17 -6.44 -6.24
CA PHE A 93 3.82 -5.21 -5.55
C PHE A 93 3.90 -4.01 -6.51
N SER A 94 3.26 -2.91 -6.12
CA SER A 94 3.26 -1.70 -6.94
C SER A 94 4.56 -0.93 -6.77
N GLU A 95 4.62 0.24 -7.39
CA GLU A 95 5.82 1.08 -7.32
C GLU A 95 5.99 1.66 -5.92
N LYS A 96 7.17 1.43 -5.33
CA LYS A 96 7.46 1.93 -4.00
C LYS A 96 7.23 3.43 -3.92
N CYS A 97 6.10 3.83 -3.36
CA CYS A 97 5.77 5.24 -3.22
C CYS A 97 6.21 5.78 -1.86
N ASP A 98 7.19 6.67 -1.87
CA ASP A 98 7.71 7.25 -0.63
C ASP A 98 6.73 8.29 -0.08
N ILE A 99 6.64 8.36 1.25
CA ILE A 99 5.75 9.31 1.90
C ILE A 99 6.37 9.86 3.17
N THR A 100 6.53 11.17 3.24
CA THR A 100 7.11 11.82 4.41
C THR A 100 6.05 12.16 5.44
N THR A 101 6.21 11.62 6.65
CA THR A 101 5.26 11.86 7.73
C THR A 101 5.32 13.31 8.20
N ALA A 102 4.50 13.63 9.20
CA ALA A 102 4.47 14.99 9.75
C ALA A 102 5.64 15.22 10.69
N PRO A 103 6.09 16.48 10.76
CA PRO A 103 7.21 16.88 11.62
C PRO A 103 6.86 16.81 13.10
N GLY A 104 5.64 16.38 13.40
CA GLY A 104 5.20 16.27 14.78
C GLY A 104 4.80 17.61 15.36
N SER A 105 3.53 17.96 15.20
CA SER A 105 3.02 19.23 15.71
C SER A 105 2.88 19.19 17.23
N GLY A 106 2.87 20.36 17.85
CA GLY A 106 2.75 20.45 19.29
C GLY A 106 1.58 21.29 19.72
N PRO A 107 1.85 22.54 20.11
CA PRO A 107 0.82 23.48 20.56
C PRO A 107 -0.09 23.93 19.43
N SER A 108 0.35 23.71 18.19
CA SER A 108 -0.42 24.09 17.02
C SER A 108 -1.64 23.18 16.85
N SER A 109 -2.79 23.80 16.60
CA SER A 109 -4.03 23.04 16.42
C SER A 109 -3.78 21.76 15.63
N GLY A 110 -4.09 20.63 16.25
CA GLY A 110 -3.89 19.35 15.60
C GLY A 110 -5.04 18.39 15.84
N GLY A 1 -10.12 -17.29 -25.69
CA GLY A 1 -10.20 -16.11 -26.53
C GLY A 1 -9.00 -15.20 -26.39
N SER A 2 -8.65 -14.87 -25.15
CA SER A 2 -7.51 -14.00 -24.89
C SER A 2 -6.37 -14.77 -24.26
N SER A 3 -6.69 -15.57 -23.25
CA SER A 3 -5.68 -16.37 -22.55
C SER A 3 -6.28 -17.69 -22.05
N GLY A 4 -5.53 -18.77 -22.21
CA GLY A 4 -5.99 -20.07 -21.78
C GLY A 4 -5.78 -20.30 -20.30
N SER A 5 -4.58 -20.03 -19.82
CA SER A 5 -4.24 -20.21 -18.41
C SER A 5 -4.28 -18.88 -17.67
N SER A 6 -4.77 -18.91 -16.44
CA SER A 6 -4.87 -17.71 -15.62
C SER A 6 -3.79 -17.69 -14.54
N GLY A 7 -3.75 -16.61 -13.77
CA GLY A 7 -2.75 -16.48 -12.72
C GLY A 7 -3.01 -15.29 -11.82
N PRO A 8 -1.95 -14.84 -11.12
CA PRO A 8 -2.04 -13.70 -10.21
C PRO A 8 -2.24 -12.38 -10.95
N PRO A 9 -2.74 -11.37 -10.23
CA PRO A 9 -2.99 -10.05 -10.80
C PRO A 9 -1.70 -9.30 -11.12
N GLY A 10 -1.75 -8.45 -12.14
CA GLY A 10 -0.57 -7.68 -12.53
C GLY A 10 -0.11 -6.73 -11.45
N PRO A 11 0.91 -5.93 -11.76
CA PRO A 11 1.47 -4.95 -10.82
C PRO A 11 0.51 -3.80 -10.54
N CYS A 12 0.00 -3.72 -9.32
CA CYS A 12 -0.91 -2.67 -8.94
C CYS A 12 -0.21 -1.31 -8.89
N LEU A 13 -0.98 -0.26 -8.65
CA LEU A 13 -0.42 1.09 -8.58
C LEU A 13 -0.16 1.49 -7.14
N PRO A 14 0.73 2.49 -6.96
CA PRO A 14 1.09 2.99 -5.62
C PRO A 14 -0.06 3.75 -4.96
N PRO A 15 -0.23 3.52 -3.65
CA PRO A 15 -1.28 4.17 -2.86
C PRO A 15 -1.03 5.66 -2.67
N ARG A 16 -2.03 6.47 -2.98
CA ARG A 16 -1.91 7.92 -2.84
C ARG A 16 -2.23 8.36 -1.41
N LEU A 17 -1.26 8.95 -0.75
CA LEU A 17 -1.44 9.42 0.63
C LEU A 17 -2.74 10.19 0.77
N GLN A 18 -3.58 9.75 1.70
CA GLN A 18 -4.87 10.40 1.94
C GLN A 18 -4.70 11.64 2.80
N GLY A 19 -5.53 12.64 2.55
CA GLY A 19 -5.46 13.88 3.32
C GLY A 19 -4.03 14.26 3.67
N ARG A 20 -3.74 14.29 4.96
CA ARG A 20 -2.40 14.64 5.43
C ARG A 20 -1.84 13.54 6.33
N PRO A 21 -0.52 13.29 6.21
CA PRO A 21 0.16 12.27 7.01
C PRO A 21 0.28 12.66 8.48
N LYS A 22 0.44 11.66 9.34
CA LYS A 22 0.57 11.90 10.77
C LYS A 22 2.00 11.69 11.23
N ALA A 23 2.28 12.04 12.48
CA ALA A 23 3.60 11.90 13.05
C ALA A 23 4.05 10.44 13.03
N LYS A 24 3.26 9.57 13.62
CA LYS A 24 3.57 8.14 13.67
C LYS A 24 2.53 7.32 12.91
N GLU A 25 1.76 8.00 12.06
CA GLU A 25 0.73 7.34 11.28
C GLU A 25 0.57 7.99 9.91
N ILE A 26 -0.09 7.30 9.00
CA ILE A 26 -0.30 7.81 7.64
C ILE A 26 -1.47 7.12 6.97
N GLN A 27 -2.34 7.91 6.35
CA GLN A 27 -3.52 7.38 5.66
C GLN A 27 -3.25 7.20 4.18
N LEU A 28 -3.77 6.12 3.61
CA LEU A 28 -3.59 5.83 2.19
C LEU A 28 -4.93 5.51 1.52
N ARG A 29 -4.98 5.72 0.21
CA ARG A 29 -6.20 5.46 -0.55
C ARG A 29 -5.86 4.99 -1.97
N TRP A 30 -6.02 3.71 -2.22
CA TRP A 30 -5.74 3.14 -3.54
C TRP A 30 -6.99 2.54 -4.16
N GLY A 31 -6.84 1.94 -5.33
CA GLY A 31 -7.97 1.34 -6.01
C GLY A 31 -7.62 0.02 -6.67
N PRO A 32 -8.63 -0.64 -7.26
CA PRO A 32 -8.45 -1.93 -7.94
C PRO A 32 -7.64 -1.80 -9.22
N PRO A 33 -6.75 -2.77 -9.47
CA PRO A 33 -5.90 -2.78 -10.67
C PRO A 33 -6.70 -3.06 -11.94
N LEU A 34 -6.01 -3.06 -13.08
CA LEU A 34 -6.66 -3.31 -14.36
C LEU A 34 -6.50 -4.77 -14.78
N VAL A 35 -5.40 -5.38 -14.35
CA VAL A 35 -5.13 -6.78 -14.68
C VAL A 35 -5.28 -7.67 -13.45
N ASP A 36 -6.47 -8.24 -13.28
CA ASP A 36 -6.73 -9.11 -12.13
C ASP A 36 -6.51 -10.58 -12.51
N GLY A 37 -5.75 -10.81 -13.57
CA GLY A 37 -5.48 -12.16 -14.01
C GLY A 37 -6.74 -12.88 -14.47
N GLY A 38 -7.80 -12.12 -14.70
CA GLY A 38 -9.05 -12.71 -15.13
C GLY A 38 -10.02 -12.94 -13.98
N SER A 39 -9.47 -13.07 -12.78
CA SER A 39 -10.29 -13.30 -11.60
C SER A 39 -10.49 -12.01 -10.80
N PRO A 40 -11.68 -11.85 -10.22
CA PRO A 40 -12.03 -10.66 -9.43
C PRO A 40 -11.26 -10.60 -8.11
N ILE A 41 -10.42 -9.59 -7.96
CA ILE A 41 -9.63 -9.42 -6.74
C ILE A 41 -10.42 -9.87 -5.52
N SER A 42 -9.75 -10.59 -4.62
CA SER A 42 -10.38 -11.08 -3.40
C SER A 42 -9.92 -10.28 -2.19
N CYS A 43 -8.62 -10.00 -2.12
CA CYS A 43 -8.06 -9.24 -1.02
C CYS A 43 -6.73 -8.59 -1.43
N TYR A 44 -6.43 -7.45 -0.81
CA TYR A 44 -5.20 -6.73 -1.10
C TYR A 44 -4.22 -6.80 0.07
N SER A 45 -3.04 -6.24 -0.12
CA SER A 45 -2.01 -6.25 0.91
C SER A 45 -1.00 -5.13 0.70
N VAL A 46 -0.79 -4.32 1.72
CA VAL A 46 0.14 -3.21 1.64
C VAL A 46 1.43 -3.52 2.40
N GLU A 47 2.56 -3.36 1.71
CA GLU A 47 3.86 -3.63 2.31
C GLU A 47 4.67 -2.35 2.44
N MET A 48 4.64 -1.75 3.63
CA MET A 48 5.38 -0.51 3.88
C MET A 48 6.81 -0.81 4.32
N SER A 49 7.74 0.05 3.92
CA SER A 49 9.14 -0.12 4.28
C SER A 49 9.84 1.22 4.40
N PRO A 50 10.62 1.39 5.48
CA PRO A 50 11.36 2.62 5.73
C PRO A 50 12.51 2.83 4.75
N ILE A 51 12.33 3.76 3.82
CA ILE A 51 13.35 4.06 2.83
C ILE A 51 14.75 3.96 3.42
N GLU A 52 14.88 4.40 4.67
CA GLU A 52 16.17 4.36 5.36
C GLU A 52 16.74 2.96 5.35
N LYS A 53 15.92 1.98 5.67
CA LYS A 53 16.34 0.58 5.70
C LYS A 53 15.29 -0.32 5.07
N ASP A 54 15.74 -1.33 4.32
CA ASP A 54 14.84 -2.26 3.66
C ASP A 54 14.20 -3.20 4.67
N GLU A 55 13.07 -2.77 5.24
CA GLU A 55 12.37 -3.58 6.22
C GLU A 55 10.87 -3.66 5.89
N PRO A 56 10.55 -4.30 4.76
CA PRO A 56 9.17 -4.45 4.30
C PRO A 56 8.38 -5.41 5.19
N ARG A 57 7.10 -5.10 5.40
CA ARG A 57 6.24 -5.93 6.23
C ARG A 57 4.77 -5.66 5.92
N GLU A 58 3.91 -6.64 6.21
CA GLU A 58 2.49 -6.50 5.98
C GLU A 58 1.84 -5.55 6.99
N VAL A 59 1.59 -4.32 6.58
CA VAL A 59 0.98 -3.32 7.44
C VAL A 59 -0.53 -3.28 7.25
N TYR A 60 -1.01 -3.99 6.23
CA TYR A 60 -2.44 -4.01 5.94
C TYR A 60 -2.78 -5.20 5.04
N GLN A 61 -4.02 -5.67 5.14
CA GLN A 61 -4.48 -6.80 4.34
C GLN A 61 -5.98 -7.04 4.54
N GLY A 62 -6.76 -6.71 3.52
CA GLY A 62 -8.20 -6.89 3.59
C GLY A 62 -8.85 -6.92 2.23
N SER A 63 -10.08 -6.41 2.15
CA SER A 63 -10.82 -6.40 0.90
C SER A 63 -11.01 -4.96 0.39
N GLU A 64 -10.79 -4.00 1.28
CA GLU A 64 -10.93 -2.59 0.94
C GLU A 64 -9.69 -2.09 0.21
N VAL A 65 -9.75 -0.84 -0.25
CA VAL A 65 -8.64 -0.22 -0.96
C VAL A 65 -8.11 0.99 -0.22
N GLU A 66 -8.48 1.10 1.06
CA GLU A 66 -8.04 2.22 1.88
C GLU A 66 -7.83 1.78 3.32
N CYS A 67 -6.82 2.35 3.97
CA CYS A 67 -6.50 2.01 5.35
C CYS A 67 -5.60 3.08 5.98
N THR A 68 -5.23 2.86 7.23
CA THR A 68 -4.37 3.80 7.95
C THR A 68 -3.23 3.08 8.64
N VAL A 69 -2.00 3.51 8.33
CA VAL A 69 -0.81 2.91 8.92
C VAL A 69 -0.42 3.61 10.21
N SER A 70 0.37 2.93 11.04
CA SER A 70 0.81 3.50 12.31
C SER A 70 2.15 2.92 12.73
N SER A 71 2.62 3.31 13.90
CA SER A 71 3.90 2.82 14.41
C SER A 71 5.05 3.29 13.53
N LEU A 72 4.97 4.54 13.08
CA LEU A 72 6.02 5.11 12.22
C LEU A 72 6.72 6.27 12.92
N LEU A 73 7.81 6.73 12.33
CA LEU A 73 8.57 7.84 12.89
C LEU A 73 8.27 9.14 12.14
N PRO A 74 8.07 10.22 12.91
CA PRO A 74 7.77 11.55 12.34
C PRO A 74 8.98 12.15 11.63
N GLY A 75 8.71 13.05 10.69
CA GLY A 75 9.79 13.69 9.96
C GLY A 75 10.66 12.70 9.22
N LYS A 76 10.10 11.52 8.92
CA LYS A 76 10.84 10.49 8.22
C LYS A 76 10.03 9.95 7.05
N THR A 77 10.71 9.62 5.96
CA THR A 77 10.06 9.08 4.77
C THR A 77 9.89 7.57 4.86
N TYR A 78 8.92 7.04 4.11
CA TYR A 78 8.66 5.61 4.11
C TYR A 78 8.13 5.15 2.74
N SER A 79 8.75 4.10 2.21
CA SER A 79 8.34 3.57 0.92
C SER A 79 7.21 2.56 1.07
N PHE A 80 6.04 2.92 0.56
CA PHE A 80 4.86 2.06 0.64
C PHE A 80 4.65 1.32 -0.68
N ARG A 81 3.94 0.19 -0.61
CA ARG A 81 3.66 -0.60 -1.79
C ARG A 81 2.23 -1.13 -1.77
N LEU A 82 1.84 -1.85 -2.82
CA LEU A 82 0.51 -2.41 -2.92
C LEU A 82 0.51 -3.67 -3.77
N ARG A 83 -0.25 -4.68 -3.34
CA ARG A 83 -0.34 -5.93 -4.07
C ARG A 83 -1.71 -6.57 -3.88
N ALA A 84 -2.28 -7.07 -4.98
CA ALA A 84 -3.59 -7.71 -4.94
C ALA A 84 -3.46 -9.23 -5.06
N ALA A 85 -4.50 -9.94 -4.63
CA ALA A 85 -4.51 -11.40 -4.69
C ALA A 85 -5.82 -11.91 -5.25
N ASN A 86 -5.80 -13.14 -5.78
CA ASN A 86 -7.00 -13.75 -6.35
C ASN A 86 -6.97 -15.26 -6.19
N LYS A 87 -8.01 -15.93 -6.67
CA LYS A 87 -8.10 -17.38 -6.58
C LYS A 87 -6.73 -18.03 -6.75
N MET A 88 -5.87 -17.39 -7.55
CA MET A 88 -4.53 -17.90 -7.79
C MET A 88 -3.60 -17.56 -6.62
N GLY A 89 -3.41 -16.27 -6.39
CA GLY A 89 -2.54 -15.84 -5.31
C GLY A 89 -2.18 -14.37 -5.40
N PHE A 90 -1.34 -13.91 -4.47
CA PHE A 90 -0.92 -12.52 -4.46
C PHE A 90 0.08 -12.24 -5.58
N GLY A 91 -0.10 -11.11 -6.27
CA GLY A 91 0.79 -10.75 -7.35
C GLY A 91 1.92 -9.85 -6.89
N PRO A 92 2.60 -9.22 -7.86
CA PRO A 92 3.72 -8.31 -7.57
C PRO A 92 3.26 -7.02 -6.91
N PHE A 93 4.19 -6.36 -6.22
CA PHE A 93 3.88 -5.11 -5.54
C PHE A 93 3.97 -3.93 -6.50
N SER A 94 3.28 -2.84 -6.16
CA SER A 94 3.28 -1.65 -7.00
C SER A 94 4.56 -0.84 -6.81
N GLU A 95 4.62 0.32 -7.44
CA GLU A 95 5.79 1.19 -7.33
C GLU A 95 5.92 1.76 -5.93
N LYS A 96 7.15 1.81 -5.43
CA LYS A 96 7.41 2.34 -4.09
C LYS A 96 7.18 3.84 -4.04
N CYS A 97 6.16 4.25 -3.30
CA CYS A 97 5.83 5.67 -3.17
C CYS A 97 6.35 6.23 -1.85
N ASP A 98 7.38 7.07 -1.95
CA ASP A 98 7.97 7.68 -0.77
C ASP A 98 7.03 8.72 -0.15
N ILE A 99 6.69 8.51 1.11
CA ILE A 99 5.79 9.43 1.82
C ILE A 99 6.44 9.94 3.10
N THR A 100 6.53 11.26 3.23
CA THR A 100 7.12 11.88 4.40
C THR A 100 6.06 12.17 5.46
N THR A 101 6.25 11.60 6.65
CA THR A 101 5.31 11.80 7.74
C THR A 101 5.37 13.24 8.27
N ALA A 102 4.50 13.55 9.22
CA ALA A 102 4.46 14.88 9.81
C ALA A 102 5.65 15.11 10.73
N PRO A 103 6.07 16.39 10.83
CA PRO A 103 7.21 16.77 11.68
C PRO A 103 6.90 16.64 13.17
N GLY A 104 5.70 16.14 13.48
CA GLY A 104 5.31 15.97 14.86
C GLY A 104 4.59 17.19 15.41
N SER A 105 3.51 16.96 16.14
CA SER A 105 2.73 18.05 16.71
C SER A 105 2.47 17.80 18.20
N GLY A 106 2.09 16.57 18.53
CA GLY A 106 1.82 16.22 19.91
C GLY A 106 1.66 14.73 20.12
N PRO A 107 0.97 14.35 21.20
CA PRO A 107 0.73 12.94 21.53
C PRO A 107 -0.22 12.27 20.55
N SER A 108 0.12 11.05 20.14
CA SER A 108 -0.70 10.30 19.21
C SER A 108 -1.04 8.92 19.75
N SER A 109 -2.33 8.63 19.86
CA SER A 109 -2.79 7.34 20.38
C SER A 109 -3.24 6.42 19.24
N GLY A 110 -3.48 5.16 19.57
CA GLY A 110 -3.91 4.20 18.56
C GLY A 110 -5.33 3.73 18.80
N GLY A 1 -4.35 -22.50 -30.35
CA GLY A 1 -3.19 -22.10 -29.58
C GLY A 1 -3.29 -20.67 -29.10
N SER A 2 -4.31 -20.38 -28.30
CA SER A 2 -4.51 -19.03 -27.77
C SER A 2 -4.22 -18.99 -26.28
N SER A 3 -3.72 -17.84 -25.81
CA SER A 3 -3.39 -17.66 -24.41
C SER A 3 -4.65 -17.45 -23.57
N GLY A 4 -5.22 -18.54 -23.06
CA GLY A 4 -6.42 -18.45 -22.26
C GLY A 4 -6.27 -19.13 -20.91
N SER A 5 -5.38 -18.60 -20.08
CA SER A 5 -5.14 -19.16 -18.76
C SER A 5 -5.11 -18.07 -17.70
N SER A 6 -6.03 -18.15 -16.75
CA SER A 6 -6.11 -17.16 -15.67
C SER A 6 -4.85 -17.17 -14.83
N GLY A 7 -4.64 -16.10 -14.06
CA GLY A 7 -3.47 -16.01 -13.21
C GLY A 7 -3.53 -14.83 -12.26
N PRO A 8 -2.39 -14.54 -11.62
CA PRO A 8 -2.30 -13.42 -10.67
C PRO A 8 -2.39 -12.06 -11.34
N PRO A 9 -2.87 -11.05 -10.59
CA PRO A 9 -3.02 -9.69 -11.11
C PRO A 9 -1.68 -9.01 -11.35
N GLY A 10 -1.64 -8.12 -12.35
CA GLY A 10 -0.42 -7.41 -12.67
C GLY A 10 0.01 -6.47 -11.57
N PRO A 11 1.01 -5.64 -11.85
CA PRO A 11 1.54 -4.65 -10.89
C PRO A 11 0.55 -3.53 -10.62
N CYS A 12 0.00 -3.50 -9.42
CA CYS A 12 -0.96 -2.48 -9.03
C CYS A 12 -0.27 -1.11 -8.91
N LEU A 13 -1.08 -0.07 -8.79
CA LEU A 13 -0.55 1.29 -8.66
C LEU A 13 -0.26 1.63 -7.21
N PRO A 14 0.61 2.63 -6.99
CA PRO A 14 0.99 3.07 -5.65
C PRO A 14 -0.14 3.79 -4.93
N PRO A 15 -0.26 3.55 -3.62
CA PRO A 15 -1.30 4.15 -2.79
C PRO A 15 -1.08 5.66 -2.59
N ARG A 16 -2.10 6.44 -2.89
CA ARG A 16 -2.03 7.89 -2.75
C ARG A 16 -2.34 8.32 -1.32
N LEU A 17 -1.38 9.00 -0.69
CA LEU A 17 -1.55 9.46 0.68
C LEU A 17 -2.88 10.16 0.86
N GLN A 18 -3.72 9.64 1.75
CA GLN A 18 -5.03 10.21 2.01
C GLN A 18 -4.90 11.48 2.85
N GLY A 19 -5.76 12.46 2.57
CA GLY A 19 -5.73 13.71 3.31
C GLY A 19 -4.32 14.13 3.68
N ARG A 20 -4.06 14.25 4.98
CA ARG A 20 -2.75 14.65 5.46
C ARG A 20 -2.16 13.59 6.38
N PRO A 21 -0.84 13.38 6.26
CA PRO A 21 -0.13 12.38 7.08
C PRO A 21 -0.03 12.79 8.55
N LYS A 22 0.51 11.90 9.37
CA LYS A 22 0.65 12.17 10.80
C LYS A 22 2.09 11.96 11.24
N ALA A 23 2.34 12.13 12.53
CA ALA A 23 3.67 11.96 13.09
C ALA A 23 4.11 10.50 13.03
N LYS A 24 3.29 9.62 13.59
CA LYS A 24 3.59 8.19 13.60
C LYS A 24 2.51 7.41 12.87
N GLU A 25 1.71 8.10 12.07
CA GLU A 25 0.64 7.47 11.32
C GLU A 25 0.49 8.10 9.93
N ILE A 26 -0.08 7.36 9.00
CA ILE A 26 -0.28 7.85 7.64
C ILE A 26 -1.46 7.15 6.97
N GLN A 27 -2.33 7.93 6.34
CA GLN A 27 -3.50 7.40 5.66
C GLN A 27 -3.22 7.20 4.17
N LEU A 28 -3.79 6.15 3.60
CA LEU A 28 -3.61 5.85 2.18
C LEU A 28 -4.94 5.54 1.52
N ARG A 29 -4.99 5.70 0.20
CA ARG A 29 -6.20 5.43 -0.56
C ARG A 29 -5.87 4.96 -1.98
N TRP A 30 -6.04 3.66 -2.21
CA TRP A 30 -5.76 3.09 -3.52
C TRP A 30 -7.02 2.50 -4.14
N GLY A 31 -6.87 1.85 -5.29
CA GLY A 31 -8.00 1.25 -5.96
C GLY A 31 -7.65 -0.05 -6.67
N PRO A 32 -8.65 -0.67 -7.29
CA PRO A 32 -8.47 -1.94 -8.01
C PRO A 32 -7.64 -1.77 -9.28
N PRO A 33 -6.72 -2.70 -9.53
CA PRO A 33 -5.85 -2.69 -10.71
C PRO A 33 -6.62 -2.95 -12.00
N LEU A 34 -5.99 -2.68 -13.13
CA LEU A 34 -6.61 -2.89 -14.44
C LEU A 34 -6.48 -4.36 -14.86
N VAL A 35 -5.33 -4.94 -14.57
CA VAL A 35 -5.07 -6.34 -14.93
C VAL A 35 -5.24 -7.25 -13.72
N ASP A 36 -6.44 -7.79 -13.55
CA ASP A 36 -6.74 -8.68 -12.44
C ASP A 36 -6.41 -10.13 -12.79
N GLY A 37 -5.64 -10.30 -13.86
CA GLY A 37 -5.26 -11.63 -14.29
C GLY A 37 -6.45 -12.44 -14.79
N GLY A 38 -7.53 -11.75 -15.12
CA GLY A 38 -8.73 -12.42 -15.60
C GLY A 38 -9.66 -12.84 -14.49
N SER A 39 -9.17 -12.76 -13.25
CA SER A 39 -9.96 -13.14 -12.09
C SER A 39 -10.27 -11.92 -11.21
N PRO A 40 -11.47 -11.90 -10.62
CA PRO A 40 -11.90 -10.81 -9.75
C PRO A 40 -11.14 -10.77 -8.44
N ILE A 41 -10.41 -9.68 -8.21
CA ILE A 41 -9.63 -9.52 -6.99
C ILE A 41 -10.40 -10.05 -5.78
N SER A 42 -9.66 -10.60 -4.82
CA SER A 42 -10.27 -11.15 -3.61
C SER A 42 -9.81 -10.37 -2.38
N CYS A 43 -8.51 -10.12 -2.29
CA CYS A 43 -7.96 -9.37 -1.16
C CYS A 43 -6.70 -8.61 -1.57
N TYR A 44 -6.39 -7.55 -0.83
CA TYR A 44 -5.23 -6.73 -1.12
C TYR A 44 -4.23 -6.76 0.03
N SER A 45 -3.00 -6.32 -0.24
CA SER A 45 -1.96 -6.31 0.77
C SER A 45 -1.03 -5.12 0.57
N VAL A 46 -0.81 -4.36 1.65
CA VAL A 46 0.06 -3.19 1.60
C VAL A 46 1.36 -3.44 2.37
N GLU A 47 2.47 -3.40 1.65
CA GLU A 47 3.79 -3.62 2.27
C GLU A 47 4.57 -2.31 2.36
N MET A 48 4.70 -1.79 3.57
CA MET A 48 5.43 -0.55 3.80
C MET A 48 6.84 -0.82 4.27
N SER A 49 7.78 0.02 3.86
CA SER A 49 9.17 -0.13 4.24
C SER A 49 9.86 1.23 4.37
N PRO A 50 10.61 1.41 5.47
CA PRO A 50 11.33 2.66 5.74
C PRO A 50 12.50 2.88 4.78
N ILE A 51 12.32 3.76 3.82
CA ILE A 51 13.36 4.06 2.84
C ILE A 51 14.75 4.02 3.49
N GLU A 52 14.83 4.52 4.72
CA GLU A 52 16.10 4.55 5.44
C GLU A 52 16.73 3.16 5.47
N LYS A 53 15.93 2.15 5.78
CA LYS A 53 16.40 0.78 5.85
C LYS A 53 15.39 -0.18 5.24
N ASP A 54 15.89 -1.19 4.53
CA ASP A 54 15.03 -2.18 3.90
C ASP A 54 14.38 -3.09 4.94
N GLU A 55 13.21 -2.67 5.43
CA GLU A 55 12.50 -3.45 6.43
C GLU A 55 11.01 -3.55 6.08
N PRO A 56 10.71 -4.24 4.95
CA PRO A 56 9.35 -4.42 4.48
C PRO A 56 8.55 -5.36 5.38
N ARG A 57 7.24 -5.11 5.48
CA ARG A 57 6.37 -5.94 6.30
C ARG A 57 4.90 -5.65 6.00
N GLU A 58 4.03 -6.57 6.38
CA GLU A 58 2.60 -6.41 6.15
C GLU A 58 1.97 -5.49 7.19
N VAL A 59 1.59 -4.29 6.76
CA VAL A 59 0.99 -3.31 7.66
C VAL A 59 -0.53 -3.27 7.47
N TYR A 60 -1.01 -3.88 6.40
CA TYR A 60 -2.43 -3.91 6.11
C TYR A 60 -2.77 -5.04 5.13
N GLN A 61 -3.99 -5.56 5.24
CA GLN A 61 -4.43 -6.64 4.36
C GLN A 61 -5.91 -6.94 4.56
N GLY A 62 -6.70 -6.79 3.50
CA GLY A 62 -8.12 -7.05 3.59
C GLY A 62 -8.79 -7.05 2.23
N SER A 63 -9.97 -6.44 2.16
CA SER A 63 -10.72 -6.38 0.91
C SER A 63 -10.94 -4.93 0.47
N GLU A 64 -10.74 -4.02 1.40
CA GLU A 64 -10.92 -2.59 1.11
C GLU A 64 -9.70 -2.03 0.36
N VAL A 65 -9.83 -0.81 -0.13
CA VAL A 65 -8.75 -0.17 -0.87
C VAL A 65 -8.28 1.09 -0.15
N GLU A 66 -8.50 1.15 1.16
CA GLU A 66 -8.09 2.30 1.96
C GLU A 66 -7.89 1.90 3.42
N CYS A 67 -6.77 2.30 3.99
CA CYS A 67 -6.46 1.99 5.37
C CYS A 67 -5.58 3.07 6.00
N THR A 68 -5.22 2.88 7.26
CA THR A 68 -4.39 3.85 7.96
C THR A 68 -3.22 3.16 8.67
N VAL A 69 -2.01 3.55 8.28
CA VAL A 69 -0.80 2.97 8.87
C VAL A 69 -0.40 3.71 10.15
N SER A 70 0.31 3.01 11.03
CA SER A 70 0.75 3.60 12.29
C SER A 70 2.06 2.95 12.76
N SER A 71 2.55 3.41 13.90
CA SER A 71 3.79 2.89 14.46
C SER A 71 4.99 3.31 13.62
N LEU A 72 4.94 4.54 13.11
CA LEU A 72 6.03 5.06 12.28
C LEU A 72 6.74 6.20 13.00
N LEU A 73 7.74 6.78 12.33
CA LEU A 73 8.50 7.88 12.90
C LEU A 73 8.23 9.18 12.17
N PRO A 74 8.06 10.27 12.93
CA PRO A 74 7.79 11.60 12.37
C PRO A 74 8.99 12.18 11.64
N GLY A 75 8.72 13.04 10.66
CA GLY A 75 9.80 13.65 9.90
C GLY A 75 10.67 12.62 9.18
N LYS A 76 10.08 11.47 8.89
CA LYS A 76 10.80 10.40 8.20
C LYS A 76 9.99 9.85 7.04
N THR A 77 10.66 9.55 5.93
CA THR A 77 10.01 9.02 4.75
C THR A 77 9.85 7.51 4.85
N TYR A 78 8.90 6.96 4.09
CA TYR A 78 8.65 5.53 4.08
C TYR A 78 8.13 5.08 2.73
N SER A 79 8.76 4.05 2.16
CA SER A 79 8.36 3.52 0.87
C SER A 79 7.23 2.52 1.02
N PHE A 80 6.05 2.89 0.53
CA PHE A 80 4.87 2.03 0.62
C PHE A 80 4.64 1.31 -0.71
N ARG A 81 3.94 0.18 -0.64
CA ARG A 81 3.63 -0.61 -1.84
C ARG A 81 2.24 -1.19 -1.76
N LEU A 82 1.82 -1.87 -2.83
CA LEU A 82 0.50 -2.48 -2.89
C LEU A 82 0.51 -3.69 -3.82
N ARG A 83 -0.28 -4.71 -3.45
CA ARG A 83 -0.36 -5.93 -4.25
C ARG A 83 -1.74 -6.57 -4.09
N ALA A 84 -2.32 -6.97 -5.21
CA ALA A 84 -3.64 -7.61 -5.20
C ALA A 84 -3.52 -9.12 -5.29
N ALA A 85 -4.49 -9.82 -4.71
CA ALA A 85 -4.48 -11.29 -4.73
C ALA A 85 -5.84 -11.83 -5.14
N ASN A 86 -5.84 -12.84 -6.01
CA ASN A 86 -7.06 -13.45 -6.49
C ASN A 86 -7.04 -14.96 -6.28
N LYS A 87 -8.11 -15.63 -6.69
CA LYS A 87 -8.21 -17.08 -6.56
C LYS A 87 -6.91 -17.76 -6.97
N MET A 88 -6.12 -17.07 -7.78
CA MET A 88 -4.85 -17.60 -8.24
C MET A 88 -3.76 -17.43 -7.18
N GLY A 89 -3.52 -16.18 -6.79
CA GLY A 89 -2.50 -15.90 -5.79
C GLY A 89 -2.18 -14.42 -5.68
N PHE A 90 -1.02 -14.12 -5.10
CA PHE A 90 -0.60 -12.73 -4.94
C PHE A 90 0.31 -12.29 -6.08
N GLY A 91 0.06 -11.10 -6.62
CA GLY A 91 0.87 -10.59 -7.71
C GLY A 91 1.98 -9.69 -7.23
N PRO A 92 2.65 -9.03 -8.19
CA PRO A 92 3.76 -8.11 -7.88
C PRO A 92 3.28 -6.83 -7.20
N PHE A 93 4.12 -6.28 -6.33
CA PHE A 93 3.78 -5.06 -5.61
C PHE A 93 3.82 -3.85 -6.54
N SER A 94 3.18 -2.77 -6.12
CA SER A 94 3.13 -1.56 -6.92
C SER A 94 4.41 -0.75 -6.75
N GLU A 95 4.44 0.45 -7.35
CA GLU A 95 5.61 1.31 -7.27
C GLU A 95 5.81 1.80 -5.83
N LYS A 96 7.04 1.68 -5.34
CA LYS A 96 7.36 2.12 -3.98
C LYS A 96 7.22 3.64 -3.85
N CYS A 97 6.10 4.07 -3.31
CA CYS A 97 5.85 5.50 -3.12
C CYS A 97 6.43 5.99 -1.80
N ASP A 98 7.32 6.96 -1.88
CA ASP A 98 7.95 7.52 -0.69
C ASP A 98 7.09 8.62 -0.08
N ILE A 99 6.62 8.39 1.14
CA ILE A 99 5.78 9.37 1.83
C ILE A 99 6.46 9.87 3.09
N THR A 100 6.56 11.20 3.22
CA THR A 100 7.19 11.81 4.37
C THR A 100 6.15 12.18 5.43
N THR A 101 6.27 11.58 6.61
CA THR A 101 5.34 11.83 7.70
C THR A 101 5.44 13.29 8.16
N ALA A 102 4.64 13.63 9.18
CA ALA A 102 4.64 14.98 9.72
C ALA A 102 5.83 15.21 10.63
N PRO A 103 6.28 16.47 10.72
CA PRO A 103 7.42 16.85 11.57
C PRO A 103 7.10 16.74 13.05
N GLY A 104 5.90 16.28 13.37
CA GLY A 104 5.50 16.14 14.76
C GLY A 104 5.31 17.48 15.44
N SER A 105 4.52 18.35 14.83
CA SER A 105 4.26 19.67 15.39
C SER A 105 2.80 20.06 15.21
N GLY A 106 2.38 21.11 15.92
CA GLY A 106 1.00 21.56 15.83
C GLY A 106 0.87 23.06 16.03
N PRO A 107 0.98 23.82 14.94
CA PRO A 107 0.87 25.28 14.98
C PRO A 107 -0.55 25.76 15.29
N SER A 108 -0.74 26.27 16.51
CA SER A 108 -2.04 26.76 16.93
C SER A 108 -2.05 28.27 17.04
N SER A 109 -1.48 28.93 16.03
CA SER A 109 -1.42 30.38 16.01
C SER A 109 -2.50 30.97 15.10
N GLY A 110 -3.27 31.91 15.63
CA GLY A 110 -4.33 32.53 14.86
C GLY A 110 -4.57 33.98 15.26
#